data_5VM9
#
_entry.id   5VM9
#
_cell.length_a   68.414
_cell.length_b   68.414
_cell.length_c   408.802
_cell.angle_alpha   90.00
_cell.angle_beta   90.00
_cell.angle_gamma   90.00
#
_symmetry.space_group_name_H-M   'P 43'
#
loop_
_entity.id
_entity.type
_entity.pdbx_description
1 polymer 'Protein argonaute-3'
2 polymer "RNA (5'-R(P*AP*AP*AP*AP*AP*AP*AP*AP*AP*AP*AP*UP*U)-3')"
3 polymer "RNA (5'-R(P*AP*AP*AP*AP*AP*AP*AP*AP*AP*AP*AP*AP*AP*UP*U)-3')"
#
loop_
_entity_poly.entity_id
_entity_poly.type
_entity_poly.pdbx_seq_one_letter_code
_entity_poly.pdbx_strand_id
1 'polypeptide(L)'
;GSMEIGSAGPAGAQPLLMVPRRPGYGTMGKPIKLLANCFQVEIPKIDVYLYEVDIKPDKCPRRVNREVVDSMVQHFKVTI
FGDRRPVYDGKRSLYTANPLPVATTGVDLDVTLPGEGGKDRPFKVSIKFVSRVSWHLLHEVLTGRTLPEPLELDKPISTN
PVHAVDVVLRHLPSMKYTPVGRSFFSAPEGYDHPLGGGREVWFGFHQSVRPAMWKMMLNIDVSATAFYKAQPVIQFMCEV
LDIHNIDEQPRPLTDSHRVKFTKEIKGLKVEVTHCGTMRRKYRVCNVTRRPASHQTFPLQLENGQTVERTVAQYFREKYT
LQLKYPHLPCLQVGQEQKHTYLPLEVCNIVAGQRCIKKLTDNQTSTMIKATARSAPDRQEEISRLVRSANYETDPFVQEF
QFKVRDEMAHVTGRVLPAPMLQYGGRNRTVATPSHGVWDMRGKQFHTGVEIKMWAIACFATQRQCREEILKGFTDQLRKI
SKDAGMPIQGQPCFCKYAQGADSVEPMFRHLKNTYSGLQLIIVILPGKTPVYAEVKRVGDTLLGMATQCVQVKNVIKTSP
QTLSNLCLKINVKLGGINNILVPHQRPSVFQQPVIFLGADVTHPPAGDGKKPSIAAVVGSMDAHPSRYCATVRVQRPRQE
IIQDLASMVRELLIQFYKSTRFKPTRIIFYRDGVSEGQFRQVLYYELLAIREACISLEKDYQPGITYIVVQKRHHTRLFC
ADRTERVGRSGNIPAGTTVDTDITHPYEFDFYLCSHAGIQGTSRPSHYHVLWDDNCFTADELQLLTYQLCHTYVRCTRSV
SIPAPAYYAHLVAFRARYHLVDKEHDSAEGSHVSGQSNGRDPQALAKAVQIHQDTLRTMYFA
;
A,C
2 'polyribonucleotide' AAAAAAAAAAAUU B
3 'polyribonucleotide' AAAAAAAAAAAAAUU D
#
# COMPACT_ATOMS: atom_id res chain seq x y z
N MET A 18 10.89 -37.64 31.18
CA MET A 18 11.11 -36.36 30.51
C MET A 18 10.39 -36.35 29.18
N VAL A 19 10.65 -35.33 28.36
CA VAL A 19 10.01 -35.19 27.06
C VAL A 19 10.34 -36.42 26.22
N PRO A 20 9.34 -37.26 25.88
CA PRO A 20 9.63 -38.46 25.08
C PRO A 20 10.12 -38.08 23.70
N ARG A 21 11.22 -38.70 23.28
CA ARG A 21 11.78 -38.50 21.96
C ARG A 21 10.80 -38.97 20.88
N ARG A 22 11.15 -38.77 19.63
CA ARG A 22 10.23 -39.11 18.57
C ARG A 22 10.17 -40.62 18.40
N PRO A 23 8.97 -41.22 18.41
CA PRO A 23 8.86 -42.66 18.20
C PRO A 23 9.04 -43.10 16.76
N GLY A 24 9.22 -42.16 15.84
CA GLY A 24 9.25 -42.47 14.44
C GLY A 24 8.59 -41.35 13.65
N TYR A 25 8.59 -41.54 12.34
CA TYR A 25 8.06 -40.56 11.40
C TYR A 25 6.89 -41.20 10.65
N GLY A 26 5.83 -40.43 10.45
CA GLY A 26 4.65 -40.97 9.80
C GLY A 26 4.85 -41.18 8.31
N THR A 27 4.12 -42.16 7.76
CA THR A 27 4.17 -42.46 6.33
C THR A 27 2.79 -42.57 5.69
N MET A 28 1.72 -42.56 6.47
CA MET A 28 0.37 -42.56 5.91
C MET A 28 0.05 -41.20 5.29
N GLY A 29 -0.77 -41.23 4.25
CA GLY A 29 -1.18 -40.01 3.59
C GLY A 29 -0.41 -39.78 2.30
N LYS A 30 -1.02 -38.97 1.42
CA LYS A 30 -0.45 -38.72 0.10
C LYS A 30 0.65 -37.67 0.19
N PRO A 31 1.87 -37.99 -0.19
CA PRO A 31 2.96 -37.03 -0.05
C PRO A 31 2.82 -35.85 -1.01
N ILE A 32 3.43 -34.73 -0.63
CA ILE A 32 3.38 -33.50 -1.39
C ILE A 32 4.65 -32.71 -1.11
N LYS A 33 5.19 -32.05 -2.14
CA LYS A 33 6.39 -31.22 -1.98
C LYS A 33 6.00 -29.79 -1.60
N LEU A 34 6.75 -29.22 -0.65
CA LEU A 34 6.39 -27.94 -0.03
C LEU A 34 7.65 -27.11 0.21
N LEU A 35 7.45 -25.89 0.71
CA LEU A 35 8.51 -24.90 0.87
C LEU A 35 8.30 -24.14 2.17
N ALA A 36 9.29 -24.16 3.05
CA ALA A 36 9.20 -23.49 4.34
C ALA A 36 10.12 -22.28 4.37
N ASN A 37 9.62 -21.16 4.90
CA ASN A 37 10.43 -19.96 5.05
C ASN A 37 11.54 -20.17 6.07
N CYS A 38 12.28 -21.26 5.92
CA CYS A 38 13.33 -21.67 6.84
C CYS A 38 14.61 -21.88 6.05
N PHE A 39 15.72 -21.39 6.58
CA PHE A 39 16.97 -21.39 5.83
C PHE A 39 18.05 -22.05 6.65
N GLN A 40 18.67 -23.07 6.05
CA GLN A 40 19.72 -23.83 6.71
C GLN A 40 20.98 -23.00 6.90
N VAL A 41 21.56 -23.09 8.10
CA VAL A 41 22.70 -22.27 8.52
C VAL A 41 23.83 -23.18 8.98
N GLU A 42 25.06 -22.86 8.58
CA GLU A 42 26.26 -23.62 8.93
C GLU A 42 27.03 -22.80 9.94
N ILE A 43 27.47 -23.44 11.02
CA ILE A 43 28.12 -22.72 12.10
C ILE A 43 29.56 -23.20 12.25
N PRO A 44 30.51 -22.30 12.53
CA PRO A 44 31.93 -22.68 12.39
C PRO A 44 32.43 -23.50 13.57
N LYS A 45 33.58 -24.17 13.36
CA LYS A 45 34.08 -25.11 14.38
C LYS A 45 34.63 -24.37 15.60
N ILE A 46 35.22 -23.18 15.39
CA ILE A 46 35.89 -22.50 16.48
C ILE A 46 34.88 -22.13 17.57
N ASP A 47 35.36 -22.16 18.82
CA ASP A 47 34.53 -21.85 19.97
C ASP A 47 34.23 -20.36 20.02
N VAL A 48 33.06 -20.03 20.57
CA VAL A 48 32.60 -18.65 20.70
C VAL A 48 32.94 -18.17 22.10
N TYR A 49 33.49 -16.96 22.19
CA TYR A 49 33.89 -16.36 23.46
C TYR A 49 32.94 -15.20 23.78
N LEU A 50 32.40 -15.21 25.00
CA LEU A 50 31.45 -14.23 25.49
C LEU A 50 32.13 -13.22 26.42
N TYR A 51 31.98 -11.94 26.11
CA TYR A 51 32.60 -10.84 26.85
C TYR A 51 31.51 -9.95 27.47
N GLU A 52 31.28 -10.06 28.78
CA GLU A 52 30.23 -9.27 29.41
C GLU A 52 30.62 -7.80 29.47
N VAL A 53 29.64 -6.92 29.23
CA VAL A 53 29.84 -5.47 29.21
C VAL A 53 28.91 -4.87 30.27
N ASP A 54 29.47 -4.07 31.19
CA ASP A 54 28.68 -3.43 32.23
C ASP A 54 28.68 -1.92 32.06
N ILE A 55 27.49 -1.33 32.04
CA ILE A 55 27.32 0.11 31.85
C ILE A 55 26.48 0.65 33.00
N LYS A 56 26.70 1.92 33.31
CA LYS A 56 26.10 2.59 34.46
C LYS A 56 25.83 4.08 34.22
N PRO A 57 24.62 4.53 34.53
CA PRO A 57 23.59 3.69 35.13
C PRO A 57 22.75 2.95 34.11
N ASP A 58 21.74 2.26 34.64
CA ASP A 58 20.84 1.45 33.85
C ASP A 58 19.47 2.11 33.84
N LYS A 59 19.37 3.22 33.11
CA LYS A 59 18.16 4.01 33.03
C LYS A 59 18.04 4.56 31.61
N CYS A 60 17.82 3.65 30.64
CA CYS A 60 17.76 3.99 29.23
C CYS A 60 17.38 2.78 28.40
N PRO A 61 16.94 2.95 27.16
CA PRO A 61 16.54 1.81 26.34
C PRO A 61 17.73 1.03 25.79
N ARG A 62 17.42 -0.20 25.36
CA ARG A 62 18.44 -1.07 24.78
C ARG A 62 19.04 -0.48 23.51
N ARG A 63 18.26 0.30 22.76
CA ARG A 63 18.80 0.94 21.56
C ARG A 63 19.89 1.93 21.93
N VAL A 64 19.67 2.72 23.00
CA VAL A 64 20.68 3.66 23.44
C VAL A 64 21.95 2.93 23.86
N ASN A 65 21.79 1.83 24.61
CA ASN A 65 22.94 1.02 24.99
C ASN A 65 23.73 0.58 23.76
N ARG A 66 23.04 0.01 22.78
CA ARG A 66 23.72 -0.46 21.57
C ARG A 66 24.41 0.67 20.83
N GLU A 67 23.76 1.83 20.75
CA GLU A 67 24.37 2.96 20.05
C GLU A 67 25.66 3.39 20.73
N VAL A 68 25.64 3.48 22.06
CA VAL A 68 26.80 4.02 22.77
C VAL A 68 27.99 3.07 22.67
N VAL A 69 27.75 1.76 22.74
CA VAL A 69 28.86 0.82 22.68
C VAL A 69 29.45 0.80 21.26
N ASP A 70 28.59 0.81 20.25
CA ASP A 70 29.06 0.78 18.87
C ASP A 70 29.88 2.03 18.55
N SER A 71 29.35 3.20 18.90
CA SER A 71 30.11 4.43 18.72
C SER A 71 31.42 4.38 19.49
N MET A 72 31.40 3.76 20.67
CA MET A 72 32.62 3.57 21.45
C MET A 72 33.63 2.72 20.70
N VAL A 73 33.19 1.57 20.18
CA VAL A 73 34.08 0.68 19.47
C VAL A 73 34.68 1.39 18.26
N GLN A 74 33.86 2.14 17.53
CA GLN A 74 34.36 2.85 16.35
C GLN A 74 35.40 3.91 16.74
N HIS A 75 35.13 4.68 17.79
CA HIS A 75 36.04 5.76 18.15
C HIS A 75 37.39 5.23 18.61
N PHE A 76 37.39 4.17 19.39
CA PHE A 76 38.63 3.60 19.95
C PHE A 76 38.70 2.12 19.58
N LYS A 77 38.93 1.85 18.29
CA LYS A 77 39.09 0.49 17.78
C LYS A 77 40.54 0.20 17.41
N VAL A 78 41.38 1.22 17.36
CA VAL A 78 42.72 1.06 16.81
C VAL A 78 43.50 -0.01 17.58
N THR A 79 43.54 0.11 18.90
CA THR A 79 44.26 -0.84 19.74
C THR A 79 43.34 -1.63 20.66
N ILE A 80 42.27 -0.99 21.15
CA ILE A 80 41.34 -1.64 22.06
C ILE A 80 40.68 -2.84 21.39
N PHE A 81 40.32 -2.71 20.12
CA PHE A 81 39.66 -3.78 19.40
C PHE A 81 40.42 -4.25 18.17
N GLY A 82 41.56 -3.64 17.86
CA GLY A 82 42.32 -4.06 16.70
C GLY A 82 41.58 -3.74 15.42
N ASP A 83 41.49 -4.73 14.53
CA ASP A 83 40.80 -4.52 13.26
C ASP A 83 39.65 -5.51 13.14
N ARG A 84 38.66 -5.43 14.03
CA ARG A 84 37.62 -6.45 14.10
C ARG A 84 36.25 -5.83 14.27
N ARG A 85 35.26 -6.50 13.67
CA ARG A 85 33.85 -6.11 13.72
C ARG A 85 33.07 -7.10 14.57
N PRO A 86 32.52 -6.67 15.71
CA PRO A 86 31.78 -7.62 16.55
C PRO A 86 30.28 -7.43 16.51
N VAL A 87 29.54 -8.30 17.21
CA VAL A 87 28.12 -8.15 17.43
C VAL A 87 27.87 -8.14 18.93
N TYR A 88 26.69 -7.68 19.33
CA TYR A 88 26.45 -7.37 20.73
C TYR A 88 24.96 -7.28 20.97
N ASP A 89 24.48 -7.96 22.02
CA ASP A 89 23.06 -8.15 22.25
C ASP A 89 22.30 -6.86 22.58
N GLY A 90 22.97 -5.72 22.49
CA GLY A 90 22.37 -4.47 22.92
C GLY A 90 22.41 -4.24 24.41
N LYS A 91 22.72 -5.27 25.21
CA LYS A 91 22.64 -5.16 26.66
C LYS A 91 24.00 -5.48 27.25
N ARG A 92 24.29 -6.74 27.61
CA ARG A 92 25.47 -7.06 28.39
C ARG A 92 26.31 -8.20 27.80
N SER A 93 26.20 -8.46 26.50
CA SER A 93 26.80 -9.63 25.88
C SER A 93 27.57 -9.23 24.62
N LEU A 94 28.87 -9.54 24.61
CA LEU A 94 29.77 -9.16 23.52
C LEU A 94 30.34 -10.41 22.87
N TYR A 95 30.39 -10.42 21.53
CA TYR A 95 30.88 -11.56 20.78
C TYR A 95 31.97 -11.14 19.80
N THR A 96 33.03 -11.94 19.74
CA THR A 96 34.16 -11.77 18.84
C THR A 96 34.56 -13.13 18.28
N ALA A 97 35.29 -13.08 17.16
CA ALA A 97 35.68 -14.30 16.46
C ALA A 97 36.91 -14.96 17.06
N ASN A 98 37.88 -14.17 17.51
CA ASN A 98 39.09 -14.65 18.15
C ASN A 98 39.20 -14.00 19.52
N PRO A 99 40.00 -14.57 20.42
CA PRO A 99 40.14 -14.00 21.77
C PRO A 99 40.39 -12.50 21.77
N LEU A 100 39.57 -11.77 22.53
CA LEU A 100 39.62 -10.32 22.49
C LEU A 100 40.84 -9.81 23.26
N PRO A 101 41.45 -8.73 22.80
CA PRO A 101 42.58 -8.09 23.54
C PRO A 101 42.13 -7.30 24.76
N VAL A 102 41.82 -8.04 25.83
CA VAL A 102 41.37 -7.44 27.07
C VAL A 102 42.22 -7.99 28.21
N ALA A 103 42.28 -7.23 29.29
CA ALA A 103 43.13 -7.54 30.43
C ALA A 103 42.27 -7.94 31.62
N THR A 104 42.46 -9.18 32.09
CA THR A 104 41.88 -9.67 33.34
C THR A 104 40.39 -9.38 33.42
N THR A 105 39.93 -8.83 34.55
CA THR A 105 38.51 -8.56 34.68
C THR A 105 38.06 -7.53 33.67
N GLY A 106 38.97 -6.74 33.13
CA GLY A 106 38.59 -5.75 32.15
C GLY A 106 39.46 -4.52 32.24
N VAL A 107 39.29 -3.65 31.24
CA VAL A 107 40.07 -2.42 31.13
C VAL A 107 39.12 -1.25 31.31
N ASP A 108 39.53 -0.30 32.15
CA ASP A 108 38.75 0.91 32.40
C ASP A 108 38.67 1.74 31.13
N LEU A 109 37.54 1.66 30.46
CA LEU A 109 37.28 2.36 29.21
C LEU A 109 35.99 3.13 29.37
N ASP A 110 35.95 4.38 28.94
CA ASP A 110 34.74 5.19 29.04
C ASP A 110 34.50 5.88 27.72
N VAL A 111 33.27 5.77 27.21
CA VAL A 111 32.86 6.40 25.97
C VAL A 111 31.95 7.57 26.28
N THR A 112 32.27 8.71 25.71
CA THR A 112 31.43 9.90 25.81
C THR A 112 31.46 10.67 24.50
N PRO A 122 26.70 8.70 28.39
CA PRO A 122 28.14 8.82 28.20
C PRO A 122 28.93 8.63 29.49
N PHE A 123 29.22 7.39 29.87
CA PHE A 123 29.78 7.10 31.19
C PHE A 123 30.96 6.14 31.05
N LYS A 124 31.26 5.45 32.15
CA LYS A 124 32.48 4.66 32.31
C LYS A 124 32.10 3.19 32.31
N VAL A 125 32.61 2.43 31.34
CA VAL A 125 32.24 1.04 31.16
C VAL A 125 33.41 0.15 31.55
N SER A 126 33.16 -0.82 32.42
CA SER A 126 34.07 -1.91 32.70
C SER A 126 33.40 -3.20 32.24
N ILE A 127 34.16 -4.06 31.57
CA ILE A 127 33.61 -5.25 30.92
C ILE A 127 34.40 -6.46 31.37
N LYS A 128 33.71 -7.49 31.86
CA LYS A 128 34.35 -8.66 32.45
C LYS A 128 34.22 -9.89 31.56
N PHE A 129 35.37 -10.43 31.16
CA PHE A 129 35.44 -11.69 30.43
C PHE A 129 35.68 -12.85 31.37
N LEU A 137 29.81 -27.65 20.23
CA LEU A 137 28.67 -27.54 21.14
C LEU A 137 27.36 -27.75 20.38
N LEU A 138 26.99 -26.78 19.55
CA LEU A 138 25.75 -26.88 18.79
C LEU A 138 25.72 -28.10 17.87
N HIS A 139 26.81 -28.32 17.08
CA HIS A 139 27.00 -29.56 16.30
C HIS A 139 26.82 -30.80 17.18
N GLU A 140 27.44 -30.82 18.36
CA GLU A 140 27.36 -32.00 19.21
C GLU A 140 25.93 -32.26 19.66
N VAL A 141 25.21 -31.18 19.98
CA VAL A 141 23.82 -31.31 20.43
C VAL A 141 22.95 -31.82 19.29
N LEU A 142 23.15 -31.30 18.09
CA LEU A 142 22.37 -31.68 16.92
C LEU A 142 22.45 -33.18 16.64
N ASN A 160 22.95 -20.61 25.68
CA ASN A 160 23.78 -19.52 25.18
C ASN A 160 24.35 -19.74 23.77
N PRO A 161 24.88 -20.93 23.45
CA PRO A 161 25.41 -21.13 22.09
C PRO A 161 24.37 -21.01 21.01
N VAL A 162 23.12 -21.38 21.30
CA VAL A 162 22.06 -21.26 20.30
C VAL A 162 21.69 -19.80 20.10
N HIS A 163 21.62 -19.03 21.19
CA HIS A 163 21.29 -17.62 21.09
C HIS A 163 22.46 -16.79 20.57
N ALA A 164 23.70 -17.25 20.81
CA ALA A 164 24.88 -16.50 20.38
C ALA A 164 24.91 -16.31 18.87
N VAL A 165 24.34 -17.25 18.11
CA VAL A 165 24.25 -17.06 16.67
C VAL A 165 23.16 -16.06 16.34
N ASP A 166 22.10 -16.02 17.15
CA ASP A 166 20.99 -15.12 16.90
C ASP A 166 21.45 -13.66 16.89
N VAL A 167 22.30 -13.29 17.85
CA VAL A 167 22.75 -11.89 17.93
C VAL A 167 23.62 -11.53 16.73
N VAL A 168 24.28 -12.51 16.11
CA VAL A 168 25.11 -12.22 14.96
C VAL A 168 24.26 -11.94 13.72
N LEU A 169 23.32 -12.84 13.41
CA LEU A 169 22.44 -12.60 12.28
C LEU A 169 21.44 -11.48 12.54
N ARG A 170 21.38 -10.96 13.77
CA ARG A 170 20.43 -9.93 14.12
C ARG A 170 21.08 -8.56 14.28
N HIS A 171 22.40 -8.48 14.48
CA HIS A 171 23.03 -7.19 14.79
C HIS A 171 23.26 -6.32 13.56
N LEU A 172 23.13 -6.85 12.35
CA LEU A 172 23.14 -5.92 11.22
C LEU A 172 21.77 -5.27 11.06
N PRO A 173 20.68 -6.05 10.95
CA PRO A 173 19.36 -5.38 10.85
C PRO A 173 19.00 -4.60 12.09
N SER A 174 19.47 -5.02 13.27
CA SER A 174 19.18 -4.27 14.48
C SER A 174 19.86 -2.91 14.46
N MET A 175 21.00 -2.80 13.79
CA MET A 175 21.60 -1.49 13.55
C MET A 175 20.73 -0.68 12.59
N LYS A 176 20.13 -1.36 11.60
CA LYS A 176 19.27 -0.71 10.62
C LYS A 176 17.92 -0.33 11.20
N TYR A 177 17.02 -1.32 11.34
CA TYR A 177 15.62 -1.04 11.59
C TYR A 177 15.34 -0.76 13.06
N THR A 178 14.04 -0.75 13.41
CA THR A 178 13.52 -0.57 14.75
C THR A 178 13.16 -1.93 15.31
N PRO A 179 14.00 -2.54 16.14
CA PRO A 179 13.68 -3.88 16.67
C PRO A 179 12.52 -3.84 17.66
N VAL A 180 11.62 -4.80 17.51
CA VAL A 180 10.51 -4.99 18.44
C VAL A 180 10.65 -6.41 18.98
N GLY A 181 11.42 -6.56 20.06
CA GLY A 181 11.67 -7.87 20.62
C GLY A 181 12.41 -8.79 19.68
N ARG A 182 11.66 -9.60 18.92
CA ARG A 182 12.23 -10.55 17.99
C ARG A 182 12.07 -10.16 16.52
N SER A 183 11.27 -9.14 16.23
CA SER A 183 11.02 -8.68 14.86
C SER A 183 11.53 -7.26 14.68
N PHE A 184 11.55 -6.81 13.43
CA PHE A 184 11.99 -5.47 13.08
C PHE A 184 10.92 -4.77 12.26
N PHE A 185 11.10 -3.46 12.07
CA PHE A 185 10.15 -2.65 11.34
C PHE A 185 10.85 -1.46 10.70
N SER A 186 10.36 -1.08 9.53
CA SER A 186 10.87 0.06 8.78
C SER A 186 9.71 0.98 8.46
N ALA A 187 9.84 2.25 8.81
CA ALA A 187 8.86 3.24 8.39
C ALA A 187 8.72 3.19 6.87
N PRO A 188 7.51 3.14 6.34
CA PRO A 188 7.33 3.00 4.89
C PRO A 188 7.78 4.24 4.13
N GLU A 189 8.88 4.13 3.39
CA GLU A 189 9.47 5.26 2.69
C GLU A 189 8.51 5.80 1.63
N GLY A 190 8.00 7.00 1.86
CA GLY A 190 7.03 7.60 0.96
C GLY A 190 5.72 6.86 0.93
N TYR A 191 5.06 6.74 2.08
CA TYR A 191 3.81 6.02 2.20
C TYR A 191 3.04 6.55 3.40
N ASP A 192 1.80 6.08 3.54
CA ASP A 192 0.98 6.34 4.72
C ASP A 192 -0.02 5.21 4.89
N HIS A 193 -0.06 4.63 6.09
CA HIS A 193 -1.02 3.58 6.45
C HIS A 193 -1.59 3.90 7.82
N PRO A 194 -2.46 4.89 7.90
CA PRO A 194 -3.00 5.28 9.21
C PRO A 194 -4.13 4.36 9.64
N LEU A 195 -4.46 4.46 10.93
CA LEU A 195 -5.59 3.76 11.51
C LEU A 195 -6.56 4.69 12.20
N GLY A 196 -6.26 5.98 12.26
CA GLY A 196 -7.00 6.91 13.09
C GLY A 196 -6.34 7.07 14.45
N GLY A 197 -6.75 8.14 15.14
CA GLY A 197 -6.23 8.43 16.45
C GLY A 197 -4.73 8.63 16.47
N GLY A 198 -4.18 9.05 15.34
CA GLY A 198 -2.74 9.18 15.22
C GLY A 198 -2.00 7.88 15.38
N ARG A 199 -2.56 6.78 14.88
CA ARG A 199 -1.97 5.45 15.01
C ARG A 199 -1.78 4.85 13.62
N GLU A 200 -0.60 4.32 13.37
CA GLU A 200 -0.24 3.75 12.08
C GLU A 200 0.05 2.26 12.22
N VAL A 201 0.45 1.65 11.10
CA VAL A 201 0.95 0.29 11.06
C VAL A 201 2.20 0.28 10.17
N TRP A 202 3.26 -0.36 10.65
CA TRP A 202 4.48 -0.50 9.88
C TRP A 202 4.70 -1.96 9.51
N PHE A 203 5.34 -2.18 8.37
CA PHE A 203 5.62 -3.52 7.87
C PHE A 203 7.06 -3.87 8.17
N GLY A 204 7.26 -5.00 8.84
CA GLY A 204 8.59 -5.48 9.16
C GLY A 204 8.68 -6.99 9.04
N PHE A 205 9.51 -7.64 9.86
CA PHE A 205 9.69 -9.07 9.74
C PHE A 205 10.11 -9.68 11.07
N HIS A 206 9.55 -10.84 11.37
CA HIS A 206 10.05 -11.67 12.45
C HIS A 206 11.30 -12.43 12.00
N GLN A 207 12.19 -12.70 12.96
CA GLN A 207 13.43 -13.39 12.64
C GLN A 207 13.92 -14.14 13.87
N SER A 208 13.82 -15.46 13.84
CA SER A 208 14.33 -16.31 14.91
C SER A 208 15.07 -17.49 14.31
N VAL A 209 16.17 -17.85 14.92
CA VAL A 209 16.85 -19.09 14.54
C VAL A 209 16.23 -20.24 15.32
N ARG A 210 16.27 -21.43 14.72
CA ARG A 210 15.94 -22.65 15.43
C ARG A 210 16.92 -23.73 15.02
N PRO A 211 17.39 -24.54 15.96
CA PRO A 211 18.22 -25.68 15.58
C PRO A 211 17.38 -26.82 15.02
N ALA A 212 17.00 -26.73 13.74
CA ALA A 212 16.21 -27.77 13.12
C ALA A 212 17.02 -29.06 12.99
N MET A 213 16.30 -30.17 12.83
CA MET A 213 16.98 -31.46 12.70
C MET A 213 17.93 -31.43 11.51
N TRP A 214 19.19 -31.73 11.78
CA TRP A 214 20.31 -31.86 10.86
C TRP A 214 20.91 -30.52 10.40
N LYS A 215 20.38 -29.37 10.82
CA LYS A 215 21.16 -28.15 10.63
C LYS A 215 20.53 -26.99 11.40
N MET A 216 21.37 -26.01 11.68
CA MET A 216 20.91 -24.70 12.11
C MET A 216 20.03 -24.09 11.03
N MET A 217 18.97 -23.40 11.44
CA MET A 217 17.92 -22.89 10.57
C MET A 217 17.41 -21.55 11.06
N LEU A 218 17.18 -20.63 10.12
CA LEU A 218 16.79 -19.26 10.44
C LEU A 218 15.43 -18.94 9.83
N ASN A 219 14.47 -18.58 10.69
CA ASN A 219 13.13 -18.21 10.28
C ASN A 219 13.04 -16.71 10.01
N ILE A 220 12.50 -16.35 8.83
CA ILE A 220 12.16 -14.98 8.49
C ILE A 220 10.71 -14.97 8.05
N ASP A 221 9.93 -14.01 8.56
CA ASP A 221 8.51 -14.01 8.25
C ASP A 221 7.96 -12.60 8.49
N VAL A 222 7.04 -12.17 7.60
CA VAL A 222 6.56 -10.79 7.59
C VAL A 222 5.76 -10.50 8.86
N SER A 223 5.97 -9.31 9.41
CA SER A 223 5.15 -8.76 10.48
C SER A 223 4.43 -7.52 9.98
N ALA A 224 3.28 -7.24 10.58
CA ALA A 224 2.49 -6.06 10.22
C ALA A 224 1.75 -5.62 11.48
N THR A 225 2.40 -4.77 12.27
CA THR A 225 1.87 -4.34 13.56
C THR A 225 1.82 -2.82 13.63
N ALA A 226 1.10 -2.34 14.64
CA ALA A 226 0.75 -0.93 14.74
C ALA A 226 1.81 -0.11 15.43
N PHE A 227 1.96 1.14 14.98
CA PHE A 227 2.87 2.14 15.54
C PHE A 227 2.11 3.43 15.77
N TYR A 228 2.82 4.47 16.19
CA TYR A 228 2.24 5.80 16.39
C TYR A 228 2.89 6.80 15.46
N LYS A 229 2.06 7.63 14.84
CA LYS A 229 2.56 8.60 13.87
C LYS A 229 3.36 9.68 14.57
N ALA A 230 4.63 9.81 14.22
CA ALA A 230 5.39 10.97 14.65
C ALA A 230 4.73 12.23 14.12
N GLN A 231 4.28 13.08 15.02
CA GLN A 231 3.48 14.25 14.64
C GLN A 231 3.49 15.26 15.78
N PRO A 232 3.06 16.50 15.55
CA PRO A 232 2.88 17.42 16.69
C PRO A 232 1.89 16.85 17.68
N VAL A 233 2.22 16.97 18.97
CA VAL A 233 1.36 16.46 20.03
C VAL A 233 -0.03 17.08 19.95
N ILE A 234 -0.13 18.29 19.39
CA ILE A 234 -1.43 18.93 19.21
C ILE A 234 -2.25 18.18 18.17
N GLN A 235 -1.68 17.95 16.99
CA GLN A 235 -2.41 17.22 15.94
C GLN A 235 -2.71 15.80 16.39
N PHE A 236 -1.80 15.19 17.16
CA PHE A 236 -2.10 13.90 17.78
C PHE A 236 -3.29 14.02 18.72
N MET A 237 -3.22 14.98 19.64
CA MET A 237 -4.34 15.23 20.55
C MET A 237 -5.64 15.43 19.78
N CYS A 238 -5.59 16.24 18.71
CA CYS A 238 -6.78 16.42 17.88
C CYS A 238 -7.31 15.09 17.38
N GLU A 239 -6.41 14.17 17.04
CA GLU A 239 -6.83 12.84 16.61
C GLU A 239 -7.45 12.07 17.77
N VAL A 240 -6.84 12.15 18.95
CA VAL A 240 -7.30 11.34 20.07
C VAL A 240 -8.70 11.77 20.51
N LEU A 241 -8.91 13.07 20.63
CA LEU A 241 -10.20 13.58 21.11
C LEU A 241 -11.26 13.67 20.02
N ASP A 242 -10.96 13.18 18.82
CA ASP A 242 -11.90 13.19 17.70
C ASP A 242 -12.36 14.60 17.36
N ILE A 243 -11.44 15.56 17.47
CA ILE A 243 -11.70 16.95 17.09
C ILE A 243 -10.71 17.31 15.99
N HIS A 244 -11.23 17.75 14.85
CA HIS A 244 -10.36 18.10 13.73
C HIS A 244 -9.50 19.32 14.05
N ASN A 245 -10.13 20.40 14.50
CA ASN A 245 -9.38 21.63 14.77
C ASN A 245 -10.27 22.51 15.62
N ILE A 246 -10.08 22.41 16.93
CA ILE A 246 -10.89 23.23 17.79
C ILE A 246 -10.38 24.67 17.84
N ASP A 247 -9.11 24.88 17.53
CA ASP A 247 -8.55 26.21 17.55
C ASP A 247 -9.43 27.18 16.77
N PRO A 250 -16.16 25.31 22.87
CA PRO A 250 -15.26 25.62 23.99
C PRO A 250 -14.63 24.37 24.65
N ARG A 251 -13.30 24.31 24.68
CA ARG A 251 -12.55 23.25 25.34
C ARG A 251 -11.31 23.89 25.96
N PRO A 252 -11.46 24.76 26.96
CA PRO A 252 -10.24 25.11 27.72
C PRO A 252 -9.60 23.87 28.29
N LEU A 253 -10.42 22.95 28.82
CA LEU A 253 -10.00 21.72 29.48
C LEU A 253 -11.14 21.21 30.34
N THR A 254 -12.13 20.52 29.77
CA THR A 254 -13.05 19.76 30.62
C THR A 254 -12.23 18.80 31.45
N ASP A 255 -12.44 18.82 32.77
CA ASP A 255 -11.55 18.09 33.67
C ASP A 255 -11.39 16.64 33.21
N SER A 256 -12.48 16.03 32.76
CA SER A 256 -12.41 14.66 32.26
C SER A 256 -11.67 14.59 30.94
N HIS A 257 -11.74 15.63 30.10
CA HIS A 257 -10.89 15.65 28.92
C HIS A 257 -9.42 15.73 29.30
N ARG A 258 -9.10 16.51 30.32
CA ARG A 258 -7.72 16.60 30.78
C ARG A 258 -7.18 15.23 31.21
N VAL A 259 -8.05 14.36 31.69
CA VAL A 259 -7.61 13.02 32.05
C VAL A 259 -7.78 12.02 30.90
N LYS A 260 -8.73 12.24 30.00
CA LYS A 260 -8.89 11.33 28.87
C LYS A 260 -7.71 11.46 27.90
N PHE A 261 -7.17 12.67 27.75
CA PHE A 261 -5.99 12.85 26.91
C PHE A 261 -4.78 12.13 27.48
N THR A 262 -4.53 12.29 28.78
CA THR A 262 -3.42 11.57 29.38
C THR A 262 -3.70 10.08 29.47
N LYS A 263 -4.97 9.67 29.40
CA LYS A 263 -5.27 8.23 29.37
C LYS A 263 -4.46 7.52 28.30
N GLU A 264 -4.01 8.22 27.28
CA GLU A 264 -3.25 7.65 26.18
C GLU A 264 -1.84 8.16 26.06
N ILE A 265 -1.62 9.47 26.24
CA ILE A 265 -0.27 10.00 26.07
C ILE A 265 0.61 9.76 27.29
N LYS A 266 0.01 9.47 28.45
CA LYS A 266 0.79 9.21 29.65
C LYS A 266 1.73 8.05 29.42
N GLY A 267 3.02 8.26 29.71
CA GLY A 267 3.97 7.18 29.52
C GLY A 267 4.47 7.03 28.10
N LEU A 268 4.36 8.08 27.29
CA LEU A 268 4.98 8.13 25.97
C LEU A 268 6.26 8.95 26.05
N LYS A 269 6.95 9.07 24.91
CA LYS A 269 8.10 9.95 24.81
C LYS A 269 7.80 11.01 23.75
N VAL A 270 8.59 12.09 23.79
CA VAL A 270 8.30 13.28 22.98
C VAL A 270 9.61 14.01 22.73
N GLU A 271 9.62 14.84 21.68
CA GLU A 271 10.81 15.61 21.29
C GLU A 271 10.48 17.10 21.32
N VAL A 272 11.47 17.91 21.70
CA VAL A 272 11.24 19.33 21.93
C VAL A 272 11.25 20.08 20.60
N THR A 273 10.62 21.26 20.61
CA THR A 273 10.54 22.18 19.46
C THR A 273 9.89 21.43 18.30
N HIS A 274 10.53 21.31 17.14
CA HIS A 274 9.89 20.71 15.98
C HIS A 274 11.00 20.28 15.03
N CYS A 275 11.18 18.97 14.88
CA CYS A 275 12.25 18.43 14.06
C CYS A 275 11.86 17.09 13.44
N ARG A 279 17.76 19.64 19.02
CA ARG A 279 16.64 19.31 19.89
C ARG A 279 17.07 18.37 21.01
N ARG A 280 16.19 18.19 21.99
CA ARG A 280 16.39 17.31 23.13
C ARG A 280 15.22 16.34 23.20
N LYS A 281 15.25 15.42 24.16
CA LYS A 281 14.20 14.41 24.22
C LYS A 281 13.94 14.00 25.66
N TYR A 282 12.67 13.96 26.05
CA TYR A 282 12.27 13.64 27.41
C TYR A 282 11.00 12.80 27.40
N ARG A 283 10.68 12.26 28.58
CA ARG A 283 9.68 11.21 28.72
C ARG A 283 8.47 11.78 29.46
N VAL A 284 7.29 11.65 28.85
CA VAL A 284 6.09 12.27 29.41
C VAL A 284 5.60 11.46 30.60
N CYS A 285 4.93 12.14 31.54
CA CYS A 285 4.47 11.46 32.75
C CYS A 285 3.04 11.80 33.13
N ASN A 286 2.57 13.01 32.82
CA ASN A 286 1.21 13.38 33.16
C ASN A 286 0.92 14.76 32.57
N VAL A 287 -0.37 15.09 32.52
CA VAL A 287 -0.86 16.38 32.06
C VAL A 287 -1.12 17.25 33.27
N THR A 288 -0.69 18.50 33.20
CA THR A 288 -0.86 19.39 34.32
C THR A 288 -2.34 19.74 34.52
N ARG A 289 -2.68 20.06 35.77
CA ARG A 289 -4.05 20.47 36.07
C ARG A 289 -4.31 21.88 35.57
N ARG A 290 -3.41 22.77 35.83
CA ARG A 290 -3.52 24.15 35.38
C ARG A 290 -2.76 24.37 34.08
N PRO A 291 -3.30 25.21 33.22
CA PRO A 291 -2.72 25.40 31.88
C PRO A 291 -1.32 25.99 31.86
N ALA A 292 -0.80 26.19 30.64
CA ALA A 292 0.58 26.64 30.46
C ALA A 292 0.79 28.04 31.00
N SER A 293 -0.21 28.90 30.88
CA SER A 293 -0.09 30.26 31.39
C SER A 293 -0.05 30.31 32.91
N HIS A 294 -0.23 29.19 33.59
CA HIS A 294 -0.40 29.19 35.04
C HIS A 294 0.57 28.23 35.73
N GLN A 295 0.70 27.01 35.21
CA GLN A 295 1.56 26.01 35.83
C GLN A 295 2.98 26.53 35.96
N THR A 296 3.51 26.53 37.20
CA THR A 296 4.73 27.25 37.50
C THR A 296 5.75 26.35 38.17
N PHE A 297 7.03 26.62 37.91
CA PHE A 297 8.16 25.87 38.42
C PHE A 297 9.22 26.82 38.96
N PRO A 298 9.89 26.46 40.06
CA PRO A 298 10.82 27.39 40.70
C PRO A 298 12.17 27.42 40.00
N LEU A 299 12.67 28.63 39.76
CA LEU A 299 14.00 28.83 39.19
C LEU A 299 14.50 30.18 39.68
N GLN A 300 15.82 30.33 39.76
CA GLN A 300 16.41 31.65 40.05
C GLN A 300 17.44 32.01 38.99
N GLU A 308 9.86 31.99 40.97
CA GLU A 308 9.03 30.89 40.49
C GLU A 308 8.21 31.30 39.27
N ARG A 309 8.71 30.94 38.08
CA ARG A 309 8.07 31.32 36.83
C ARG A 309 7.13 30.24 36.34
N THR A 310 5.97 30.65 35.84
CA THR A 310 5.13 29.75 35.09
C THR A 310 5.86 29.32 33.81
N VAL A 311 5.47 28.16 33.29
CA VAL A 311 6.06 27.65 32.07
C VAL A 311 5.84 28.62 30.92
N ALA A 312 4.77 29.40 30.97
CA ALA A 312 4.49 30.35 29.90
C ALA A 312 5.46 31.52 29.94
N GLN A 313 5.56 32.21 31.07
CA GLN A 313 6.47 33.34 31.17
C GLN A 313 7.91 32.89 30.96
N TYR A 314 8.26 31.72 31.49
CA TYR A 314 9.59 31.16 31.25
C TYR A 314 9.89 31.04 29.77
N PHE A 315 9.00 30.37 29.03
CA PHE A 315 9.20 30.24 27.59
C PHE A 315 9.05 31.58 26.88
N ARG A 316 8.27 32.49 27.47
CA ARG A 316 8.05 33.80 26.87
C ARG A 316 9.26 34.71 26.99
N GLU A 317 10.10 34.50 28.01
CA GLU A 317 11.19 35.42 28.32
C GLU A 317 12.58 34.82 28.22
N LYS A 318 12.72 33.51 28.08
CA LYS A 318 14.05 32.90 28.01
C LYS A 318 14.32 32.16 26.71
N TYR A 319 13.31 31.54 26.10
CA TYR A 319 13.47 30.93 24.78
C TYR A 319 12.77 31.74 23.68
N THR A 320 12.38 32.97 23.97
CA THR A 320 11.71 33.89 23.05
C THR A 320 10.72 33.17 22.11
N LEU A 321 9.74 32.54 22.74
CA LEU A 321 8.71 31.80 22.03
C LEU A 321 7.37 32.06 22.71
N GLN A 322 6.46 32.74 22.00
CA GLN A 322 5.14 33.05 22.54
C GLN A 322 4.22 31.86 22.35
N LEU A 323 3.66 31.36 23.44
CA LEU A 323 2.70 30.26 23.37
C LEU A 323 1.45 30.71 22.63
N LYS A 324 1.16 30.06 21.50
CA LYS A 324 -0.09 30.32 20.81
C LYS A 324 -1.29 29.87 21.64
N TYR A 325 -1.12 28.81 22.43
CA TYR A 325 -2.20 28.17 23.19
C TYR A 325 -1.81 28.12 24.66
N PRO A 326 -1.91 29.24 25.38
CA PRO A 326 -1.56 29.23 26.81
C PRO A 326 -2.66 28.69 27.71
N HIS A 327 -3.86 28.46 27.17
CA HIS A 327 -4.89 27.78 27.95
C HIS A 327 -4.71 26.27 27.93
N LEU A 328 -3.87 25.76 27.03
CA LEU A 328 -3.61 24.34 26.97
C LEU A 328 -2.78 23.91 28.18
N PRO A 329 -2.82 22.63 28.54
CA PRO A 329 -2.06 22.15 29.69
C PRO A 329 -0.59 21.95 29.33
N CYS A 330 0.17 21.48 30.30
CA CYS A 330 1.58 21.17 30.12
C CYS A 330 1.80 19.68 30.28
N LEU A 331 2.98 19.24 29.86
CA LEU A 331 3.38 17.83 29.96
C LEU A 331 4.38 17.69 31.09
N GLN A 332 4.11 16.74 31.98
CA GLN A 332 5.08 16.36 33.00
C GLN A 332 6.19 15.56 32.33
N VAL A 333 7.44 15.84 32.69
CA VAL A 333 8.53 14.98 32.25
C VAL A 333 9.37 14.64 33.47
N GLY A 334 9.90 13.43 33.48
CA GLY A 334 10.61 12.91 34.63
C GLY A 334 9.70 12.63 35.81
N GLN A 335 9.80 13.47 36.84
CA GLN A 335 9.07 13.25 38.07
C GLN A 335 8.32 14.53 38.46
N GLU A 336 7.39 14.37 39.40
CA GLU A 336 6.65 15.49 39.96
C GLU A 336 7.45 16.22 41.02
N GLN A 337 8.77 16.08 40.95
CA GLN A 337 9.70 16.66 41.91
C GLN A 337 10.81 17.39 41.17
N LYS A 338 11.21 16.86 40.01
CA LYS A 338 12.10 17.59 39.14
C LYS A 338 11.48 18.93 38.74
N HIS A 339 10.15 19.01 38.79
CA HIS A 339 9.38 20.21 38.42
C HIS A 339 9.60 20.59 36.97
N THR A 340 9.80 19.58 36.12
CA THR A 340 10.08 19.78 34.71
C THR A 340 8.78 19.67 33.90
N TYR A 341 8.52 20.69 33.08
CA TYR A 341 7.23 20.86 32.41
C TYR A 341 7.45 21.32 30.97
N LEU A 342 6.60 20.82 30.06
CA LEU A 342 6.73 21.14 28.65
C LEU A 342 5.36 21.31 27.99
N PRO A 343 5.12 22.43 27.32
CA PRO A 343 3.84 22.63 26.65
C PRO A 343 3.71 21.77 25.39
N LEU A 344 2.47 21.64 24.92
CA LEU A 344 2.18 20.77 23.78
C LEU A 344 2.66 21.36 22.47
N GLU A 345 2.65 22.69 22.36
CA GLU A 345 3.04 23.34 21.11
C GLU A 345 4.44 22.93 20.68
N VAL A 346 5.37 22.89 21.63
CA VAL A 346 6.78 22.65 21.34
C VAL A 346 7.09 21.18 21.53
N CYS A 347 6.14 20.30 21.21
CA CYS A 347 6.28 18.88 21.43
C CYS A 347 5.82 18.11 20.19
N ASN A 348 6.75 17.40 19.57
CA ASN A 348 6.46 16.47 18.48
C ASN A 348 6.64 15.04 19.00
N ILE A 349 5.76 14.13 18.57
CA ILE A 349 5.95 12.73 18.92
C ILE A 349 7.18 12.19 18.21
N VAL A 350 7.92 11.34 18.90
CA VAL A 350 9.10 10.71 18.33
C VAL A 350 8.66 9.61 17.37
N ALA A 351 9.45 9.39 16.32
CA ALA A 351 9.14 8.36 15.34
C ALA A 351 9.60 6.99 15.84
N GLY A 352 8.72 6.01 15.70
CA GLY A 352 9.02 4.64 16.06
C GLY A 352 8.32 4.08 17.29
N GLN A 353 7.16 4.63 17.66
CA GLN A 353 6.45 4.23 18.87
C GLN A 353 5.54 3.04 18.56
N ARG A 354 5.38 2.14 19.52
CA ARG A 354 4.57 0.95 19.31
C ARG A 354 3.31 0.95 20.17
N CYS A 355 2.26 0.32 19.63
CA CYS A 355 0.94 0.31 20.25
C CYS A 355 0.83 -0.84 21.24
N ILE A 356 0.76 -0.51 22.53
CA ILE A 356 0.47 -1.52 23.55
C ILE A 356 -1.00 -1.51 23.98
N LYS A 357 -1.71 -0.40 23.77
CA LYS A 357 -3.11 -0.32 24.15
C LYS A 357 -3.97 -1.16 23.21
N LYS A 358 -5.02 -1.77 23.77
CA LYS A 358 -5.88 -2.64 22.98
C LYS A 358 -6.59 -1.85 21.89
N LEU A 359 -6.57 -2.40 20.68
CA LEU A 359 -7.17 -1.73 19.54
C LEU A 359 -8.67 -1.98 19.50
N THR A 360 -9.41 -1.08 18.86
CA THR A 360 -10.83 -1.28 18.72
C THR A 360 -11.09 -2.39 17.71
N ASP A 361 -12.35 -2.86 17.69
CA ASP A 361 -12.72 -3.94 16.78
C ASP A 361 -12.52 -3.51 15.33
N ASN A 362 -12.95 -2.29 15.00
CA ASN A 362 -12.81 -1.79 13.63
C ASN A 362 -11.34 -1.68 13.23
N GLN A 363 -10.50 -1.16 14.14
CA GLN A 363 -9.07 -1.07 13.86
C GLN A 363 -8.46 -2.45 13.66
N THR A 364 -8.89 -3.42 14.47
CA THR A 364 -8.43 -4.79 14.28
C THR A 364 -8.79 -5.30 12.89
N SER A 365 -10.02 -5.04 12.45
CA SER A 365 -10.44 -5.45 11.12
C SER A 365 -9.59 -4.81 10.03
N THR A 366 -9.26 -3.53 10.19
CA THR A 366 -8.43 -2.85 9.20
C THR A 366 -7.04 -3.44 9.15
N MET A 367 -6.44 -3.71 10.31
CA MET A 367 -5.16 -4.41 10.36
C MET A 367 -5.24 -5.75 9.66
N ILE A 368 -6.35 -6.47 9.84
CA ILE A 368 -6.53 -7.77 9.23
C ILE A 368 -6.50 -7.64 7.72
N LYS A 369 -7.19 -6.62 7.20
CA LYS A 369 -7.16 -6.34 5.77
C LYS A 369 -5.74 -6.06 5.29
N ALA A 370 -4.94 -5.40 6.12
CA ALA A 370 -3.58 -5.04 5.72
C ALA A 370 -2.71 -6.27 5.49
N THR A 371 -3.01 -7.36 6.20
CA THR A 371 -2.12 -8.52 6.28
C THR A 371 -2.64 -9.75 5.56
N ALA A 372 -3.94 -9.81 5.25
CA ALA A 372 -4.53 -11.01 4.67
C ALA A 372 -4.28 -11.04 3.17
N ARG A 373 -3.12 -11.56 2.77
CA ARG A 373 -2.82 -11.69 1.36
C ARG A 373 -2.49 -13.14 1.01
N SER A 374 -2.66 -13.47 -0.26
CA SER A 374 -2.61 -14.87 -0.70
C SER A 374 -1.19 -15.42 -0.60
N ALA A 375 -1.12 -16.74 -0.37
CA ALA A 375 0.18 -17.40 -0.27
C ALA A 375 1.05 -17.25 -1.51
N PRO A 376 0.56 -17.40 -2.75
CA PRO A 376 1.44 -17.26 -3.91
C PRO A 376 2.17 -15.92 -3.97
N ASP A 377 1.42 -14.83 -4.11
CA ASP A 377 2.07 -13.54 -4.28
C ASP A 377 2.71 -13.03 -2.98
N ARG A 378 2.45 -13.69 -1.86
CA ARG A 378 3.13 -13.33 -0.62
C ARG A 378 4.50 -13.98 -0.50
N GLN A 379 4.60 -15.27 -0.84
CA GLN A 379 5.88 -15.96 -0.80
C GLN A 379 6.93 -15.19 -1.58
N GLU A 380 6.54 -14.57 -2.68
CA GLU A 380 7.43 -13.78 -3.51
C GLU A 380 7.87 -12.49 -2.84
N GLU A 381 7.29 -12.15 -1.69
CA GLU A 381 7.81 -11.07 -0.87
C GLU A 381 8.78 -11.53 0.21
N ILE A 382 8.56 -12.72 0.78
CA ILE A 382 9.59 -13.32 1.61
C ILE A 382 10.85 -13.55 0.78
N SER A 383 10.67 -14.06 -0.44
CA SER A 383 11.80 -14.31 -1.32
C SER A 383 12.65 -13.06 -1.48
N ARG A 384 12.03 -11.92 -1.74
CA ARG A 384 12.79 -10.67 -1.78
C ARG A 384 13.42 -10.36 -0.44
N LEU A 385 12.68 -10.60 0.65
CA LEU A 385 13.12 -10.13 1.96
C LEU A 385 14.47 -10.74 2.35
N VAL A 386 14.71 -11.99 1.97
CA VAL A 386 15.93 -12.65 2.41
C VAL A 386 17.14 -12.11 1.67
N ARG A 387 16.98 -11.80 0.38
CA ARG A 387 18.06 -11.22 -0.40
C ARG A 387 18.10 -9.70 -0.33
N SER A 388 17.13 -9.07 0.34
CA SER A 388 17.11 -7.62 0.41
C SER A 388 18.22 -7.09 1.33
N ALA A 389 18.35 -7.68 2.51
CA ALA A 389 19.45 -7.32 3.40
C ALA A 389 20.78 -7.93 2.97
N ASN A 390 20.77 -8.88 2.03
CA ASN A 390 21.98 -9.43 1.43
C ASN A 390 22.91 -9.97 2.51
N TYR A 391 22.46 -11.08 3.11
CA TYR A 391 23.07 -11.56 4.34
C TYR A 391 24.46 -12.11 4.16
N GLU A 392 24.85 -12.49 2.93
CA GLU A 392 26.21 -12.91 2.68
C GLU A 392 27.10 -11.74 2.28
N THR A 393 26.70 -10.52 2.63
CA THR A 393 27.50 -9.31 2.46
C THR A 393 27.43 -8.45 3.72
N ASP A 394 27.45 -9.09 4.88
CA ASP A 394 27.32 -8.41 6.15
C ASP A 394 28.65 -8.46 6.91
N PRO A 395 29.28 -7.32 7.19
CA PRO A 395 30.54 -7.36 7.96
C PRO A 395 30.42 -8.11 9.27
N PHE A 396 29.20 -8.26 9.80
CA PHE A 396 29.03 -8.91 11.09
C PHE A 396 29.05 -10.43 10.97
N VAL A 397 28.37 -10.98 9.96
CA VAL A 397 28.35 -12.44 9.80
C VAL A 397 29.57 -12.97 9.07
N GLN A 398 30.28 -12.15 8.31
CA GLN A 398 31.39 -12.65 7.52
C GLN A 398 32.71 -12.60 8.27
N GLU A 399 32.75 -11.86 9.38
CA GLU A 399 33.84 -12.02 10.33
C GLU A 399 33.88 -13.44 10.89
N PHE A 400 32.71 -14.02 11.14
CA PHE A 400 32.60 -15.35 11.75
C PHE A 400 32.27 -16.43 10.73
N GLN A 401 32.38 -16.12 9.44
CA GLN A 401 32.13 -17.07 8.35
C GLN A 401 30.77 -17.74 8.50
N PHE A 402 29.73 -16.94 8.25
CA PHE A 402 28.35 -17.41 8.26
C PHE A 402 27.86 -17.56 6.83
N LYS A 403 27.33 -18.73 6.51
CA LYS A 403 26.73 -19.00 5.22
C LYS A 403 25.26 -19.35 5.38
N VAL A 404 24.42 -18.74 4.56
CA VAL A 404 22.99 -19.06 4.53
C VAL A 404 22.63 -19.53 3.12
N ARG A 405 21.39 -19.96 2.93
CA ARG A 405 20.84 -20.26 1.62
C ARG A 405 19.82 -19.19 1.28
N ASP A 406 20.07 -18.41 0.23
CA ASP A 406 19.04 -17.43 -0.13
C ASP A 406 17.83 -18.07 -0.81
N GLU A 407 17.71 -19.40 -0.79
CA GLU A 407 16.55 -20.12 -1.32
C GLU A 407 15.80 -20.79 -0.18
N MET A 408 14.54 -21.13 -0.48
CA MET A 408 13.62 -21.68 0.50
C MET A 408 13.95 -23.15 0.80
N ALA A 409 13.37 -23.66 1.88
CA ALA A 409 13.61 -25.03 2.32
C ALA A 409 12.57 -25.95 1.69
N HIS A 410 13.05 -26.92 0.91
CA HIS A 410 12.18 -27.91 0.29
C HIS A 410 11.94 -29.08 1.23
N VAL A 411 10.67 -29.41 1.46
CA VAL A 411 10.27 -30.46 2.39
C VAL A 411 9.03 -31.18 1.84
N THR A 412 9.04 -32.51 1.90
CA THR A 412 7.94 -33.34 1.44
C THR A 412 7.11 -33.78 2.65
N GLY A 413 5.86 -33.30 2.73
CA GLY A 413 4.93 -33.69 3.77
C GLY A 413 3.94 -34.74 3.30
N ARG A 414 3.00 -35.07 4.18
CA ARG A 414 2.00 -36.09 3.87
C ARG A 414 0.62 -35.58 4.26
N VAL A 415 -0.36 -35.75 3.37
CA VAL A 415 -1.72 -35.29 3.59
C VAL A 415 -2.55 -36.45 4.12
N LEU A 416 -2.97 -36.34 5.38
CA LEU A 416 -3.73 -37.43 5.99
C LEU A 416 -5.14 -37.51 5.41
N PRO A 417 -5.77 -38.68 5.48
CA PRO A 417 -7.18 -38.77 5.06
C PRO A 417 -8.17 -38.46 6.19
N ALA A 418 -8.92 -37.37 6.02
CA ALA A 418 -10.00 -37.07 6.95
C ALA A 418 -11.03 -38.19 6.93
N PRO A 419 -11.67 -38.48 8.06
CA PRO A 419 -12.58 -39.62 8.13
C PRO A 419 -14.00 -39.23 7.71
N MET A 420 -14.67 -40.17 7.04
CA MET A 420 -16.06 -39.94 6.67
C MET A 420 -16.93 -39.86 7.91
N LEU A 421 -17.92 -38.98 7.87
CA LEU A 421 -18.76 -38.70 9.03
C LEU A 421 -20.14 -39.32 8.85
N GLN A 422 -20.69 -39.84 9.94
CA GLN A 422 -21.94 -40.58 9.93
C GLN A 422 -23.09 -39.67 10.37
N TYR A 423 -24.10 -39.54 9.51
CA TYR A 423 -25.30 -38.79 9.82
C TYR A 423 -26.50 -39.71 9.90
N GLY A 424 -27.57 -39.21 10.51
CA GLY A 424 -28.74 -40.02 10.75
C GLY A 424 -29.99 -39.50 10.10
N GLY A 425 -31.08 -39.48 10.86
CA GLY A 425 -32.38 -39.15 10.32
C GLY A 425 -32.98 -40.32 9.56
N ARG A 426 -33.62 -40.06 8.43
CA ARG A 426 -34.12 -41.15 7.60
C ARG A 426 -33.06 -41.67 6.64
N ASN A 427 -32.08 -40.84 6.28
CA ASN A 427 -31.17 -41.15 5.19
C ASN A 427 -29.97 -41.99 5.63
N ARG A 428 -29.48 -41.79 6.86
CA ARG A 428 -28.31 -42.51 7.36
C ARG A 428 -27.11 -42.31 6.45
N THR A 429 -26.97 -41.08 5.95
CA THR A 429 -25.94 -40.77 4.98
C THR A 429 -24.58 -40.63 5.66
N VAL A 430 -23.59 -41.31 5.12
CA VAL A 430 -22.19 -41.05 5.48
C VAL A 430 -21.69 -39.90 4.63
N ALA A 431 -20.97 -38.97 5.26
CA ALA A 431 -20.52 -37.75 4.61
C ALA A 431 -19.00 -37.74 4.51
N THR A 432 -18.49 -37.40 3.32
CA THR A 432 -17.05 -37.34 3.08
C THR A 432 -16.63 -35.89 2.84
N PRO A 433 -15.67 -35.37 3.61
CA PRO A 433 -15.27 -33.97 3.46
C PRO A 433 -14.30 -33.77 2.31
N SER A 434 -14.52 -32.70 1.56
CA SER A 434 -13.65 -32.30 0.46
C SER A 434 -12.86 -31.08 0.88
N HIS A 435 -11.54 -31.24 0.98
CA HIS A 435 -10.61 -30.15 1.29
C HIS A 435 -11.02 -29.38 2.55
N GLY A 436 -11.78 -30.02 3.44
CA GLY A 436 -12.17 -29.44 4.70
C GLY A 436 -13.65 -29.12 4.84
N VAL A 437 -14.44 -29.23 3.78
CA VAL A 437 -15.83 -28.80 3.80
C VAL A 437 -16.73 -29.93 3.35
N TRP A 438 -17.94 -29.95 3.89
CA TRP A 438 -19.03 -30.78 3.39
C TRP A 438 -20.34 -30.11 3.79
N ASP A 439 -21.38 -30.31 2.98
CA ASP A 439 -22.65 -29.65 3.20
C ASP A 439 -23.59 -30.56 4.00
N MET A 440 -24.87 -30.20 4.05
CA MET A 440 -25.86 -31.01 4.76
C MET A 440 -27.19 -31.03 4.04
N ARG A 441 -27.29 -30.42 2.85
CA ARG A 441 -28.55 -30.38 2.12
C ARG A 441 -29.03 -31.80 1.84
N GLY A 442 -30.26 -32.09 2.24
CA GLY A 442 -30.78 -33.45 2.06
C GLY A 442 -30.12 -34.47 2.95
N LYS A 443 -29.52 -34.04 4.06
CA LYS A 443 -28.97 -34.95 5.05
C LYS A 443 -29.48 -34.53 6.42
N GLN A 444 -30.06 -35.48 7.15
CA GLN A 444 -30.70 -35.20 8.42
C GLN A 444 -29.76 -35.53 9.57
N PHE A 445 -29.98 -34.86 10.70
CA PHE A 445 -29.10 -34.98 11.85
C PHE A 445 -29.03 -36.43 12.32
N HIS A 446 -27.94 -36.76 13.02
CA HIS A 446 -27.85 -38.08 13.64
C HIS A 446 -28.93 -38.24 14.71
N THR A 447 -29.06 -37.24 15.59
CA THR A 447 -30.15 -37.16 16.56
C THR A 447 -30.53 -35.69 16.70
N GLY A 448 -31.57 -35.27 15.99
CA GLY A 448 -32.09 -33.92 16.11
C GLY A 448 -33.21 -33.83 17.12
N VAL A 449 -33.37 -32.65 17.70
CA VAL A 449 -34.30 -32.45 18.82
C VAL A 449 -35.60 -31.87 18.30
N GLU A 450 -36.68 -32.18 19.01
CA GLU A 450 -38.01 -31.68 18.70
C GLU A 450 -38.41 -30.69 19.79
N ILE A 451 -38.84 -29.50 19.38
CA ILE A 451 -39.05 -28.41 20.32
C ILE A 451 -40.55 -28.18 20.43
N LYS A 452 -41.09 -28.43 21.62
CA LYS A 452 -42.48 -28.12 21.91
C LYS A 452 -42.64 -26.65 22.31
N MET A 453 -41.68 -26.12 23.06
CA MET A 453 -41.74 -24.75 23.55
C MET A 453 -40.40 -24.06 23.39
N TRP A 454 -40.47 -22.77 23.06
CA TRP A 454 -39.32 -21.93 22.80
C TRP A 454 -39.82 -20.50 22.61
N ALA A 455 -38.95 -19.53 22.89
CA ALA A 455 -39.36 -18.14 22.96
C ALA A 455 -38.36 -17.25 22.23
N ILE A 456 -38.86 -16.10 21.78
CA ILE A 456 -38.05 -15.09 21.10
C ILE A 456 -38.00 -13.85 21.99
N ALA A 457 -36.86 -13.17 21.99
CA ALA A 457 -36.69 -11.94 22.77
C ALA A 457 -35.87 -10.96 21.94
N CYS A 458 -36.55 -10.04 21.27
CA CYS A 458 -35.88 -9.10 20.37
C CYS A 458 -35.45 -7.87 21.16
N PHE A 459 -34.14 -7.70 21.34
CA PHE A 459 -33.63 -6.51 21.99
C PHE A 459 -33.32 -5.39 21.04
N ALA A 460 -33.69 -5.53 19.77
CA ALA A 460 -33.85 -4.37 18.92
C ALA A 460 -35.21 -3.74 19.14
N THR A 461 -35.38 -2.53 18.64
CA THR A 461 -36.65 -1.87 18.84
C THR A 461 -37.71 -2.43 17.90
N GLN A 462 -38.96 -2.05 18.15
CA GLN A 462 -40.05 -2.43 17.26
C GLN A 462 -39.86 -1.89 15.85
N ARG A 463 -39.15 -0.76 15.74
CA ARG A 463 -39.00 -0.10 14.45
C ARG A 463 -38.19 -0.96 13.48
N GLN A 464 -37.07 -1.51 13.96
CA GLN A 464 -36.30 -2.43 13.12
C GLN A 464 -37.05 -3.74 12.98
N CYS A 465 -37.14 -4.50 14.07
CA CYS A 465 -37.75 -5.81 14.08
C CYS A 465 -39.26 -5.66 14.20
N ARG A 466 -40.00 -6.25 13.26
CA ARG A 466 -41.45 -6.17 13.28
C ARG A 466 -42.08 -7.56 13.23
N GLU A 467 -43.40 -7.58 13.36
CA GLU A 467 -44.14 -8.84 13.40
C GLU A 467 -43.82 -9.70 12.17
N GLU A 468 -44.15 -9.19 10.99
CA GLU A 468 -44.02 -9.95 9.75
C GLU A 468 -42.58 -10.35 9.46
N ILE A 469 -41.60 -9.71 10.10
CA ILE A 469 -40.21 -10.06 9.86
C ILE A 469 -39.77 -11.23 10.74
N LEU A 470 -40.29 -11.32 11.96
CA LEU A 470 -40.11 -12.54 12.74
C LEU A 470 -40.94 -13.67 12.15
N LYS A 471 -42.18 -13.37 11.78
CA LYS A 471 -43.03 -14.36 11.13
C LYS A 471 -42.30 -15.01 9.96
N GLY A 472 -41.66 -14.19 9.13
CA GLY A 472 -40.92 -14.75 7.99
C GLY A 472 -39.69 -15.52 8.42
N PHE A 473 -38.86 -14.91 9.28
CA PHE A 473 -37.64 -15.55 9.73
C PHE A 473 -37.93 -16.88 10.41
N THR A 474 -38.82 -16.87 11.40
CA THR A 474 -39.15 -18.10 12.11
C THR A 474 -39.75 -19.14 11.17
N ASP A 475 -40.62 -18.71 10.24
CA ASP A 475 -41.21 -19.66 9.31
C ASP A 475 -40.13 -20.33 8.45
N GLN A 476 -39.17 -19.53 7.95
CA GLN A 476 -38.09 -20.09 7.16
C GLN A 476 -37.26 -21.07 7.97
N LEU A 477 -36.99 -20.74 9.23
CA LEU A 477 -36.17 -21.62 10.06
C LEU A 477 -36.93 -22.91 10.38
N ARG A 478 -38.19 -22.79 10.80
CA ARG A 478 -39.00 -23.99 10.99
C ARG A 478 -39.09 -24.80 9.71
N LYS A 479 -39.01 -24.13 8.56
CA LYS A 479 -39.01 -24.84 7.29
C LYS A 479 -37.77 -25.72 7.14
N ILE A 480 -36.58 -25.14 7.35
CA ILE A 480 -35.38 -25.90 7.04
C ILE A 480 -35.06 -26.88 8.15
N SER A 481 -35.47 -26.60 9.38
CA SER A 481 -35.05 -27.42 10.50
C SER A 481 -35.68 -28.81 10.45
N LYS A 482 -36.96 -28.87 10.08
CA LYS A 482 -37.64 -30.15 9.98
C LYS A 482 -36.98 -31.03 8.92
N ASP A 483 -36.52 -30.43 7.82
CA ASP A 483 -35.75 -31.18 6.83
C ASP A 483 -34.38 -31.55 7.35
N ALA A 484 -33.81 -30.73 8.24
CA ALA A 484 -32.50 -30.98 8.80
C ALA A 484 -32.49 -32.07 9.87
N GLY A 485 -33.64 -32.64 10.21
CA GLY A 485 -33.70 -33.66 11.24
C GLY A 485 -33.96 -33.15 12.63
N MET A 486 -34.15 -31.84 12.80
CA MET A 486 -34.48 -31.23 14.09
C MET A 486 -35.77 -30.46 13.91
N PRO A 487 -36.92 -31.10 14.13
CA PRO A 487 -38.21 -30.44 13.87
C PRO A 487 -38.48 -29.32 14.87
N ILE A 488 -38.75 -28.12 14.35
CA ILE A 488 -39.08 -26.98 15.20
C ILE A 488 -40.53 -26.61 14.89
N GLN A 489 -41.44 -27.58 15.05
CA GLN A 489 -42.82 -27.32 14.69
C GLN A 489 -43.57 -26.65 15.84
N GLY A 490 -44.69 -26.04 15.50
CA GLY A 490 -45.43 -25.20 16.42
C GLY A 490 -45.09 -23.74 16.24
N GLN A 491 -45.90 -22.92 16.84
CA GLN A 491 -45.56 -21.51 16.85
C GLN A 491 -44.95 -21.15 18.19
N PRO A 492 -44.04 -20.17 18.23
CA PRO A 492 -43.36 -19.86 19.49
C PRO A 492 -44.34 -19.41 20.56
N CYS A 493 -44.27 -20.07 21.72
CA CYS A 493 -45.18 -19.79 22.82
C CYS A 493 -44.93 -18.44 23.47
N PHE A 494 -43.89 -17.71 23.07
CA PHE A 494 -43.59 -16.43 23.69
C PHE A 494 -42.70 -15.63 22.75
N CYS A 495 -42.92 -14.32 22.73
CA CYS A 495 -42.09 -13.39 21.98
C CYS A 495 -42.34 -11.99 22.52
N LYS A 496 -41.27 -11.23 22.73
CA LYS A 496 -41.42 -9.85 23.17
C LYS A 496 -40.21 -9.01 22.81
N TYR A 497 -40.48 -7.80 22.34
CA TYR A 497 -39.47 -6.80 22.04
C TYR A 497 -38.89 -6.25 23.35
N ALA A 498 -37.60 -5.95 23.32
CA ALA A 498 -36.94 -5.45 24.52
C ALA A 498 -35.89 -4.42 24.15
N GLN A 499 -35.38 -3.72 25.16
CA GLN A 499 -34.39 -2.68 24.93
C GLN A 499 -33.51 -2.53 26.16
N GLY A 500 -32.20 -2.56 25.94
CA GLY A 500 -31.22 -2.29 26.97
C GLY A 500 -30.62 -3.55 27.54
N ALA A 501 -29.62 -3.35 28.40
CA ALA A 501 -28.99 -4.46 29.11
C ALA A 501 -29.75 -4.85 30.37
N ASP A 502 -30.75 -4.06 30.77
CA ASP A 502 -31.33 -4.21 32.09
C ASP A 502 -32.71 -4.85 32.08
N SER A 503 -33.34 -4.98 30.92
CA SER A 503 -34.64 -5.63 30.91
C SER A 503 -34.50 -7.15 30.97
N VAL A 504 -33.28 -7.63 30.80
CA VAL A 504 -33.05 -9.06 30.58
C VAL A 504 -33.51 -9.86 31.79
N GLU A 505 -32.86 -9.62 32.93
CA GLU A 505 -32.90 -10.58 34.04
C GLU A 505 -34.30 -10.92 34.51
N PRO A 506 -35.20 -9.97 34.83
CA PRO A 506 -36.52 -10.38 35.32
C PRO A 506 -37.39 -11.02 34.24
N MET A 507 -37.25 -10.59 32.98
CA MET A 507 -37.86 -11.30 31.87
C MET A 507 -37.55 -12.79 31.93
N PHE A 508 -36.29 -13.14 32.18
CA PHE A 508 -35.88 -14.54 32.15
C PHE A 508 -36.34 -15.31 33.38
N ARG A 509 -36.41 -14.67 34.56
CA ARG A 509 -36.89 -15.37 35.74
C ARG A 509 -38.37 -15.69 35.62
N HIS A 510 -39.20 -14.72 35.23
CA HIS A 510 -40.59 -15.03 34.93
C HIS A 510 -40.68 -16.10 33.86
N LEU A 511 -39.75 -16.06 32.89
CA LEU A 511 -39.74 -17.03 31.79
C LEU A 511 -39.58 -18.46 32.30
N LYS A 512 -38.77 -18.66 33.34
CA LYS A 512 -38.60 -20.02 33.85
C LYS A 512 -39.83 -20.46 34.64
N ASN A 513 -40.33 -19.59 35.53
CA ASN A 513 -41.36 -20.01 36.48
C ASN A 513 -42.73 -20.20 35.84
N THR A 514 -43.00 -19.58 34.69
CA THR A 514 -44.33 -19.70 34.11
C THR A 514 -44.42 -20.73 32.99
N TYR A 515 -43.31 -21.16 32.41
CA TYR A 515 -43.30 -22.16 31.35
C TYR A 515 -42.53 -23.38 31.81
N SER A 516 -43.24 -24.49 31.97
CA SER A 516 -42.64 -25.78 32.28
C SER A 516 -42.59 -26.60 30.99
N GLY A 517 -41.38 -26.92 30.54
CA GLY A 517 -41.18 -27.48 29.22
C GLY A 517 -40.62 -26.52 28.20
N LEU A 518 -40.21 -25.33 28.63
CA LEU A 518 -39.65 -24.32 27.74
C LEU A 518 -38.16 -24.57 27.58
N GLN A 519 -37.73 -24.87 26.35
CA GLN A 519 -36.35 -25.30 26.10
C GLN A 519 -35.41 -24.12 25.84
N LEU A 520 -35.69 -23.33 24.81
CA LEU A 520 -34.70 -22.44 24.24
C LEU A 520 -35.29 -21.06 24.01
N ILE A 521 -34.45 -20.04 24.18
CA ILE A 521 -34.80 -18.65 23.91
C ILE A 521 -33.76 -18.06 22.97
N ILE A 522 -34.23 -17.41 21.91
CA ILE A 522 -33.37 -16.88 20.87
C ILE A 522 -33.49 -15.36 20.87
N VAL A 523 -32.48 -14.69 21.39
CA VAL A 523 -32.49 -13.24 21.55
C VAL A 523 -32.07 -12.59 20.24
N ILE A 524 -32.81 -11.57 19.82
CA ILE A 524 -32.55 -10.87 18.57
C ILE A 524 -32.11 -9.46 18.92
N LEU A 525 -30.81 -9.26 18.92
CA LEU A 525 -30.18 -8.01 19.30
C LEU A 525 -29.88 -7.18 18.05
N PRO A 526 -29.55 -5.89 18.20
CA PRO A 526 -29.33 -5.07 17.01
C PRO A 526 -27.88 -5.06 16.54
N GLY A 527 -26.96 -5.39 17.44
CA GLY A 527 -25.55 -5.32 17.12
C GLY A 527 -24.69 -5.47 18.34
N LYS A 528 -23.74 -4.56 18.52
CA LYS A 528 -22.88 -4.56 19.70
C LYS A 528 -23.60 -3.85 20.84
N THR A 529 -24.41 -4.60 21.57
CA THR A 529 -25.14 -3.98 22.66
C THR A 529 -24.74 -4.61 23.99
N PRO A 530 -24.70 -3.80 25.07
CA PRO A 530 -24.36 -4.36 26.40
C PRO A 530 -25.26 -5.50 26.83
N VAL A 531 -26.38 -5.72 26.15
CA VAL A 531 -27.33 -6.74 26.54
C VAL A 531 -26.75 -8.14 26.37
N TYR A 532 -25.81 -8.31 25.43
CA TYR A 532 -25.26 -9.64 25.17
C TYR A 532 -24.59 -10.22 26.40
N ALA A 533 -23.80 -9.41 27.10
CA ALA A 533 -23.15 -9.87 28.33
C ALA A 533 -24.18 -10.31 29.36
N GLU A 534 -25.20 -9.48 29.59
CA GLU A 534 -26.29 -9.85 30.47
C GLU A 534 -26.96 -11.14 30.01
N VAL A 535 -27.35 -11.20 28.73
CA VAL A 535 -28.07 -12.36 28.23
C VAL A 535 -27.31 -13.64 28.53
N LYS A 536 -26.01 -13.65 28.24
CA LYS A 536 -25.18 -14.81 28.54
C LYS A 536 -25.05 -15.02 30.04
N ARG A 537 -24.58 -13.99 30.76
CA ARG A 537 -24.40 -14.07 32.20
C ARG A 537 -25.64 -14.60 32.91
N VAL A 538 -26.82 -14.14 32.49
CA VAL A 538 -28.05 -14.63 33.11
C VAL A 538 -28.29 -16.08 32.72
N GLY A 539 -28.38 -16.34 31.42
CA GLY A 539 -28.71 -17.66 30.92
C GLY A 539 -27.83 -18.77 31.45
N ASP A 540 -26.63 -18.44 31.87
CA ASP A 540 -25.69 -19.42 32.41
C ASP A 540 -25.73 -19.47 33.94
N THR A 541 -25.38 -18.37 34.60
CA THR A 541 -25.11 -18.40 36.04
C THR A 541 -26.30 -18.06 36.92
N LEU A 542 -27.30 -17.35 36.39
CA LEU A 542 -28.43 -16.99 37.25
C LEU A 542 -29.56 -18.02 37.17
N LEU A 543 -29.97 -18.42 35.97
CA LEU A 543 -31.13 -19.28 35.81
C LEU A 543 -30.85 -20.59 35.09
N GLY A 544 -29.82 -20.66 34.27
CA GLY A 544 -29.40 -21.92 33.68
C GLY A 544 -30.32 -22.50 32.63
N MET A 545 -30.70 -21.68 31.64
CA MET A 545 -31.41 -22.15 30.47
C MET A 545 -30.66 -21.70 29.21
N ALA A 546 -31.08 -22.24 28.07
CA ALA A 546 -30.29 -22.19 26.84
C ALA A 546 -30.57 -20.95 26.03
N THR A 547 -29.50 -20.39 25.44
CA THR A 547 -29.53 -19.18 24.65
C THR A 547 -29.13 -19.48 23.21
N GLN A 548 -29.51 -18.58 22.31
CA GLN A 548 -28.87 -18.46 21.00
C GLN A 548 -29.23 -17.09 20.44
N CYS A 549 -28.26 -16.20 20.34
CA CYS A 549 -28.54 -14.85 19.89
C CYS A 549 -28.60 -14.79 18.37
N VAL A 550 -28.87 -13.61 17.85
CA VAL A 550 -28.85 -13.29 16.43
C VAL A 550 -29.05 -11.79 16.31
N GLN A 551 -28.35 -11.16 15.36
CA GLN A 551 -28.56 -9.74 15.12
C GLN A 551 -29.66 -9.55 14.09
N VAL A 552 -30.33 -8.40 14.17
CA VAL A 552 -31.45 -8.13 13.28
C VAL A 552 -31.00 -8.24 11.82
N LYS A 553 -29.78 -7.79 11.53
CA LYS A 553 -29.15 -7.92 10.23
C LYS A 553 -29.41 -9.30 9.62
N ASN A 554 -29.41 -10.34 10.46
CA ASN A 554 -29.66 -11.70 9.98
C ASN A 554 -31.07 -12.19 10.27
N VAL A 555 -31.82 -11.56 11.18
CA VAL A 555 -33.20 -11.98 11.34
C VAL A 555 -34.05 -11.51 10.18
N ILE A 556 -33.59 -10.50 9.45
CA ILE A 556 -34.32 -10.00 8.30
C ILE A 556 -34.06 -10.90 7.11
N LYS A 557 -32.82 -10.94 6.62
CA LYS A 557 -32.48 -11.78 5.49
C LYS A 557 -32.31 -13.23 5.95
N THR A 558 -33.00 -14.14 5.28
CA THR A 558 -32.96 -15.56 5.66
C THR A 558 -32.13 -16.35 4.66
N SER A 559 -30.83 -16.09 4.70
CA SER A 559 -29.88 -16.90 3.96
C SER A 559 -29.89 -18.32 4.51
N PRO A 560 -30.15 -19.33 3.68
CA PRO A 560 -30.25 -20.70 4.23
C PRO A 560 -28.98 -21.17 4.93
N GLN A 561 -27.79 -20.83 4.41
CA GLN A 561 -26.57 -21.21 5.11
C GLN A 561 -26.47 -20.56 6.48
N THR A 562 -27.09 -19.40 6.66
CA THR A 562 -27.16 -18.80 7.99
C THR A 562 -28.02 -19.65 8.92
N LEU A 563 -29.24 -19.95 8.51
CA LEU A 563 -30.14 -20.74 9.34
C LEU A 563 -29.59 -22.14 9.56
N SER A 564 -29.10 -22.78 8.50
CA SER A 564 -28.58 -24.14 8.65
C SER A 564 -27.35 -24.21 9.54
N ASN A 565 -26.67 -23.08 9.74
CA ASN A 565 -25.64 -23.02 10.78
C ASN A 565 -26.29 -22.84 12.15
N LEU A 566 -27.32 -22.01 12.23
CA LEU A 566 -28.03 -21.79 13.48
C LEU A 566 -28.59 -23.10 14.02
N CYS A 567 -29.03 -23.99 13.12
CA CYS A 567 -29.49 -25.29 13.57
C CYS A 567 -28.36 -26.10 14.19
N LEU A 568 -27.15 -25.98 13.63
CA LEU A 568 -26.01 -26.74 14.15
C LEU A 568 -25.66 -26.30 15.58
N LYS A 569 -25.57 -24.99 15.80
CA LYS A 569 -25.29 -24.48 17.14
C LYS A 569 -26.40 -24.83 18.11
N ILE A 570 -27.65 -24.62 17.70
CA ILE A 570 -28.77 -24.77 18.63
C ILE A 570 -28.99 -26.24 18.99
N ASN A 571 -28.95 -27.13 17.99
CA ASN A 571 -29.21 -28.55 18.24
C ASN A 571 -28.24 -29.13 19.26
N VAL A 572 -27.01 -28.62 19.32
CA VAL A 572 -26.05 -29.09 20.30
C VAL A 572 -26.13 -28.33 21.62
N LYS A 573 -26.72 -27.13 21.64
CA LYS A 573 -26.88 -26.42 22.89
C LYS A 573 -28.06 -26.97 23.70
N LEU A 574 -29.04 -27.57 23.03
CA LEU A 574 -30.06 -28.32 23.75
C LEU A 574 -29.57 -29.70 24.18
N GLY A 575 -28.47 -30.19 23.61
CA GLY A 575 -27.91 -31.45 24.06
C GLY A 575 -27.66 -32.48 22.97
N GLY A 576 -28.28 -32.28 21.81
CA GLY A 576 -28.18 -33.26 20.74
C GLY A 576 -26.77 -33.36 20.18
N ILE A 577 -26.59 -34.36 19.32
CA ILE A 577 -25.33 -34.64 18.66
C ILE A 577 -25.56 -34.56 17.15
N ASN A 578 -24.81 -33.69 16.49
CA ASN A 578 -25.06 -33.46 15.06
C ASN A 578 -24.56 -34.62 14.22
N ASN A 579 -23.34 -35.10 14.47
CA ASN A 579 -22.77 -36.19 13.68
C ASN A 579 -21.81 -37.00 14.54
N ILE A 580 -21.38 -38.13 13.98
CA ILE A 580 -20.34 -38.97 14.57
C ILE A 580 -19.37 -39.37 13.46
N LEU A 581 -18.28 -40.01 13.85
CA LEU A 581 -17.34 -40.58 12.91
C LEU A 581 -17.74 -42.02 12.60
N VAL A 582 -17.59 -42.42 11.35
CA VAL A 582 -17.75 -43.83 11.03
C VAL A 582 -16.65 -44.54 11.82
N PRO A 583 -17.02 -45.40 12.77
CA PRO A 583 -16.06 -45.79 13.82
C PRO A 583 -14.89 -46.63 13.31
N HIS A 584 -15.03 -47.33 12.19
CA HIS A 584 -13.98 -48.22 11.72
C HIS A 584 -12.85 -47.47 11.01
N GLN A 585 -12.94 -46.16 10.83
CA GLN A 585 -11.87 -45.37 10.23
C GLN A 585 -11.07 -44.60 11.28
N ARG A 586 -11.12 -45.02 12.52
CA ARG A 586 -10.50 -44.32 13.63
C ARG A 586 -9.18 -44.97 14.00
N PRO A 587 -8.25 -44.20 14.59
CA PRO A 587 -6.99 -44.79 15.05
C PRO A 587 -7.21 -45.85 16.12
N SER A 588 -6.11 -46.54 16.44
CA SER A 588 -6.14 -47.63 17.41
C SER A 588 -6.55 -47.19 18.81
N VAL A 589 -6.62 -45.90 19.07
CA VAL A 589 -6.89 -45.40 20.42
C VAL A 589 -8.35 -45.62 20.82
N PHE A 590 -9.24 -45.85 19.85
CA PHE A 590 -10.66 -45.94 20.14
C PHE A 590 -11.10 -47.34 20.53
N GLN A 591 -10.21 -48.32 20.46
CA GLN A 591 -10.51 -49.64 21.01
C GLN A 591 -10.67 -49.58 22.51
N GLN A 592 -10.07 -48.59 23.17
CA GLN A 592 -10.07 -48.47 24.62
C GLN A 592 -10.64 -47.12 25.04
N PRO A 593 -11.18 -47.01 26.25
CA PRO A 593 -11.76 -45.73 26.70
C PRO A 593 -10.70 -44.63 26.76
N VAL A 594 -11.02 -43.49 26.15
CA VAL A 594 -10.11 -42.36 26.09
C VAL A 594 -10.91 -41.07 26.21
N ILE A 595 -10.44 -40.16 27.07
CA ILE A 595 -11.07 -38.86 27.26
C ILE A 595 -10.14 -37.78 26.73
N PHE A 596 -10.72 -36.78 26.08
CA PHE A 596 -9.98 -35.70 25.46
C PHE A 596 -10.28 -34.38 26.16
N LEU A 597 -9.27 -33.53 26.28
CA LEU A 597 -9.35 -32.33 27.10
C LEU A 597 -8.69 -31.17 26.37
N GLY A 598 -9.42 -30.07 26.22
CA GLY A 598 -8.85 -28.83 25.73
C GLY A 598 -8.41 -27.94 26.87
N ALA A 599 -7.77 -26.81 26.50
CA ALA A 599 -7.30 -25.87 27.49
C ALA A 599 -6.84 -24.59 26.79
N ASP A 600 -7.17 -23.45 27.39
CA ASP A 600 -6.68 -22.16 26.94
C ASP A 600 -6.58 -21.24 28.14
N VAL A 601 -5.87 -20.12 27.95
CA VAL A 601 -5.71 -19.11 28.99
C VAL A 601 -5.73 -17.73 28.35
N THR A 602 -6.76 -16.94 28.64
CA THR A 602 -6.93 -15.62 28.06
C THR A 602 -6.53 -14.55 29.06
N HIS A 603 -5.64 -13.66 28.64
CA HIS A 603 -5.08 -12.58 29.43
C HIS A 603 -5.74 -11.24 29.09
N PRO A 604 -5.65 -10.26 29.98
CA PRO A 604 -6.10 -8.90 29.64
C PRO A 604 -4.96 -8.08 29.07
N PRO A 605 -5.27 -6.96 28.41
CA PRO A 605 -4.19 -6.08 27.91
C PRO A 605 -3.69 -5.12 28.98
N ALA A 606 -4.61 -4.55 29.75
CA ALA A 606 -4.29 -3.57 30.80
C ALA A 606 -3.49 -2.40 30.24
N LYS A 610 -6.88 -3.56 37.00
CA LYS A 610 -6.30 -4.89 36.99
C LYS A 610 -7.39 -5.96 36.82
N LYS A 611 -7.40 -6.63 35.63
CA LYS A 611 -8.30 -7.67 35.17
C LYS A 611 -7.62 -9.03 35.23
N PRO A 612 -8.31 -10.10 35.60
CA PRO A 612 -7.65 -11.39 35.79
C PRO A 612 -7.54 -12.19 34.49
N SER A 613 -6.68 -13.21 34.55
CA SER A 613 -6.62 -14.22 33.51
C SER A 613 -7.63 -15.31 33.79
N ILE A 614 -8.09 -15.96 32.72
CA ILE A 614 -9.14 -16.98 32.82
C ILE A 614 -8.62 -18.28 32.23
N ALA A 615 -8.95 -19.39 32.89
CA ALA A 615 -8.53 -20.72 32.46
C ALA A 615 -9.76 -21.62 32.32
N ALA A 616 -9.74 -22.48 31.31
CA ALA A 616 -10.91 -23.27 30.95
C ALA A 616 -10.50 -24.66 30.50
N VAL A 617 -11.35 -25.65 30.80
CA VAL A 617 -11.13 -27.02 30.38
C VAL A 617 -12.46 -27.64 29.96
N VAL A 618 -12.41 -28.51 28.95
CA VAL A 618 -13.57 -29.22 28.45
C VAL A 618 -13.25 -30.70 28.42
N GLY A 619 -14.27 -31.54 28.60
CA GLY A 619 -14.04 -32.96 28.69
C GLY A 619 -14.87 -33.81 27.74
N SER A 620 -14.22 -34.76 27.08
CA SER A 620 -14.92 -35.72 26.24
C SER A 620 -15.96 -36.49 27.05
N MET A 621 -17.13 -36.69 26.48
CA MET A 621 -18.18 -37.46 27.13
C MET A 621 -18.72 -38.60 26.29
N ASP A 622 -18.16 -38.83 25.10
CA ASP A 622 -18.55 -39.96 24.26
C ASP A 622 -17.31 -40.62 23.70
N ALA A 623 -17.53 -41.74 23.00
CA ALA A 623 -16.46 -42.53 22.42
C ALA A 623 -16.27 -42.25 20.93
N HIS A 624 -17.09 -41.40 20.33
CA HIS A 624 -16.93 -41.04 18.93
C HIS A 624 -15.64 -40.26 18.64
N PRO A 625 -15.29 -39.25 19.48
CA PRO A 625 -15.91 -38.61 20.64
C PRO A 625 -16.60 -37.31 20.29
N SER A 626 -17.83 -37.10 20.76
CA SER A 626 -18.62 -35.96 20.32
C SER A 626 -18.88 -34.96 21.43
N ARG A 627 -19.72 -35.29 22.41
CA ARG A 627 -20.18 -34.30 23.37
C ARG A 627 -19.09 -33.93 24.37
N TYR A 628 -19.18 -32.72 24.91
CA TYR A 628 -18.16 -32.19 25.80
C TYR A 628 -18.83 -31.46 26.96
N CYS A 629 -18.41 -31.76 28.18
CA CYS A 629 -18.75 -30.94 29.33
C CYS A 629 -17.66 -29.91 29.55
N ALA A 630 -17.93 -28.91 30.38
CA ALA A 630 -17.04 -27.77 30.49
C ALA A 630 -17.02 -27.21 31.89
N THR A 631 -15.82 -26.88 32.37
CA THR A 631 -15.60 -26.12 33.60
C THR A 631 -14.57 -25.04 33.35
N VAL A 632 -14.41 -24.15 34.34
CA VAL A 632 -13.63 -22.92 34.15
C VAL A 632 -13.28 -22.31 35.50
N ARG A 633 -12.10 -21.68 35.60
CA ARG A 633 -11.63 -21.04 36.82
C ARG A 633 -10.97 -19.70 36.53
N VAL A 634 -10.87 -18.87 37.58
CA VAL A 634 -10.30 -17.53 37.51
C VAL A 634 -8.91 -17.55 38.11
N GLN A 635 -8.02 -16.68 37.64
CA GLN A 635 -6.65 -16.66 38.15
C GLN A 635 -6.00 -15.30 37.93
N ARG A 636 -4.77 -15.18 38.47
CA ARG A 636 -4.05 -13.91 38.53
C ARG A 636 -3.80 -13.31 37.14
N PRO A 637 -3.48 -12.03 37.08
CA PRO A 637 -3.12 -11.42 35.80
C PRO A 637 -1.74 -11.90 35.33
N ARG A 638 -1.61 -12.04 34.01
CA ARG A 638 -0.34 -12.35 33.35
C ARG A 638 0.28 -13.66 33.79
N GLN A 639 -0.35 -14.38 34.73
CA GLN A 639 0.10 -15.71 35.08
C GLN A 639 -0.38 -16.71 34.03
N GLU A 640 0.50 -17.64 33.67
CA GLU A 640 0.28 -18.49 32.52
C GLU A 640 -0.23 -19.88 32.88
N ILE A 641 0.17 -20.41 34.04
CA ILE A 641 -0.15 -21.79 34.41
C ILE A 641 -1.54 -21.85 35.03
N ILE A 642 -2.19 -23.01 34.89
CA ILE A 642 -3.49 -23.27 35.50
C ILE A 642 -3.26 -23.70 36.95
N GLN A 643 -3.83 -22.94 37.89
CA GLN A 643 -3.59 -23.18 39.31
C GLN A 643 -4.36 -24.38 39.83
N ASP A 644 -5.58 -24.60 39.34
CA ASP A 644 -6.48 -25.63 39.86
C ASP A 644 -6.92 -26.56 38.75
N LEU A 645 -5.95 -27.05 37.98
CA LEU A 645 -6.24 -28.03 36.94
C LEU A 645 -6.67 -29.35 37.55
N ALA A 646 -6.14 -29.68 38.72
CA ALA A 646 -6.41 -30.97 39.34
C ALA A 646 -7.90 -31.16 39.58
N SER A 647 -8.53 -30.20 40.26
CA SER A 647 -9.93 -30.34 40.62
C SER A 647 -10.86 -30.23 39.41
N MET A 648 -10.47 -29.43 38.40
CA MET A 648 -11.24 -29.38 37.17
C MET A 648 -11.24 -30.73 36.47
N VAL A 649 -10.09 -31.41 36.42
CA VAL A 649 -10.04 -32.76 35.87
C VAL A 649 -10.85 -33.72 36.73
N ARG A 650 -10.78 -33.55 38.05
CA ARG A 650 -11.57 -34.36 38.97
C ARG A 650 -13.05 -34.31 38.61
N GLU A 651 -13.63 -33.11 38.58
CA GLU A 651 -15.06 -32.98 38.29
C GLU A 651 -15.42 -33.53 36.91
N LEU A 652 -14.51 -33.42 35.95
CA LEU A 652 -14.82 -33.91 34.61
C LEU A 652 -14.65 -35.42 34.48
N LEU A 653 -13.67 -35.99 35.18
CA LEU A 653 -13.59 -37.45 35.24
C LEU A 653 -14.85 -38.03 35.89
N ILE A 654 -15.37 -37.34 36.91
CA ILE A 654 -16.63 -37.75 37.52
C ILE A 654 -17.77 -37.66 36.52
N GLN A 655 -17.81 -36.57 35.74
CA GLN A 655 -18.83 -36.44 34.71
C GLN A 655 -18.74 -37.56 33.69
N PHE A 656 -17.52 -37.97 33.34
CA PHE A 656 -17.33 -39.08 32.40
C PHE A 656 -17.80 -40.39 33.01
N TYR A 657 -17.45 -40.62 34.28
CA TYR A 657 -17.83 -41.85 34.98
C TYR A 657 -19.34 -41.97 35.15
N LYS A 658 -20.07 -40.86 35.07
CA LYS A 658 -21.53 -40.89 35.18
C LYS A 658 -22.23 -40.81 33.83
N SER A 659 -21.50 -40.59 32.73
CA SER A 659 -22.09 -40.61 31.40
C SER A 659 -21.92 -41.96 30.71
N THR A 660 -20.72 -42.52 30.71
CA THR A 660 -20.46 -43.79 30.02
C THR A 660 -20.28 -44.98 30.95
N ARG A 661 -20.22 -44.76 32.26
CA ARG A 661 -20.13 -45.84 33.25
C ARG A 661 -18.87 -46.70 33.04
N PHE A 662 -17.81 -46.09 32.54
CA PHE A 662 -16.48 -46.68 32.47
C PHE A 662 -15.47 -45.72 33.07
N LYS A 663 -14.52 -46.26 33.83
CA LYS A 663 -13.37 -45.44 34.21
C LYS A 663 -12.43 -45.28 33.02
N PRO A 664 -12.12 -44.04 32.62
CA PRO A 664 -11.27 -43.83 31.43
C PRO A 664 -9.84 -44.25 31.70
N THR A 665 -9.29 -45.07 30.79
CA THR A 665 -7.92 -45.56 30.92
C THR A 665 -6.92 -44.71 30.15
N ARG A 666 -7.37 -43.88 29.22
CA ARG A 666 -6.50 -43.06 28.38
C ARG A 666 -6.91 -41.60 28.50
N ILE A 667 -5.94 -40.73 28.74
CA ILE A 667 -6.18 -39.29 28.75
C ILE A 667 -5.32 -38.67 27.67
N ILE A 668 -5.96 -37.92 26.77
CA ILE A 668 -5.28 -37.23 25.69
C ILE A 668 -5.66 -35.77 25.79
N PHE A 669 -4.65 -34.90 25.89
CA PHE A 669 -4.84 -33.61 26.56
C PHE A 669 -4.12 -32.50 25.78
N TYR A 670 -4.87 -31.74 25.00
CA TYR A 670 -4.32 -30.64 24.21
C TYR A 670 -4.33 -29.35 25.00
N ARG A 671 -3.35 -28.48 24.72
CA ARG A 671 -3.17 -27.25 25.48
C ARG A 671 -2.72 -26.14 24.53
N ASP A 672 -3.36 -24.98 24.61
CA ASP A 672 -2.93 -23.81 23.88
C ASP A 672 -2.73 -22.66 24.86
N GLY A 673 -1.99 -21.66 24.42
CA GLY A 673 -1.71 -20.49 25.23
C GLY A 673 -0.36 -20.47 25.89
N VAL A 674 0.64 -21.14 25.32
CA VAL A 674 1.97 -21.23 25.89
C VAL A 674 2.90 -20.30 25.13
N SER A 675 3.77 -19.61 25.84
CA SER A 675 4.73 -18.70 25.22
C SER A 675 5.96 -19.47 24.74
N GLY A 677 9.62 -20.49 26.28
CA GLY A 677 10.28 -20.80 27.54
C GLY A 677 9.30 -21.04 28.65
N GLN A 678 8.20 -21.71 28.33
CA GLN A 678 7.18 -22.01 29.31
C GLN A 678 6.81 -23.48 29.35
N PHE A 679 7.58 -24.33 28.67
CA PHE A 679 7.32 -25.76 28.65
C PHE A 679 7.98 -26.45 29.84
N ARG A 680 9.19 -26.01 30.18
CA ARG A 680 9.91 -26.57 31.32
C ARG A 680 9.08 -26.53 32.60
N GLN A 681 8.14 -25.59 32.70
CA GLN A 681 7.44 -25.32 33.94
C GLN A 681 5.96 -25.69 33.91
N VAL A 682 5.36 -25.84 32.74
CA VAL A 682 3.95 -26.15 32.63
C VAL A 682 3.71 -27.64 32.37
N LEU A 683 4.54 -28.26 31.55
CA LEU A 683 4.45 -29.70 31.35
C LEU A 683 4.61 -30.43 32.67
N TYR A 684 5.67 -30.10 33.42
CA TYR A 684 5.96 -30.83 34.65
C TYR A 684 4.90 -30.58 35.71
N TYR A 685 4.25 -29.41 35.70
CA TYR A 685 3.32 -29.07 36.76
C TYR A 685 1.91 -29.55 36.47
N GLU A 686 1.41 -29.26 35.26
CA GLU A 686 0.06 -29.68 34.92
C GLU A 686 -0.05 -31.19 34.75
N LEU A 687 1.03 -31.86 34.37
CA LEU A 687 0.99 -33.31 34.27
C LEU A 687 0.79 -33.96 35.62
N LEU A 688 1.32 -33.35 36.69
CA LEU A 688 1.03 -33.84 38.03
C LEU A 688 -0.31 -33.35 38.55
N ALA A 689 -0.75 -32.17 38.13
CA ALA A 689 -2.10 -31.73 38.47
C ALA A 689 -3.15 -32.68 37.90
N ILE A 690 -2.90 -33.27 36.73
CA ILE A 690 -3.80 -34.31 36.25
C ILE A 690 -3.59 -35.58 37.06
N ARG A 691 -2.34 -35.96 37.30
CA ARG A 691 -2.04 -37.21 37.98
C ARG A 691 -2.68 -37.26 39.36
N GLU A 692 -2.60 -36.16 40.11
CA GLU A 692 -3.19 -36.17 41.44
C GLU A 692 -4.70 -36.03 41.43
N ALA A 693 -5.29 -35.53 40.34
CA ALA A 693 -6.72 -35.70 40.16
C ALA A 693 -7.08 -37.18 40.06
N CYS A 694 -6.16 -37.99 39.54
CA CYS A 694 -6.38 -39.42 39.40
C CYS A 694 -6.09 -40.13 40.71
N ILE A 695 -4.97 -39.80 41.34
CA ILE A 695 -4.58 -40.40 42.61
C ILE A 695 -5.44 -39.79 43.71
N SER A 696 -6.37 -38.90 43.34
CA SER A 696 -7.32 -38.37 44.31
C SER A 696 -8.50 -39.30 44.52
N LEU A 697 -8.85 -40.12 43.53
CA LEU A 697 -10.04 -40.95 43.62
C LEU A 697 -9.74 -42.25 44.34
N GLU A 698 -9.31 -43.27 43.59
CA GLU A 698 -9.02 -44.57 44.17
C GLU A 698 -7.67 -45.03 43.68
N LYS A 699 -7.24 -46.19 44.19
CA LYS A 699 -5.96 -46.76 43.82
C LYS A 699 -6.07 -47.50 42.49
N ASP A 700 -4.94 -47.99 41.99
CA ASP A 700 -4.87 -48.70 40.71
C ASP A 700 -5.55 -47.90 39.60
N TYR A 701 -5.54 -46.57 39.75
CA TYR A 701 -6.04 -45.63 38.77
C TYR A 701 -4.86 -44.81 38.29
N GLN A 702 -4.05 -45.40 37.43
CA GLN A 702 -2.98 -44.69 36.74
C GLN A 702 -3.42 -44.56 35.29
N PRO A 703 -4.28 -43.61 34.95
CA PRO A 703 -4.70 -43.47 33.56
C PRO A 703 -3.54 -42.93 32.74
N GLY A 704 -3.46 -43.36 31.49
CA GLY A 704 -2.41 -42.90 30.61
C GLY A 704 -2.70 -41.48 30.16
N ILE A 705 -1.80 -40.55 30.46
CA ILE A 705 -1.94 -39.15 30.06
C ILE A 705 -0.91 -38.85 28.99
N THR A 706 -1.39 -38.42 27.83
CA THR A 706 -0.60 -37.86 26.74
C THR A 706 -0.97 -36.40 26.59
N TYR A 707 -0.02 -35.49 26.84
CA TYR A 707 -0.31 -34.06 26.78
C TYR A 707 0.35 -33.48 25.53
N ILE A 708 -0.45 -32.83 24.70
CA ILE A 708 -0.01 -32.26 23.44
C ILE A 708 -0.24 -30.75 23.54
N VAL A 709 0.71 -29.95 23.10
CA VAL A 709 0.55 -28.51 23.16
C VAL A 709 0.48 -27.98 21.73
N VAL A 710 -0.52 -27.15 21.47
CA VAL A 710 -0.80 -26.68 20.13
C VAL A 710 -0.23 -25.27 20.02
N GLN A 711 0.26 -24.91 18.84
CA GLN A 711 0.81 -23.57 18.63
C GLN A 711 0.21 -22.98 17.37
N LYS A 712 -0.69 -22.02 17.57
CA LYS A 712 -1.23 -21.16 16.55
C LYS A 712 -0.44 -19.88 16.39
N ARG A 713 0.73 -19.76 17.03
CA ARG A 713 1.45 -18.49 17.07
C ARG A 713 2.94 -18.74 16.99
N HIS A 714 3.38 -19.17 15.80
CA HIS A 714 4.79 -19.15 15.44
C HIS A 714 4.97 -18.25 14.22
N HIS A 715 6.04 -18.45 13.48
CA HIS A 715 6.22 -17.76 12.20
C HIS A 715 6.77 -18.73 11.17
N THR A 716 6.24 -19.94 11.17
CA THR A 716 6.58 -20.97 10.20
C THR A 716 5.45 -21.09 9.19
N ARG A 717 5.78 -21.02 7.90
CA ARG A 717 4.78 -21.15 6.85
C ARG A 717 5.27 -22.13 5.81
N LEU A 718 4.32 -22.70 5.06
CA LEU A 718 4.60 -23.70 4.05
C LEU A 718 3.79 -23.39 2.81
N PHE A 719 4.45 -23.36 1.65
CA PHE A 719 3.80 -23.09 0.38
C PHE A 719 3.97 -24.27 -0.57
N CYS A 720 2.97 -24.46 -1.43
CA CYS A 720 3.02 -25.51 -2.43
C CYS A 720 4.10 -25.20 -3.47
N ALA A 721 4.78 -26.24 -3.93
CA ALA A 721 5.85 -26.11 -4.91
C ALA A 721 5.38 -26.38 -6.34
N ASP A 722 4.09 -26.20 -6.61
CA ASP A 722 3.54 -26.36 -7.95
C ASP A 722 2.33 -25.47 -8.09
N ARG A 723 2.36 -24.58 -9.09
CA ARG A 723 1.27 -23.62 -9.27
C ARG A 723 -0.05 -24.33 -9.55
N THR A 724 0.00 -25.51 -10.17
CA THR A 724 -1.21 -26.29 -10.35
C THR A 724 -1.85 -26.63 -9.02
N GLU A 725 -1.04 -26.80 -7.97
CA GLU A 725 -1.55 -27.22 -6.67
C GLU A 725 -2.02 -26.07 -5.80
N ARG A 726 -1.64 -24.83 -6.11
CA ARG A 726 -2.03 -23.69 -5.28
C ARG A 726 -3.54 -23.53 -5.30
N VAL A 727 -4.19 -23.83 -4.17
CA VAL A 727 -5.63 -24.04 -4.10
C VAL A 727 -6.34 -22.73 -3.77
N GLY A 728 -7.34 -22.38 -4.57
CA GLY A 728 -8.26 -21.33 -4.23
C GLY A 728 -7.82 -19.96 -4.71
N ARG A 729 -8.61 -18.96 -4.32
CA ARG A 729 -8.30 -17.58 -4.65
C ARG A 729 -7.36 -16.95 -3.64
N SER A 730 -7.08 -17.63 -2.54
CA SER A 730 -5.97 -17.32 -1.67
C SER A 730 -4.74 -18.17 -1.96
N GLY A 731 -4.84 -19.12 -2.88
CA GLY A 731 -3.70 -19.93 -3.26
C GLY A 731 -3.05 -20.63 -2.10
N ASN A 732 -3.84 -21.12 -1.16
CA ASN A 732 -3.35 -21.64 0.11
C ASN A 732 -3.24 -23.16 0.09
N ILE A 733 -2.58 -23.68 1.14
CA ILE A 733 -2.25 -25.09 1.28
C ILE A 733 -3.47 -25.89 1.70
N PRO A 734 -3.52 -27.19 1.39
CA PRO A 734 -4.69 -28.00 1.75
C PRO A 734 -4.70 -28.40 3.22
N ALA A 735 -5.87 -28.86 3.65
CA ALA A 735 -6.06 -29.25 5.04
C ALA A 735 -5.53 -30.65 5.26
N GLY A 736 -4.92 -30.86 6.42
CA GLY A 736 -4.49 -32.19 6.81
C GLY A 736 -3.08 -32.55 6.44
N THR A 737 -2.27 -31.59 5.99
CA THR A 737 -0.88 -31.89 5.73
C THR A 737 -0.10 -31.99 7.04
N THR A 738 0.89 -32.87 7.06
CA THR A 738 1.72 -33.09 8.23
C THR A 738 3.17 -32.87 7.87
N VAL A 739 3.87 -32.05 8.66
CA VAL A 739 5.29 -31.83 8.42
C VAL A 739 6.05 -31.99 9.73
N ASP A 740 6.37 -33.23 10.08
CA ASP A 740 7.17 -33.55 11.25
C ASP A 740 8.62 -33.84 10.92
N THR A 741 9.07 -33.51 9.72
CA THR A 741 10.41 -33.83 9.25
C THR A 741 11.11 -32.56 8.80
N ASP A 742 12.41 -32.47 9.14
CA ASP A 742 13.32 -31.41 8.73
C ASP A 742 13.15 -30.11 9.53
N ILE A 743 12.06 -29.38 9.33
CA ILE A 743 11.96 -28.10 10.04
C ILE A 743 11.57 -28.27 11.50
N THR A 744 11.19 -29.46 11.94
CA THR A 744 10.68 -29.63 13.29
C THR A 744 11.83 -29.90 14.26
N HIS A 745 11.52 -29.85 15.56
CA HIS A 745 12.51 -30.14 16.58
C HIS A 745 13.00 -31.59 16.45
N PRO A 746 14.29 -31.84 16.64
CA PRO A 746 14.82 -33.20 16.42
C PRO A 746 14.40 -34.19 17.49
N TYR A 747 14.97 -34.02 18.70
CA TYR A 747 14.68 -34.94 19.79
C TYR A 747 13.21 -34.90 20.20
N GLU A 748 12.72 -33.71 20.55
CA GLU A 748 11.38 -33.57 21.08
C GLU A 748 10.33 -34.00 20.06
N PHE A 749 9.20 -34.48 20.56
CA PHE A 749 8.13 -35.06 19.73
C PHE A 749 7.15 -33.94 19.43
N ASP A 750 7.40 -33.21 18.35
CA ASP A 750 6.46 -32.20 17.89
C ASP A 750 6.33 -32.32 16.38
N PHE A 751 5.29 -31.68 15.85
CA PHE A 751 4.97 -31.81 14.44
C PHE A 751 3.97 -30.73 14.06
N TYR A 752 3.93 -30.42 12.77
CA TYR A 752 3.02 -29.43 12.22
C TYR A 752 1.89 -30.15 11.50
N LEU A 753 0.68 -29.61 11.63
CA LEU A 753 -0.49 -30.10 10.89
C LEU A 753 -1.31 -28.88 10.49
N CYS A 754 -1.37 -28.61 9.20
CA CYS A 754 -2.24 -27.54 8.69
C CYS A 754 -3.63 -28.15 8.57
N SER A 755 -4.39 -28.03 9.67
CA SER A 755 -5.62 -28.78 9.82
C SER A 755 -6.78 -28.17 9.05
N HIS A 756 -6.72 -26.88 8.73
CA HIS A 756 -7.82 -26.14 8.15
C HIS A 756 -7.56 -25.87 6.67
N ALA A 757 -8.57 -25.27 6.03
CA ALA A 757 -8.47 -24.85 4.64
C ALA A 757 -8.38 -23.33 4.58
N GLY A 758 -7.29 -22.84 3.98
CA GLY A 758 -7.09 -21.40 3.89
C GLY A 758 -8.00 -20.76 2.87
N ILE A 759 -8.92 -19.92 3.34
CA ILE A 759 -9.86 -19.23 2.47
C ILE A 759 -9.46 -17.76 2.28
N GLN A 760 -9.01 -17.11 3.35
CA GLN A 760 -8.62 -15.72 3.30
C GLN A 760 -7.14 -15.60 3.66
N GLY A 761 -6.44 -14.71 2.97
CA GLY A 761 -5.06 -14.44 3.32
C GLY A 761 -4.17 -15.64 3.11
N THR A 762 -3.44 -16.02 4.15
CA THR A 762 -2.51 -17.13 4.07
C THR A 762 -2.50 -17.89 5.39
N SER A 763 -2.54 -19.22 5.31
CA SER A 763 -2.86 -20.03 6.46
C SER A 763 -1.71 -20.07 7.47
N ARG A 764 -2.08 -20.20 8.75
CA ARG A 764 -1.13 -20.45 9.82
C ARG A 764 -1.22 -21.91 10.25
N PRO A 765 -0.19 -22.72 10.02
CA PRO A 765 -0.28 -24.15 10.34
C PRO A 765 -0.09 -24.41 11.84
N SER A 766 -0.97 -25.23 12.41
CA SER A 766 -0.95 -25.53 13.83
C SER A 766 0.21 -26.45 14.16
N HIS A 767 1.02 -26.07 15.16
CA HIS A 767 2.24 -26.79 15.51
C HIS A 767 2.01 -27.51 16.84
N TYR A 768 1.76 -28.82 16.75
CA TYR A 768 1.43 -29.63 17.93
C TYR A 768 2.72 -30.22 18.51
N HIS A 769 2.98 -29.93 19.78
CA HIS A 769 4.14 -30.47 20.48
C HIS A 769 3.68 -31.51 21.47
N VAL A 770 3.94 -32.78 21.16
CA VAL A 770 3.62 -33.86 22.08
C VAL A 770 4.74 -33.96 23.10
N LEU A 771 4.49 -33.46 24.32
CA LEU A 771 5.52 -33.33 25.34
C LEU A 771 5.47 -34.44 26.39
N TRP A 772 4.59 -35.43 26.20
CA TRP A 772 4.46 -36.56 27.10
C TRP A 772 3.52 -37.57 26.46
N ASP A 773 3.89 -38.86 26.44
CA ASP A 773 3.05 -39.86 25.78
C ASP A 773 3.22 -41.19 26.52
N ASP A 774 2.28 -41.50 27.40
CA ASP A 774 2.26 -42.81 28.07
C ASP A 774 1.62 -43.88 27.21
N ASN A 775 1.01 -43.51 26.10
CA ASN A 775 0.30 -44.45 25.24
C ASN A 775 1.17 -44.99 24.12
N CYS A 776 2.46 -44.65 24.12
CA CYS A 776 3.42 -45.15 23.13
C CYS A 776 2.87 -45.02 21.72
N PHE A 777 2.33 -43.84 21.42
CA PHE A 777 1.59 -43.63 20.19
C PHE A 777 2.54 -43.68 19.00
N THR A 778 2.23 -44.52 18.01
CA THR A 778 2.97 -44.45 16.76
C THR A 778 2.64 -43.13 16.09
N ALA A 779 3.65 -42.55 15.43
CA ALA A 779 3.49 -41.19 14.89
C ALA A 779 2.21 -41.03 14.10
N ASP A 780 1.82 -42.06 13.34
CA ASP A 780 0.57 -42.00 12.60
C ASP A 780 -0.63 -42.13 13.52
N GLU A 781 -0.55 -43.02 14.51
CA GLU A 781 -1.64 -43.19 15.46
C GLU A 781 -2.01 -41.88 16.14
N LEU A 782 -1.04 -40.98 16.31
CA LEU A 782 -1.29 -39.70 16.97
C LEU A 782 -1.62 -38.60 15.97
N GLN A 783 -0.89 -38.55 14.85
CA GLN A 783 -1.16 -37.53 13.83
C GLN A 783 -2.58 -37.67 13.29
N LEU A 784 -2.91 -38.84 12.75
CA LEU A 784 -4.26 -39.07 12.25
C LEU A 784 -5.30 -38.79 13.32
N LEU A 785 -5.00 -39.17 14.57
CA LEU A 785 -5.94 -38.94 15.66
C LEU A 785 -6.25 -37.45 15.83
N THR A 786 -5.21 -36.62 15.94
CA THR A 786 -5.44 -35.19 16.03
C THR A 786 -6.22 -34.67 14.83
N TYR A 787 -5.96 -35.24 13.65
CA TYR A 787 -6.69 -34.80 12.46
C TYR A 787 -8.17 -35.14 12.57
N GLN A 788 -8.49 -36.40 12.89
CA GLN A 788 -9.88 -36.80 13.02
C GLN A 788 -10.59 -35.98 14.09
N LEU A 789 -9.86 -35.54 15.12
CA LEU A 789 -10.45 -34.69 16.14
C LEU A 789 -10.82 -33.31 15.58
N CYS A 790 -9.99 -32.80 14.67
CA CYS A 790 -10.22 -31.47 14.11
C CYS A 790 -11.56 -31.37 13.38
N HIS A 791 -12.16 -32.50 13.00
CA HIS A 791 -13.43 -32.48 12.31
C HIS A 791 -14.61 -32.63 13.26
N THR A 792 -14.37 -32.67 14.58
CA THR A 792 -15.42 -32.86 15.56
C THR A 792 -16.01 -31.55 16.06
N TYR A 793 -15.96 -30.50 15.23
CA TYR A 793 -16.48 -29.20 15.61
C TYR A 793 -17.94 -29.09 15.14
N VAL A 794 -18.76 -28.44 15.96
CA VAL A 794 -20.20 -28.48 15.76
C VAL A 794 -20.76 -27.19 15.18
N ARG A 795 -20.16 -26.04 15.45
CA ARG A 795 -20.72 -24.77 15.01
C ARG A 795 -20.66 -24.59 13.50
N CYS A 796 -20.03 -25.52 12.78
CA CYS A 796 -19.81 -25.40 11.35
C CYS A 796 -19.30 -26.74 10.83
N THR A 797 -19.66 -27.04 9.59
CA THR A 797 -19.20 -28.26 8.92
C THR A 797 -17.95 -27.96 8.11
N ARG A 798 -16.89 -27.61 8.84
CA ARG A 798 -15.59 -27.30 8.28
C ARG A 798 -14.50 -27.85 9.20
N SER A 799 -13.26 -27.75 8.76
CA SER A 799 -12.11 -28.22 9.54
C SER A 799 -11.40 -27.03 10.15
N VAL A 800 -11.23 -27.05 11.47
CA VAL A 800 -10.63 -25.96 12.20
C VAL A 800 -9.14 -26.22 12.36
N SER A 801 -8.40 -25.18 12.75
CA SER A 801 -6.95 -25.30 12.84
C SER A 801 -6.54 -26.19 14.02
N ILE A 802 -7.28 -26.13 15.12
CA ILE A 802 -6.96 -26.87 16.34
C ILE A 802 -8.05 -27.90 16.59
N PRO A 803 -7.75 -29.00 17.29
CA PRO A 803 -8.81 -29.98 17.59
C PRO A 803 -9.90 -29.38 18.45
N ALA A 804 -11.13 -29.85 18.24
CA ALA A 804 -12.33 -29.28 18.86
C ALA A 804 -12.19 -28.97 20.36
N PRO A 805 -11.64 -29.86 21.20
CA PRO A 805 -11.46 -29.47 22.61
C PRO A 805 -10.58 -28.24 22.77
N ALA A 806 -9.46 -28.16 22.06
CA ALA A 806 -8.63 -26.96 22.13
C ALA A 806 -9.38 -25.74 21.63
N TYR A 807 -10.38 -25.94 20.75
CA TYR A 807 -11.24 -24.85 20.32
C TYR A 807 -12.39 -24.59 21.28
N TYR A 808 -12.68 -25.53 22.18
CA TYR A 808 -13.78 -25.35 23.13
C TYR A 808 -13.38 -24.54 24.35
N ALA A 809 -12.25 -24.90 24.99
CA ALA A 809 -11.76 -24.12 26.11
C ALA A 809 -11.46 -22.69 25.71
N HIS A 810 -11.26 -22.44 24.41
CA HIS A 810 -11.09 -21.07 23.94
C HIS A 810 -12.40 -20.29 24.05
N LEU A 811 -13.51 -20.90 23.64
CA LEU A 811 -14.80 -20.21 23.73
C LEU A 811 -15.26 -20.08 25.17
N VAL A 812 -14.98 -21.08 26.00
CA VAL A 812 -15.32 -20.99 27.43
C VAL A 812 -14.58 -19.83 28.06
N ALA A 813 -13.27 -19.75 27.85
CA ALA A 813 -12.50 -18.61 28.35
C ALA A 813 -12.88 -17.31 27.67
N PHE A 814 -13.39 -17.38 26.44
CA PHE A 814 -13.85 -16.18 25.74
C PHE A 814 -15.23 -15.77 26.20
N ARG A 815 -16.04 -16.73 26.67
CA ARG A 815 -17.37 -16.46 27.20
C ARG A 815 -17.39 -16.38 28.71
N ALA A 816 -16.21 -16.28 29.34
CA ALA A 816 -16.14 -15.92 30.74
C ALA A 816 -15.79 -14.45 30.94
N ARG A 817 -15.23 -13.81 29.92
CA ARG A 817 -14.94 -12.39 29.99
C ARG A 817 -16.14 -11.52 29.71
N TYR A 818 -17.15 -12.04 29.00
CA TYR A 818 -18.46 -11.41 29.03
C TYR A 818 -19.08 -11.54 30.42
N HIS A 819 -18.84 -12.67 31.09
CA HIS A 819 -19.33 -12.83 32.45
C HIS A 819 -18.60 -11.90 33.42
N LEU A 820 -17.33 -11.60 33.15
CA LEU A 820 -16.58 -10.69 34.01
C LEU A 820 -17.07 -9.25 33.82
N VAL A 821 -17.30 -8.84 32.58
CA VAL A 821 -17.67 -7.47 32.27
C VAL A 821 -19.04 -7.19 32.90
N ASP A 822 -19.06 -6.43 33.98
CA ASP A 822 -20.30 -6.09 34.68
C ASP A 822 -20.36 -4.60 34.99
N ARG A 840 -18.02 -12.37 49.35
CA ARG A 840 -16.68 -11.77 49.33
C ARG A 840 -16.19 -11.50 47.91
N ASP A 841 -15.05 -10.82 47.82
CA ASP A 841 -14.40 -10.63 46.52
C ASP A 841 -14.10 -11.95 45.81
N PRO A 842 -13.47 -12.96 46.43
CA PRO A 842 -13.29 -14.22 45.69
C PRO A 842 -14.61 -14.84 45.23
N GLN A 843 -15.67 -14.76 46.04
CA GLN A 843 -16.92 -15.42 45.68
C GLN A 843 -17.70 -14.70 44.58
N ALA A 844 -17.62 -13.36 44.55
CA ALA A 844 -18.29 -12.62 43.48
C ALA A 844 -17.69 -12.99 42.13
N LEU A 845 -16.36 -12.94 42.03
CA LEU A 845 -15.69 -13.26 40.79
C LEU A 845 -15.53 -14.78 40.57
N ALA A 846 -15.65 -15.62 41.62
CA ALA A 846 -15.64 -17.06 41.38
C ALA A 846 -17.03 -17.58 40.96
N LYS A 847 -18.08 -17.13 41.64
CA LYS A 847 -19.41 -17.60 41.26
C LYS A 847 -19.83 -16.99 39.93
N ALA A 848 -19.27 -15.83 39.57
CA ALA A 848 -19.66 -15.17 38.33
C ALA A 848 -19.48 -16.08 37.13
N VAL A 849 -18.54 -17.02 37.19
CA VAL A 849 -18.28 -17.88 36.06
C VAL A 849 -19.02 -19.21 36.19
N GLN A 850 -19.14 -19.75 37.39
CA GLN A 850 -19.68 -21.10 37.54
C GLN A 850 -21.13 -21.14 37.11
N ILE A 851 -21.45 -22.08 36.24
CA ILE A 851 -22.74 -22.15 35.55
C ILE A 851 -23.75 -22.88 36.43
N HIS A 852 -25.02 -22.52 36.27
CA HIS A 852 -26.09 -23.19 36.98
C HIS A 852 -26.12 -24.67 36.60
N GLN A 853 -26.49 -25.51 37.58
CA GLN A 853 -26.32 -26.95 37.43
C GLN A 853 -27.10 -27.51 36.24
N ASP A 854 -28.28 -26.96 35.97
CA ASP A 854 -29.06 -27.43 34.83
C ASP A 854 -28.40 -27.10 33.49
N THR A 855 -27.38 -26.23 33.47
CA THR A 855 -26.62 -25.95 32.26
C THR A 855 -25.14 -26.22 32.46
N LEU A 856 -24.80 -27.15 33.33
CA LEU A 856 -23.42 -27.64 33.42
C LEU A 856 -23.21 -28.88 32.58
N ARG A 857 -24.28 -29.63 32.32
CA ARG A 857 -24.24 -30.86 31.57
C ARG A 857 -24.45 -30.63 30.07
N THR A 858 -24.28 -29.39 29.61
CA THR A 858 -24.67 -28.98 28.27
C THR A 858 -23.49 -28.40 27.50
N MET A 859 -23.66 -28.32 26.18
CA MET A 859 -22.69 -27.69 25.28
C MET A 859 -23.09 -26.22 25.12
N TYR A 860 -22.84 -25.43 26.17
CA TYR A 860 -23.30 -24.05 26.18
C TYR A 860 -22.37 -23.12 25.43
N PHE A 861 -21.06 -23.38 25.48
CA PHE A 861 -20.07 -22.41 24.99
C PHE A 861 -20.20 -22.17 23.50
N ALA A 862 -20.62 -23.17 22.75
CA ALA A 862 -20.69 -23.10 21.30
C ALA A 862 -21.64 -22.01 20.82
N LEU C 17 17.02 42.17 -24.00
CA LEU C 17 16.18 41.15 -24.61
C LEU C 17 16.12 39.92 -23.72
N MET C 18 16.35 38.75 -24.29
CA MET C 18 16.34 37.47 -23.57
C MET C 18 15.03 37.35 -22.79
N VAL C 19 15.09 36.71 -21.63
CA VAL C 19 13.91 36.51 -20.79
C VAL C 19 13.44 37.87 -20.28
N PRO C 20 12.26 38.33 -20.65
CA PRO C 20 11.76 39.63 -20.15
C PRO C 20 11.51 39.56 -18.64
N ARG C 21 12.27 40.36 -17.90
CA ARG C 21 12.16 40.33 -16.45
C ARG C 21 10.76 40.73 -16.01
N ARG C 22 10.42 40.33 -14.79
CA ARG C 22 9.08 40.56 -14.28
C ARG C 22 8.80 42.06 -14.20
N PRO C 23 7.70 42.54 -14.80
CA PRO C 23 7.37 43.97 -14.73
C PRO C 23 6.71 44.39 -13.43
N GLY C 24 6.44 43.47 -12.53
CA GLY C 24 5.72 43.77 -11.31
C GLY C 24 4.99 42.54 -10.81
N TYR C 25 4.21 42.73 -9.76
CA TYR C 25 3.56 41.63 -9.08
C TYR C 25 2.04 41.82 -9.10
N GLY C 26 1.33 40.69 -9.05
CA GLY C 26 -0.11 40.72 -9.13
C GLY C 26 -0.76 41.02 -7.79
N THR C 27 -1.99 41.52 -7.84
CA THR C 27 -2.72 41.92 -6.64
C THR C 27 -4.22 41.84 -6.91
N MET C 28 -4.74 40.61 -6.89
CA MET C 28 -6.16 40.38 -7.08
C MET C 28 -6.57 39.06 -6.46
N GLY C 29 -7.82 39.00 -6.02
CA GLY C 29 -8.43 37.79 -5.52
C GLY C 29 -8.43 37.73 -4.00
N LYS C 30 -9.18 36.77 -3.47
CA LYS C 30 -9.17 36.52 -2.04
C LYS C 30 -7.78 36.06 -1.62
N PRO C 31 -7.06 36.83 -0.80
CA PRO C 31 -5.77 36.35 -0.31
C PRO C 31 -5.96 35.08 0.53
N ILE C 32 -4.98 34.19 0.43
CA ILE C 32 -5.06 32.89 1.09
C ILE C 32 -3.65 32.49 1.51
N LYS C 33 -3.52 32.05 2.75
CA LYS C 33 -2.26 31.49 3.25
C LYS C 33 -2.09 30.07 2.73
N LEU C 34 -0.87 29.73 2.29
CA LEU C 34 -0.64 28.44 1.65
C LEU C 34 0.71 27.89 2.07
N LEU C 35 1.00 26.67 1.60
CA LEU C 35 2.24 25.96 1.90
C LEU C 35 2.73 25.29 0.63
N ALA C 36 3.95 25.59 0.20
CA ALA C 36 4.50 25.00 -1.01
C ALA C 36 5.58 23.98 -0.65
N ASN C 37 5.62 22.89 -1.42
CA ASN C 37 6.62 21.85 -1.19
C ASN C 37 8.03 22.32 -1.53
N CYS C 38 8.45 23.42 -0.90
CA CYS C 38 9.68 24.10 -1.24
C CYS C 38 10.41 24.47 0.03
N PHE C 39 11.74 24.35 0.02
CA PHE C 39 12.52 24.52 1.24
C PHE C 39 13.71 25.42 0.97
N GLN C 40 13.92 26.39 1.88
CA GLN C 40 14.94 27.39 1.71
C GLN C 40 16.32 26.83 2.05
N VAL C 41 17.31 27.16 1.23
CA VAL C 41 18.68 26.70 1.39
C VAL C 41 19.61 27.90 1.31
N GLU C 42 20.59 27.94 2.21
CA GLU C 42 21.57 29.02 2.25
C GLU C 42 22.97 28.46 2.08
N ILE C 43 23.86 29.28 1.54
CA ILE C 43 25.21 28.85 1.16
C ILE C 43 26.22 29.90 1.61
N PRO C 44 27.38 29.50 2.12
CA PRO C 44 28.45 30.48 2.39
C PRO C 44 28.90 31.14 1.10
N LYS C 45 29.65 32.24 1.25
CA LYS C 45 30.34 32.80 0.09
C LYS C 45 31.51 31.95 -0.35
N ILE C 46 31.72 30.81 0.31
CA ILE C 46 32.96 30.06 0.19
C ILE C 46 33.03 29.38 -1.17
N ASP C 47 34.22 29.41 -1.76
CA ASP C 47 34.45 28.81 -3.06
C ASP C 47 34.76 27.32 -2.96
N VAL C 48 34.21 26.55 -3.88
CA VAL C 48 34.43 25.11 -3.94
C VAL C 48 34.96 24.76 -5.32
N TYR C 49 35.90 23.82 -5.34
CA TYR C 49 36.57 23.39 -6.56
C TYR C 49 35.88 22.23 -7.26
N LEU C 50 35.93 22.29 -8.57
CA LEU C 50 35.44 21.22 -9.43
C LEU C 50 36.62 20.33 -9.77
N TYR C 51 36.39 19.03 -9.80
CA TYR C 51 37.44 18.08 -10.08
C TYR C 51 36.91 17.09 -11.08
N GLU C 52 37.55 17.00 -12.24
CA GLU C 52 37.03 16.21 -13.35
C GLU C 52 37.82 14.91 -13.46
N VAL C 53 37.11 13.79 -13.36
CA VAL C 53 37.68 12.46 -13.16
C VAL C 53 37.18 11.54 -14.27
N ASP C 54 38.10 10.94 -15.02
CA ASP C 54 37.75 9.99 -16.08
C ASP C 54 38.23 8.60 -15.69
N ILE C 55 37.27 7.68 -15.55
CA ILE C 55 37.54 6.31 -15.15
C ILE C 55 37.67 5.51 -16.43
N LYS C 56 38.82 5.61 -17.10
CA LYS C 56 39.08 4.75 -18.25
C LYS C 56 38.82 3.31 -17.85
N PRO C 57 37.88 2.65 -18.55
CA PRO C 57 37.11 3.15 -19.70
C PRO C 57 35.84 3.92 -19.36
N ASP C 58 35.53 4.97 -20.12
CA ASP C 58 34.38 5.82 -19.85
C ASP C 58 33.05 5.14 -20.18
N LYS C 59 33.06 3.85 -20.51
CA LYS C 59 31.87 3.21 -21.08
C LYS C 59 30.84 2.84 -20.02
N CYS C 60 31.27 2.67 -18.77
CA CYS C 60 30.47 1.99 -17.76
C CYS C 60 29.36 2.90 -17.21
N PRO C 61 28.36 2.32 -16.54
CA PRO C 61 27.23 3.14 -16.09
C PRO C 61 27.59 4.09 -14.96
N ARG C 62 26.65 5.01 -14.70
CA ARG C 62 26.88 6.06 -13.73
C ARG C 62 27.16 5.46 -12.36
N ARG C 63 26.49 4.36 -12.03
CA ARG C 63 26.76 3.67 -10.78
C ARG C 63 28.17 3.11 -10.73
N VAL C 64 28.68 2.63 -11.85
CA VAL C 64 30.04 2.10 -11.87
C VAL C 64 31.06 3.23 -11.70
N ASN C 65 30.90 4.32 -12.45
CA ASN C 65 31.79 5.46 -12.28
C ASN C 65 31.74 5.99 -10.85
N ARG C 66 30.53 6.07 -10.28
CA ARG C 66 30.41 6.50 -8.89
C ARG C 66 31.15 5.55 -7.96
N GLU C 67 30.94 4.25 -8.16
CA GLU C 67 31.63 3.27 -7.34
C GLU C 67 33.14 3.43 -7.46
N VAL C 68 33.63 3.65 -8.68
CA VAL C 68 35.07 3.81 -8.86
C VAL C 68 35.56 5.04 -8.09
N VAL C 69 34.79 6.12 -8.14
CA VAL C 69 35.16 7.32 -7.39
C VAL C 69 35.14 7.04 -5.90
N ASP C 70 34.12 6.31 -5.44
CA ASP C 70 34.05 5.97 -4.02
C ASP C 70 35.27 5.15 -3.59
N SER C 71 35.65 4.16 -4.40
CA SER C 71 36.86 3.39 -4.08
C SER C 71 38.09 4.27 -4.14
N MET C 72 38.10 5.24 -5.05
CA MET C 72 39.22 6.17 -5.12
C MET C 72 39.31 7.06 -3.88
N VAL C 73 38.19 7.57 -3.38
CA VAL C 73 38.29 8.39 -2.18
C VAL C 73 38.54 7.52 -0.95
N GLN C 74 38.02 6.30 -0.93
CA GLN C 74 38.13 5.45 0.25
C GLN C 74 39.52 4.85 0.38
N HIS C 75 40.10 4.43 -0.74
CA HIS C 75 41.42 3.81 -0.78
C HIS C 75 42.50 4.85 -1.09
N PHE C 76 42.37 5.55 -2.21
CA PHE C 76 43.32 6.60 -2.55
C PHE C 76 42.99 7.89 -1.81
N LYS C 77 42.83 7.81 -0.49
CA LYS C 77 42.88 9.01 0.33
C LYS C 77 44.22 9.70 0.20
N VAL C 78 45.30 8.92 0.24
CA VAL C 78 46.69 9.35 0.15
C VAL C 78 46.86 10.55 1.09
N THR C 79 47.46 11.62 0.60
CA THR C 79 47.54 12.88 1.33
C THR C 79 46.61 13.94 0.78
N ILE C 80 46.24 13.80 -0.49
CA ILE C 80 45.34 14.73 -1.17
C ILE C 80 44.00 14.80 -0.45
N PHE C 81 43.27 13.69 -0.41
CA PHE C 81 41.94 13.71 0.16
C PHE C 81 42.00 13.98 1.66
N GLY C 82 42.97 13.39 2.34
CA GLY C 82 43.09 13.62 3.76
C GLY C 82 42.07 12.80 4.54
N ASP C 83 41.92 13.18 5.82
CA ASP C 83 40.94 12.53 6.67
C ASP C 83 39.53 12.78 6.16
N ARG C 84 39.28 13.97 5.62
CA ARG C 84 37.97 14.34 5.08
C ARG C 84 37.61 13.48 3.88
N PRO C 86 34.81 13.65 -1.96
CA PRO C 86 33.51 13.67 -1.27
C PRO C 86 32.37 13.42 -2.28
N VAL C 87 31.84 14.41 -2.98
CA VAL C 87 30.69 14.16 -3.85
C VAL C 87 31.09 14.22 -5.32
N TYR C 88 30.30 13.54 -6.15
CA TYR C 88 30.72 13.28 -7.53
C TYR C 88 29.51 12.98 -8.40
N ASP C 89 29.43 13.64 -9.55
CA ASP C 89 28.22 13.70 -10.38
C ASP C 89 27.86 12.37 -11.02
N GLY C 90 28.55 11.29 -10.66
CA GLY C 90 28.37 10.04 -11.34
C GLY C 90 29.00 9.95 -12.71
N LYS C 91 29.31 11.09 -13.32
CA LYS C 91 30.00 11.15 -14.61
C LYS C 91 31.49 11.39 -14.44
N ARG C 92 31.88 12.66 -14.49
CA ARG C 92 33.30 12.97 -14.38
C ARG C 92 33.62 14.17 -13.51
N SER C 93 32.70 14.68 -12.68
CA SER C 93 33.03 15.85 -11.86
C SER C 93 32.93 15.54 -10.38
N LEU C 94 34.01 15.84 -9.66
CA LEU C 94 34.15 15.55 -8.24
C LEU C 94 34.24 16.89 -7.51
N TYR C 95 33.42 17.13 -6.48
CA TYR C 95 33.29 18.45 -5.84
C TYR C 95 33.66 18.44 -4.35
N THR C 96 34.78 19.09 -3.97
CA THR C 96 35.30 19.08 -2.59
C THR C 96 34.97 20.40 -1.94
N ALA C 97 34.68 20.38 -0.63
CA ALA C 97 34.59 21.65 0.11
C ALA C 97 35.94 22.28 0.36
N ASN C 98 37.00 21.49 0.48
CA ASN C 98 38.35 21.97 0.81
C ASN C 98 39.30 21.68 -0.35
N PRO C 99 40.36 22.48 -0.51
CA PRO C 99 41.21 22.31 -1.69
C PRO C 99 41.92 20.96 -1.71
N LEU C 100 41.86 20.32 -2.87
CA LEU C 100 42.77 19.21 -3.11
C LEU C 100 44.17 19.79 -3.27
N PRO C 101 45.16 19.29 -2.54
CA PRO C 101 46.51 19.83 -2.69
C PRO C 101 47.18 19.54 -4.02
N VAL C 102 46.56 18.77 -4.92
CA VAL C 102 47.26 18.37 -6.13
C VAL C 102 47.45 19.55 -7.07
N ALA C 103 46.43 20.39 -7.23
CA ALA C 103 46.56 21.74 -7.77
C ALA C 103 46.93 21.70 -9.26
N THR C 104 46.07 21.03 -10.02
CA THR C 104 45.94 20.97 -11.47
C THR C 104 47.10 20.31 -12.18
N THR C 105 48.11 19.84 -11.46
CA THR C 105 49.01 18.88 -12.07
C THR C 105 48.23 17.59 -12.35
N GLY C 106 48.62 16.91 -13.42
CA GLY C 106 47.92 15.69 -13.79
C GLY C 106 48.02 14.63 -12.71
N VAL C 107 46.88 14.01 -12.42
CA VAL C 107 46.77 13.01 -11.35
C VAL C 107 46.49 11.66 -11.99
N ASP C 108 47.30 10.67 -11.68
CA ASP C 108 47.12 9.31 -12.14
C ASP C 108 46.79 8.45 -10.94
N LEU C 109 45.55 7.96 -10.86
CA LEU C 109 45.08 7.13 -9.77
C LEU C 109 44.52 5.84 -10.32
N ASP C 110 45.09 4.71 -9.89
CA ASP C 110 44.70 3.37 -10.35
C ASP C 110 43.76 2.75 -9.32
N VAL C 111 42.49 2.65 -9.65
CA VAL C 111 41.45 2.29 -8.69
C VAL C 111 41.02 0.85 -8.91
N THR C 112 40.90 0.10 -7.82
CA THR C 112 40.58 -1.31 -7.94
C THR C 112 39.38 -1.67 -7.09
N PHE C 123 40.73 -0.27 -13.35
CA PHE C 123 40.00 0.99 -13.41
C PHE C 123 40.84 2.15 -12.90
N LYS C 124 41.46 2.91 -13.79
CA LYS C 124 42.24 4.06 -13.38
C LYS C 124 41.44 5.32 -13.65
N VAL C 125 41.24 6.11 -12.59
CA VAL C 125 40.48 7.35 -12.66
C VAL C 125 41.45 8.51 -12.48
N SER C 126 41.37 9.50 -13.36
CA SER C 126 42.29 10.63 -13.38
C SER C 126 41.54 11.91 -13.06
N ILE C 127 42.00 12.64 -12.05
CA ILE C 127 41.38 13.88 -11.60
C ILE C 127 42.16 15.05 -12.17
N LYS C 128 41.45 16.02 -12.74
CA LYS C 128 42.06 17.28 -13.15
C LYS C 128 41.40 18.42 -12.40
N PHE C 129 42.21 19.16 -11.64
CA PHE C 129 41.79 20.36 -10.93
C PHE C 129 41.30 21.40 -11.92
N VAL C 130 40.30 22.17 -11.49
CA VAL C 130 39.75 23.22 -12.34
C VAL C 130 39.75 24.47 -11.45
N SER C 131 38.84 25.40 -11.67
CA SER C 131 38.74 26.62 -10.89
C SER C 131 37.52 26.54 -9.99
N ARG C 132 37.59 27.30 -8.89
CA ARG C 132 36.67 27.19 -7.77
C ARG C 132 35.39 27.97 -7.97
N VAL C 133 34.32 27.26 -8.31
CA VAL C 133 32.99 27.84 -8.30
C VAL C 133 32.81 28.53 -6.94
N SER C 134 32.98 29.85 -6.92
CA SER C 134 32.86 30.62 -5.69
C SER C 134 31.38 30.81 -5.36
N TRP C 135 30.98 30.43 -4.16
CA TRP C 135 29.55 30.41 -3.91
C TRP C 135 28.96 31.80 -3.73
N HIS C 136 29.80 32.84 -3.74
CA HIS C 136 29.25 34.19 -3.83
C HIS C 136 28.54 34.39 -5.16
N LEU C 137 28.96 33.65 -6.20
CA LEU C 137 28.37 33.80 -7.53
C LEU C 137 26.86 33.62 -7.52
N LEU C 138 26.36 32.67 -6.72
CA LEU C 138 24.91 32.50 -6.58
C LEU C 138 24.27 33.79 -6.10
N HIS C 139 24.90 34.48 -5.14
CA HIS C 139 24.33 35.71 -4.60
C HIS C 139 24.27 36.81 -5.66
N GLU C 140 25.36 37.02 -6.41
CA GLU C 140 25.33 38.08 -7.42
C GLU C 140 24.34 37.74 -8.53
N VAL C 141 24.24 36.47 -8.90
CA VAL C 141 23.26 36.06 -9.91
C VAL C 141 21.85 36.39 -9.44
N LEU C 142 21.54 36.08 -8.18
CA LEU C 142 20.21 36.33 -7.64
C LEU C 142 19.85 37.81 -7.75
N THR C 143 20.76 38.69 -7.34
CA THR C 143 20.51 40.12 -7.27
C THR C 143 21.39 40.80 -8.32
N GLY C 144 20.87 40.87 -9.54
CA GLY C 144 21.59 41.48 -10.65
C GLY C 144 20.79 41.50 -11.92
N ARG C 145 21.43 41.16 -13.05
CA ARG C 145 20.78 41.22 -14.34
C ARG C 145 21.25 40.08 -15.23
N THR C 146 21.70 38.98 -14.64
CA THR C 146 22.37 37.89 -15.36
C THR C 146 21.56 36.62 -15.22
N LEU C 147 20.50 36.48 -16.01
CA LEU C 147 19.78 35.22 -16.07
C LEU C 147 19.55 34.81 -17.53
N PRO C 161 28.09 26.20 -11.32
CA PRO C 161 27.00 27.13 -11.04
C PRO C 161 26.10 26.64 -9.93
N VAL C 162 24.79 26.63 -10.17
CA VAL C 162 23.84 26.13 -9.18
C VAL C 162 23.92 24.61 -9.08
N HIS C 163 24.34 23.95 -10.16
CA HIS C 163 24.44 22.49 -10.19
C HIS C 163 25.29 21.96 -9.03
N ALA C 164 26.11 22.81 -8.42
CA ALA C 164 27.01 22.31 -7.39
C ALA C 164 26.29 22.11 -6.06
N VAL C 165 25.19 22.82 -5.80
CA VAL C 165 24.43 22.53 -4.59
C VAL C 165 23.69 21.21 -4.72
N ASP C 166 23.15 20.91 -5.91
CA ASP C 166 22.26 19.76 -6.05
C ASP C 166 23.00 18.46 -5.76
N VAL C 167 24.23 18.35 -6.23
CA VAL C 167 25.01 17.12 -6.05
C VAL C 167 25.24 16.82 -4.57
N VAL C 168 25.20 17.85 -3.72
CA VAL C 168 25.40 17.64 -2.30
C VAL C 168 24.19 16.95 -1.69
N LEU C 169 23.00 17.45 -1.99
CA LEU C 169 21.78 16.81 -1.49
C LEU C 169 21.47 15.50 -2.18
N ARG C 170 22.20 15.15 -3.24
CA ARG C 170 21.93 13.91 -3.98
C ARG C 170 22.94 12.81 -3.74
N HIS C 171 24.13 13.11 -3.21
CA HIS C 171 25.13 12.06 -3.08
C HIS C 171 24.90 11.18 -1.85
N LEU C 172 24.04 11.59 -0.93
CA LEU C 172 23.65 10.66 0.12
C LEU C 172 22.47 9.81 -0.36
N PRO C 173 21.37 10.39 -0.85
CA PRO C 173 20.26 9.54 -1.30
C PRO C 173 20.61 8.64 -2.47
N SER C 174 21.44 9.10 -3.41
CA SER C 174 21.80 8.24 -4.54
C SER C 174 22.67 7.08 -4.09
N MET C 175 23.41 7.24 -2.99
CA MET C 175 24.07 6.10 -2.35
C MET C 175 23.04 5.11 -1.81
N LYS C 176 21.99 5.63 -1.19
CA LYS C 176 20.90 4.81 -0.67
C LYS C 176 20.11 4.19 -1.81
N TYR C 177 19.34 5.02 -2.50
CA TYR C 177 18.35 4.55 -3.46
C TYR C 177 19.02 4.28 -4.81
N THR C 178 18.20 3.98 -5.82
CA THR C 178 18.67 3.86 -7.18
C THR C 178 18.30 5.13 -7.93
N PRO C 179 19.26 5.99 -8.29
CA PRO C 179 18.90 7.27 -8.92
C PRO C 179 18.20 7.07 -10.25
N VAL C 180 17.06 7.73 -10.40
CA VAL C 180 16.26 7.68 -11.63
C VAL C 180 16.16 9.12 -12.13
N GLY C 181 17.15 9.56 -12.89
CA GLY C 181 17.19 10.93 -13.37
C GLY C 181 17.20 11.95 -12.25
N ARG C 182 16.04 12.51 -11.94
CA ARG C 182 15.91 13.55 -10.91
C ARG C 182 15.28 13.06 -9.62
N SER C 183 14.63 11.90 -9.63
CA SER C 183 13.98 11.36 -8.45
C SER C 183 14.64 10.04 -8.04
N PHE C 184 14.25 9.56 -6.87
CA PHE C 184 14.74 8.30 -6.33
C PHE C 184 13.57 7.37 -6.09
N PHE C 185 13.86 6.11 -5.78
CA PHE C 185 12.83 5.11 -5.54
C PHE C 185 13.38 4.01 -4.64
N SER C 186 12.48 3.40 -3.87
CA SER C 186 12.84 2.35 -2.92
C SER C 186 12.03 1.10 -3.21
N ALA C 187 12.71 -0.04 -3.29
CA ALA C 187 12.04 -1.30 -3.60
C ALA C 187 10.94 -1.56 -2.57
N PRO C 188 9.79 -2.08 -2.99
CA PRO C 188 8.68 -2.22 -2.06
C PRO C 188 8.82 -3.44 -1.16
N GLU C 189 10.02 -3.69 -0.65
CA GLU C 189 10.27 -4.90 0.12
C GLU C 189 9.42 -4.90 1.38
N GLY C 190 8.71 -6.00 1.61
CA GLY C 190 7.74 -6.05 2.69
C GLY C 190 6.32 -5.77 2.28
N TYR C 191 6.10 -5.38 1.02
CA TYR C 191 4.76 -5.23 0.45
C TYR C 191 4.88 -5.46 -1.05
N ASP C 192 3.79 -5.22 -1.79
CA ASP C 192 3.81 -5.53 -3.21
C ASP C 192 2.78 -4.68 -3.93
N HIS C 193 3.16 -4.13 -5.08
CA HIS C 193 2.31 -3.24 -5.87
C HIS C 193 2.42 -3.62 -7.33
N PRO C 194 1.82 -4.74 -7.73
CA PRO C 194 2.03 -5.27 -9.07
C PRO C 194 1.09 -4.63 -10.09
N LEU C 195 1.41 -4.86 -11.35
CA LEU C 195 0.57 -4.40 -12.46
C LEU C 195 0.23 -5.49 -13.46
N GLY C 196 0.85 -6.67 -13.37
CA GLY C 196 0.82 -7.63 -14.45
C GLY C 196 1.91 -7.36 -15.47
N GLY C 197 2.11 -8.33 -16.36
CA GLY C 197 3.18 -8.21 -17.33
C GLY C 197 4.54 -8.09 -16.71
N GLY C 198 4.71 -8.58 -15.49
CA GLY C 198 6.01 -8.52 -14.83
C GLY C 198 6.44 -7.13 -14.45
N ARG C 199 5.49 -6.29 -14.03
CA ARG C 199 5.76 -4.89 -13.75
C ARG C 199 5.24 -4.52 -12.38
N GLU C 200 6.09 -3.90 -11.57
CA GLU C 200 5.74 -3.34 -10.28
C GLU C 200 5.71 -1.82 -10.38
N VAL C 201 5.45 -1.19 -9.23
CA VAL C 201 5.68 0.23 -9.03
C VAL C 201 6.41 0.42 -7.72
N TRP C 202 7.46 1.24 -7.72
CA TRP C 202 8.14 1.62 -6.50
C TRP C 202 7.81 3.05 -6.16
N PHE C 203 7.79 3.36 -4.87
CA PHE C 203 7.59 4.72 -4.40
C PHE C 203 8.91 5.35 -4.02
N GLY C 204 9.13 6.55 -4.51
CA GLY C 204 10.28 7.34 -4.10
C GLY C 204 9.93 8.81 -4.13
N PHE C 205 10.91 9.66 -4.41
CA PHE C 205 10.67 11.09 -4.29
C PHE C 205 11.51 11.88 -5.28
N HIS C 206 10.93 12.95 -5.79
CA HIS C 206 11.65 13.91 -6.61
C HIS C 206 12.51 14.82 -5.76
N GLN C 207 13.59 15.32 -6.37
CA GLN C 207 14.50 16.25 -5.71
C GLN C 207 15.15 17.12 -6.79
N SER C 208 14.69 18.36 -6.90
CA SER C 208 15.33 19.35 -7.74
C SER C 208 15.43 20.65 -6.97
N VAL C 209 16.50 21.36 -7.18
CA VAL C 209 16.60 22.72 -6.69
C VAL C 209 16.11 23.64 -7.79
N ARG C 210 15.60 24.79 -7.39
CA ARG C 210 15.19 25.85 -8.29
C ARG C 210 15.56 27.16 -7.59
N PRO C 211 16.11 28.10 -8.33
CA PRO C 211 16.37 29.42 -7.73
C PRO C 211 15.08 30.21 -7.57
N ALA C 212 14.44 30.12 -6.41
CA ALA C 212 13.21 30.85 -6.21
C ALA C 212 13.50 32.33 -5.99
N MET C 213 12.44 33.13 -6.02
CA MET C 213 12.53 34.57 -5.84
C MET C 213 13.30 34.93 -4.57
N TRP C 214 14.53 35.43 -4.76
CA TRP C 214 15.39 35.95 -3.70
C TRP C 214 15.93 34.88 -2.77
N LYS C 215 15.68 33.60 -3.04
CA LYS C 215 16.26 32.56 -2.20
C LYS C 215 16.25 31.23 -2.94
N MET C 216 17.26 30.40 -2.65
CA MET C 216 17.30 29.05 -3.18
C MET C 216 16.16 28.23 -2.60
N MET C 217 15.68 27.28 -3.40
CA MET C 217 14.50 26.51 -3.07
C MET C 217 14.73 25.05 -3.44
N LEU C 218 14.33 24.15 -2.56
CA LEU C 218 14.54 22.71 -2.77
C LEU C 218 13.19 22.05 -3.01
N ASN C 219 13.00 21.52 -4.22
CA ASN C 219 11.72 20.89 -4.58
C ASN C 219 11.73 19.43 -4.17
N ILE C 220 10.75 19.05 -3.35
CA ILE C 220 10.54 17.66 -2.97
C ILE C 220 9.06 17.32 -3.18
N ASP C 221 8.80 16.17 -3.78
CA ASP C 221 7.45 15.75 -4.09
C ASP C 221 7.48 14.26 -4.41
N VAL C 222 6.46 13.54 -3.92
CA VAL C 222 6.44 12.09 -4.03
C VAL C 222 6.32 11.67 -5.49
N SER C 223 7.06 10.63 -5.87
CA SER C 223 6.99 10.03 -7.19
C SER C 223 6.49 8.60 -7.06
N ALA C 224 6.05 8.05 -8.20
CA ALA C 224 5.48 6.70 -8.24
C ALA C 224 5.62 6.18 -9.67
N THR C 225 6.70 5.45 -9.89
CA THR C 225 7.04 4.90 -11.21
C THR C 225 7.28 3.40 -11.12
N ALA C 226 7.29 2.78 -12.29
CA ALA C 226 7.24 1.34 -12.43
C ALA C 226 8.63 0.74 -12.49
N PHE C 227 8.73 -0.51 -12.01
CA PHE C 227 9.95 -1.29 -12.03
C PHE C 227 9.64 -2.71 -12.52
N TYR C 228 10.67 -3.54 -12.60
CA TYR C 228 10.54 -4.94 -13.00
C TYR C 228 10.87 -5.85 -11.84
N LYS C 229 10.02 -6.84 -11.59
CA LYS C 229 10.26 -7.77 -10.49
C LYS C 229 11.42 -8.70 -10.82
N ALA C 230 12.48 -8.61 -10.02
CA ALA C 230 13.56 -9.58 -10.11
C ALA C 230 13.02 -10.95 -9.77
N GLN C 231 13.15 -11.88 -10.72
CA GLN C 231 12.47 -13.16 -10.63
C GLN C 231 13.04 -14.11 -11.68
N PRO C 232 12.76 -15.41 -11.60
CA PRO C 232 13.19 -16.32 -12.68
C PRO C 232 12.57 -15.91 -14.00
N VAL C 233 13.42 -15.85 -15.03
CA VAL C 233 12.98 -15.42 -16.36
C VAL C 233 11.97 -16.41 -16.94
N ILE C 234 12.00 -17.66 -16.48
CA ILE C 234 11.00 -18.63 -16.95
C ILE C 234 9.62 -18.29 -16.40
N GLN C 235 9.50 -18.16 -15.08
CA GLN C 235 8.23 -17.74 -14.50
C GLN C 235 7.84 -16.34 -14.98
N PHE C 236 8.83 -15.51 -15.29
CA PHE C 236 8.58 -14.23 -15.94
C PHE C 236 7.97 -14.41 -17.32
N MET C 237 8.55 -15.30 -18.13
CA MET C 237 7.92 -15.69 -19.38
C MET C 237 6.51 -16.20 -19.15
N CYS C 238 6.36 -17.12 -18.19
CA CYS C 238 5.05 -17.64 -17.83
C CYS C 238 4.11 -16.51 -17.45
N GLU C 239 4.66 -15.41 -16.93
CA GLU C 239 3.83 -14.29 -16.52
C GLU C 239 3.48 -13.41 -17.71
N VAL C 240 4.46 -13.17 -18.58
CA VAL C 240 4.29 -12.25 -19.70
C VAL C 240 3.24 -12.76 -20.67
N LEU C 241 3.47 -13.94 -21.24
CA LEU C 241 2.59 -14.56 -22.20
C LEU C 241 1.53 -15.44 -21.54
N ASP C 242 1.59 -15.57 -20.22
CA ASP C 242 0.65 -16.37 -19.44
C ASP C 242 0.60 -17.81 -19.93
N ILE C 243 1.78 -18.38 -20.18
CA ILE C 243 1.90 -19.77 -20.58
C ILE C 243 1.48 -20.69 -19.44
N HIS C 244 1.92 -20.38 -18.22
CA HIS C 244 1.58 -21.16 -17.02
C HIS C 244 1.99 -22.63 -17.14
N ASN C 245 3.10 -22.87 -17.85
CA ASN C 245 3.67 -24.21 -18.01
C ASN C 245 2.68 -25.17 -18.66
N PRO C 250 9.24 -30.60 -24.22
CA PRO C 250 10.55 -30.64 -24.87
C PRO C 250 10.62 -29.82 -26.15
N ARG C 251 9.65 -28.93 -26.37
CA ARG C 251 9.60 -28.09 -27.56
C ARG C 251 8.99 -26.75 -27.20
N PRO C 252 9.34 -25.69 -27.93
CA PRO C 252 8.75 -24.39 -27.66
C PRO C 252 7.25 -24.38 -27.95
N LEU C 253 6.52 -23.55 -27.20
CA LEU C 253 5.07 -23.49 -27.39
C LEU C 253 4.74 -22.91 -28.77
N THR C 254 5.36 -21.78 -29.12
CA THR C 254 4.95 -21.10 -30.33
C THR C 254 5.99 -20.07 -30.74
N ASP C 255 6.20 -19.93 -32.05
CA ASP C 255 7.14 -18.96 -32.60
C ASP C 255 6.73 -17.53 -32.26
N SER C 256 5.46 -17.19 -32.48
CA SER C 256 5.00 -15.86 -32.13
C SER C 256 5.15 -15.61 -30.64
N HIS C 257 4.98 -16.64 -29.81
CA HIS C 257 5.31 -16.51 -28.41
C HIS C 257 6.77 -16.16 -28.22
N ARG C 258 7.67 -16.80 -28.99
CA ARG C 258 9.10 -16.52 -28.88
C ARG C 258 9.39 -15.04 -29.14
N VAL C 259 8.76 -14.46 -30.16
CA VAL C 259 9.06 -13.07 -30.49
C VAL C 259 8.39 -12.11 -29.52
N LYS C 260 7.25 -12.49 -28.94
CA LYS C 260 6.63 -11.66 -27.92
C LYS C 260 7.50 -11.59 -26.67
N PHE C 261 8.11 -12.72 -26.30
CA PHE C 261 8.95 -12.76 -25.11
C PHE C 261 10.21 -11.92 -25.30
N THR C 262 10.88 -12.05 -26.46
CA THR C 262 12.07 -11.23 -26.71
C THR C 262 11.71 -9.76 -26.83
N LYS C 263 10.48 -9.45 -27.26
CA LYS C 263 10.03 -8.07 -27.26
C LYS C 263 9.86 -7.50 -25.86
N GLU C 264 10.20 -8.26 -24.82
CA GLU C 264 10.19 -7.73 -23.46
C GLU C 264 11.54 -7.79 -22.78
N ILE C 265 12.33 -8.85 -22.99
CA ILE C 265 13.62 -8.95 -22.29
C ILE C 265 14.77 -8.39 -23.12
N LYS C 266 14.55 -8.05 -24.38
CA LYS C 266 15.59 -7.44 -25.18
C LYS C 266 16.03 -6.12 -24.54
N GLY C 267 17.34 -5.91 -24.48
CA GLY C 267 17.83 -4.68 -23.90
C GLY C 267 17.75 -4.61 -22.39
N LEU C 268 17.61 -5.76 -21.75
CA LEU C 268 17.64 -5.82 -20.29
C LEU C 268 19.03 -6.25 -19.82
N LYS C 269 19.25 -6.10 -18.52
CA LYS C 269 20.39 -6.70 -17.85
C LYS C 269 19.94 -7.97 -17.16
N VAL C 270 20.87 -8.91 -17.00
CA VAL C 270 20.54 -10.20 -16.42
C VAL C 270 21.71 -10.66 -15.55
N GLU C 271 21.39 -11.17 -14.37
CA GLU C 271 22.35 -11.92 -13.57
C GLU C 271 22.05 -13.41 -13.73
N VAL C 272 22.98 -14.13 -14.35
CA VAL C 272 22.94 -15.59 -14.32
C VAL C 272 22.85 -16.04 -12.86
N THR C 273 22.22 -17.19 -12.63
CA THR C 273 22.00 -17.64 -11.25
C THR C 273 23.30 -18.02 -10.56
N HIS C 274 23.39 -19.27 -10.10
CA HIS C 274 24.64 -19.72 -9.50
C HIS C 274 25.76 -19.80 -10.53
N CYS C 275 25.44 -20.24 -11.74
CA CYS C 275 26.42 -20.32 -12.82
C CYS C 275 27.03 -18.94 -13.12
N ARG C 280 28.70 -13.40 -13.37
CA ARG C 280 28.71 -12.02 -13.83
C ARG C 280 27.33 -11.59 -14.34
N LYS C 281 27.06 -10.29 -14.37
CA LYS C 281 25.81 -9.79 -14.91
C LYS C 281 26.04 -9.09 -16.24
N TYR C 282 25.13 -9.33 -17.18
CA TYR C 282 25.32 -9.01 -18.59
C TYR C 282 24.10 -8.26 -19.09
N ARG C 283 24.24 -7.62 -20.25
CA ARG C 283 23.16 -6.88 -20.88
C ARG C 283 22.61 -7.67 -22.05
N VAL C 284 21.34 -8.06 -21.96
CA VAL C 284 20.72 -8.89 -23.00
C VAL C 284 20.52 -8.07 -24.26
N CYS C 285 20.79 -8.69 -25.40
CA CYS C 285 20.58 -8.06 -26.69
C CYS C 285 19.78 -8.90 -27.67
N ASN C 286 19.46 -10.16 -27.33
CA ASN C 286 18.59 -11.01 -28.13
C ASN C 286 18.29 -12.29 -27.36
N VAL C 287 17.22 -12.97 -27.78
CA VAL C 287 16.98 -14.36 -27.42
C VAL C 287 17.33 -15.20 -28.63
N THR C 288 17.87 -16.39 -28.40
CA THR C 288 18.36 -17.21 -29.50
C THR C 288 17.21 -17.85 -30.27
N ARG C 289 17.52 -18.29 -31.48
CA ARG C 289 16.58 -19.05 -32.29
C ARG C 289 16.72 -20.56 -32.06
N ARG C 290 17.95 -21.03 -31.90
CA ARG C 290 18.17 -22.46 -31.72
C ARG C 290 17.96 -22.84 -30.25
N PRO C 291 17.37 -24.01 -29.99
CA PRO C 291 17.09 -24.41 -28.61
C PRO C 291 18.37 -24.62 -27.81
N ALA C 292 18.20 -24.73 -26.49
CA ALA C 292 19.35 -24.86 -25.60
C ALA C 292 20.10 -26.16 -25.85
N SER C 293 19.39 -27.28 -26.02
CA SER C 293 20.09 -28.52 -26.35
C SER C 293 20.74 -28.49 -27.72
N HIS C 294 20.52 -27.43 -28.49
CA HIS C 294 20.94 -27.35 -29.89
C HIS C 294 21.79 -26.11 -30.19
N GLN C 295 21.44 -24.95 -29.61
CA GLN C 295 22.23 -23.74 -29.81
C GLN C 295 23.69 -23.99 -29.47
N THR C 296 24.56 -23.74 -30.43
CA THR C 296 25.96 -24.12 -30.31
C THR C 296 26.87 -22.94 -30.61
N PHE C 297 27.93 -22.83 -29.81
CA PHE C 297 29.00 -21.85 -29.95
C PHE C 297 30.33 -22.58 -29.93
N PRO C 298 31.33 -22.11 -30.68
CA PRO C 298 32.62 -22.82 -30.70
C PRO C 298 33.42 -22.55 -29.43
N LEU C 299 33.97 -23.63 -28.86
CA LEU C 299 34.85 -23.53 -27.70
C LEU C 299 36.29 -23.72 -28.16
N GLN C 300 36.79 -22.71 -28.86
CA GLN C 300 38.12 -22.74 -29.46
C GLN C 300 39.23 -22.83 -28.40
N THR C 306 38.56 -26.23 -34.45
CA THR C 306 37.78 -25.86 -33.27
C THR C 306 36.69 -26.87 -32.98
N VAL C 307 36.13 -26.77 -31.78
CA VAL C 307 35.13 -27.70 -31.28
C VAL C 307 33.87 -26.91 -30.95
N GLU C 308 32.74 -27.33 -31.53
CA GLU C 308 31.47 -26.63 -31.38
C GLU C 308 30.54 -27.47 -30.50
N ARG C 309 30.45 -27.11 -29.24
CA ARG C 309 29.53 -27.76 -28.32
C ARG C 309 28.19 -27.04 -28.32
N THR C 310 27.11 -27.82 -28.26
CA THR C 310 25.80 -27.22 -27.97
C THR C 310 25.87 -26.53 -26.62
N VAL C 311 25.06 -25.48 -26.44
CA VAL C 311 25.18 -24.70 -25.23
C VAL C 311 24.70 -25.51 -24.02
N ALA C 312 23.82 -26.49 -24.24
CA ALA C 312 23.36 -27.32 -23.13
C ALA C 312 24.44 -28.30 -22.70
N GLN C 313 24.97 -29.07 -23.65
CA GLN C 313 26.08 -29.96 -23.32
C GLN C 313 27.28 -29.17 -22.82
N TYR C 314 27.52 -27.98 -23.38
CA TYR C 314 28.56 -27.12 -22.84
C TYR C 314 28.34 -26.85 -21.36
N PHE C 315 27.14 -26.39 -21.01
CA PHE C 315 26.81 -26.16 -19.60
C PHE C 315 26.88 -27.44 -18.80
N ARG C 316 26.57 -28.57 -19.43
CA ARG C 316 26.67 -29.85 -18.76
C ARG C 316 28.09 -30.38 -18.71
N GLU C 317 29.00 -29.81 -19.49
CA GLU C 317 30.40 -30.20 -19.48
C GLU C 317 31.24 -29.31 -18.58
N LYS C 318 30.90 -28.02 -18.50
CA LYS C 318 31.62 -27.07 -17.67
C LYS C 318 30.88 -26.71 -16.39
N TYR C 319 29.59 -27.02 -16.30
CA TYR C 319 28.82 -26.75 -15.10
C TYR C 319 27.89 -27.90 -14.73
N THR C 320 27.87 -28.98 -15.53
CA THR C 320 27.13 -30.22 -15.31
C THR C 320 25.72 -30.02 -14.73
N LEU C 321 24.82 -29.49 -15.55
CA LEU C 321 23.42 -29.34 -15.16
C LEU C 321 22.54 -29.77 -16.33
N GLN C 322 21.70 -30.78 -16.09
CA GLN C 322 20.70 -31.19 -17.08
C GLN C 322 19.58 -30.16 -17.11
N LEU C 323 19.45 -29.45 -18.23
CA LEU C 323 18.44 -28.41 -18.32
C LEU C 323 17.04 -29.01 -18.18
N LYS C 324 16.28 -28.51 -17.20
CA LYS C 324 14.89 -28.93 -17.07
C LYS C 324 14.07 -28.52 -18.28
N TYR C 325 14.42 -27.41 -18.91
CA TYR C 325 13.76 -26.93 -20.12
C TYR C 325 14.83 -26.75 -21.20
N PRO C 326 15.38 -27.84 -21.73
CA PRO C 326 16.41 -27.71 -22.77
C PRO C 326 15.88 -27.15 -24.08
N HIS C 327 14.56 -27.13 -24.25
CA HIS C 327 13.91 -26.61 -25.43
C HIS C 327 13.81 -25.09 -25.43
N LEU C 328 13.84 -24.48 -24.24
CA LEU C 328 13.84 -23.03 -24.15
C LEU C 328 15.12 -22.48 -24.77
N PRO C 329 15.08 -21.26 -25.26
CA PRO C 329 16.23 -20.70 -25.97
C PRO C 329 17.30 -20.25 -24.98
N CYS C 330 18.35 -19.67 -25.53
CA CYS C 330 19.41 -19.03 -24.76
C CYS C 330 19.28 -17.53 -24.95
N LEU C 331 20.00 -16.77 -24.14
CA LEU C 331 20.00 -15.32 -24.23
C LEU C 331 21.34 -14.85 -24.79
N GLN C 332 21.28 -14.07 -25.86
CA GLN C 332 22.48 -13.44 -26.39
C GLN C 332 22.98 -12.39 -25.42
N VAL C 333 24.30 -12.23 -25.35
CA VAL C 333 24.92 -11.27 -24.44
C VAL C 333 25.82 -10.34 -25.24
N GLY C 334 25.61 -9.03 -25.09
CA GLY C 334 26.49 -8.04 -25.65
C GLY C 334 26.44 -7.98 -27.17
N GLN C 335 27.61 -8.02 -27.80
CA GLN C 335 27.72 -7.94 -29.24
C GLN C 335 27.47 -9.29 -29.86
N GLU C 336 27.17 -9.29 -31.17
CA GLU C 336 26.99 -10.56 -31.84
C GLU C 336 28.31 -11.32 -32.00
N GLN C 337 29.45 -10.71 -31.69
CA GLN C 337 30.74 -11.33 -31.92
C GLN C 337 31.17 -12.26 -30.78
N LYS C 338 30.97 -11.84 -29.52
CA LYS C 338 31.42 -12.66 -28.40
C LYS C 338 30.70 -14.01 -28.36
N HIS C 339 29.48 -14.07 -28.90
CA HIS C 339 28.70 -15.31 -28.98
C HIS C 339 28.45 -15.89 -27.59
N THR C 340 28.03 -15.05 -26.65
CA THR C 340 27.70 -15.48 -25.30
C THR C 340 26.23 -15.87 -25.22
N TYR C 341 25.95 -17.05 -24.67
CA TYR C 341 24.60 -17.60 -24.63
C TYR C 341 24.28 -18.05 -23.21
N LEU C 342 23.04 -17.84 -22.77
CA LEU C 342 22.68 -18.12 -21.39
C LEU C 342 21.26 -18.68 -21.29
N PRO C 343 21.11 -19.87 -20.72
CA PRO C 343 19.77 -20.46 -20.60
C PRO C 343 18.91 -19.70 -19.59
N LEU C 344 17.60 -19.94 -19.68
CA LEU C 344 16.64 -19.19 -18.87
C LEU C 344 16.51 -19.75 -17.46
N GLU C 345 16.71 -21.06 -17.27
CA GLU C 345 16.73 -21.62 -15.92
C GLU C 345 17.76 -20.91 -15.05
N VAL C 346 18.89 -20.55 -15.65
CA VAL C 346 19.97 -19.92 -14.90
C VAL C 346 19.96 -18.42 -15.15
N CYS C 347 18.80 -17.83 -15.37
CA CYS C 347 18.71 -16.39 -15.57
C CYS C 347 17.62 -15.81 -14.70
N ASN C 348 18.00 -14.85 -13.86
CA ASN C 348 17.07 -14.04 -13.09
C ASN C 348 17.09 -12.61 -13.62
N ILE C 349 15.92 -11.98 -13.61
CA ILE C 349 15.84 -10.57 -13.98
C ILE C 349 16.53 -9.74 -12.91
N VAL C 350 17.22 -8.68 -13.33
CA VAL C 350 17.93 -7.82 -12.39
C VAL C 350 16.92 -6.92 -11.68
N ALA C 351 17.18 -6.68 -10.39
CA ALA C 351 16.32 -5.83 -9.58
C ALA C 351 16.72 -4.37 -9.73
N GLY C 352 15.72 -3.50 -9.81
CA GLY C 352 15.94 -2.08 -9.91
C GLY C 352 15.76 -1.45 -11.29
N GLN C 353 15.21 -2.16 -12.25
CA GLN C 353 14.99 -1.63 -13.59
C GLN C 353 13.74 -0.76 -13.60
N ARG C 354 13.72 0.26 -14.45
CA ARG C 354 12.56 1.11 -14.60
C ARG C 354 11.81 0.70 -15.87
N CYS C 355 10.47 0.70 -15.79
CA CYS C 355 9.66 0.34 -16.95
C CYS C 355 9.49 1.57 -17.83
N ILE C 356 10.25 1.61 -18.92
CA ILE C 356 10.09 2.66 -19.92
C ILE C 356 9.08 2.25 -21.00
N LYS C 357 8.65 0.99 -21.01
CA LYS C 357 7.66 0.55 -21.98
C LYS C 357 6.29 1.08 -21.61
N LYS C 358 5.48 1.38 -22.63
CA LYS C 358 4.17 1.96 -22.41
C LYS C 358 3.29 1.02 -21.60
N LEU C 359 2.61 1.58 -20.60
CA LEU C 359 1.66 0.83 -19.79
C LEU C 359 0.36 0.63 -20.55
N THR C 360 -0.33 -0.48 -20.25
CA THR C 360 -1.64 -0.67 -20.84
C THR C 360 -2.69 0.15 -20.11
N ASP C 361 -3.88 0.19 -20.70
CA ASP C 361 -4.99 0.94 -20.12
C ASP C 361 -5.30 0.47 -18.71
N ASN C 362 -5.33 -0.84 -18.49
CA ASN C 362 -5.74 -1.36 -17.18
C ASN C 362 -4.67 -1.15 -16.13
N GLN C 363 -3.42 -1.52 -16.44
CA GLN C 363 -2.34 -1.26 -15.48
C GLN C 363 -2.26 0.21 -15.15
N THR C 364 -2.36 1.07 -16.18
CA THR C 364 -2.24 2.51 -15.95
C THR C 364 -3.28 2.97 -14.94
N SER C 365 -4.55 2.64 -15.18
CA SER C 365 -5.61 3.05 -14.25
C SER C 365 -5.32 2.58 -12.83
N THR C 366 -4.87 1.33 -12.68
CA THR C 366 -4.52 0.83 -11.36
C THR C 366 -3.38 1.64 -10.76
N MET C 367 -2.38 1.99 -11.58
CA MET C 367 -1.26 2.81 -11.11
C MET C 367 -1.75 4.17 -10.63
N ILE C 368 -2.70 4.78 -11.35
CA ILE C 368 -3.25 6.08 -10.95
C ILE C 368 -3.90 5.99 -9.59
N LYS C 369 -4.73 4.96 -9.39
CA LYS C 369 -5.42 4.80 -8.11
C LYS C 369 -4.42 4.57 -6.98
N ALA C 370 -3.35 3.82 -7.24
CA ALA C 370 -2.35 3.56 -6.22
C ALA C 370 -1.62 4.83 -5.80
N THR C 371 -1.40 5.75 -6.74
CA THR C 371 -0.66 6.98 -6.48
C THR C 371 -1.54 8.17 -6.13
N ALA C 372 -2.85 8.06 -6.32
CA ALA C 372 -3.74 9.18 -6.03
C ALA C 372 -4.03 9.26 -4.54
N ARG C 373 -3.81 10.45 -3.96
CA ARG C 373 -4.12 10.71 -2.57
C ARG C 373 -4.59 12.14 -2.41
N SER C 374 -5.40 12.37 -1.38
CA SER C 374 -5.88 13.71 -1.09
C SER C 374 -4.72 14.63 -0.71
N ALA C 375 -4.89 15.92 -0.99
CA ALA C 375 -3.86 16.90 -0.65
C ALA C 375 -3.45 16.89 0.82
N PRO C 376 -4.36 16.75 1.81
CA PRO C 376 -3.89 16.66 3.21
C PRO C 376 -2.90 15.52 3.42
N ASP C 377 -3.33 14.30 3.09
CA ASP C 377 -2.51 13.11 3.31
C ASP C 377 -1.18 13.20 2.58
N ARG C 378 -1.15 13.88 1.43
CA ARG C 378 0.09 13.96 0.65
C ARG C 378 1.04 14.98 1.22
N GLN C 379 0.52 16.12 1.69
CA GLN C 379 1.36 17.07 2.42
C GLN C 379 2.01 16.40 3.64
N GLU C 380 1.25 15.60 4.37
CA GLU C 380 1.81 14.91 5.54
C GLU C 380 2.90 13.93 5.13
N GLU C 381 2.66 13.17 4.06
CA GLU C 381 3.66 12.22 3.55
C GLU C 381 4.95 12.94 3.18
N ILE C 382 4.84 14.08 2.50
CA ILE C 382 6.04 14.85 2.13
C ILE C 382 6.82 15.24 3.37
N SER C 383 6.12 15.75 4.39
CA SER C 383 6.78 16.13 5.64
C SER C 383 7.51 14.96 6.27
N ARG C 384 6.93 13.77 6.20
CA ARG C 384 7.59 12.62 6.80
C ARG C 384 8.90 12.27 6.08
N LEU C 385 8.90 12.38 4.75
CA LEU C 385 10.09 11.99 4.00
C LEU C 385 11.28 12.89 4.35
N VAL C 386 11.07 14.21 4.40
CA VAL C 386 12.15 15.12 4.77
C VAL C 386 12.57 14.90 6.22
N ARG C 387 11.62 14.54 7.09
CA ARG C 387 11.97 14.17 8.45
C ARG C 387 12.86 12.93 8.46
N SER C 388 12.56 11.96 7.60
CA SER C 388 13.31 10.71 7.60
C SER C 388 14.76 10.93 7.24
N ALA C 389 15.03 11.89 6.33
CA ALA C 389 16.39 12.13 5.87
C ALA C 389 17.27 12.72 6.96
N ASN C 390 16.68 13.31 8.00
CA ASN C 390 17.39 13.82 9.18
C ASN C 390 18.57 14.70 8.75
N TYR C 391 18.21 15.89 8.24
CA TYR C 391 19.19 16.72 7.56
C TYR C 391 20.30 17.22 8.46
N GLU C 392 20.14 17.15 9.78
CA GLU C 392 21.17 17.62 10.69
C GLU C 392 22.05 16.49 11.23
N THR C 393 22.05 15.33 10.57
CA THR C 393 22.85 14.18 11.01
C THR C 393 23.35 13.37 9.82
N ASP C 394 23.77 14.04 8.75
CA ASP C 394 24.27 13.32 7.58
C ASP C 394 25.70 13.76 7.26
N PRO C 395 26.66 12.84 7.23
CA PRO C 395 28.05 13.23 6.97
C PRO C 395 28.26 13.92 5.63
N PHE C 396 27.41 13.67 4.63
CA PHE C 396 27.59 14.35 3.36
C PHE C 396 27.11 15.80 3.42
N VAL C 397 26.05 16.09 4.18
CA VAL C 397 25.55 17.47 4.24
C VAL C 397 26.27 18.30 5.30
N GLN C 398 27.08 17.68 6.15
CA GLN C 398 27.71 18.43 7.23
C GLN C 398 28.93 19.22 6.78
N GLU C 399 29.62 18.77 5.73
CA GLU C 399 30.91 19.36 5.38
C GLU C 399 30.73 20.78 4.84
N PHE C 400 29.79 20.97 3.92
CA PHE C 400 29.57 22.26 3.27
C PHE C 400 28.61 23.16 4.03
N GLN C 401 28.23 22.80 5.25
CA GLN C 401 27.27 23.57 6.05
C GLN C 401 26.01 23.88 5.24
N PHE C 402 25.33 22.82 4.83
CA PHE C 402 24.05 22.94 4.16
C PHE C 402 22.95 22.63 5.17
N LYS C 403 22.17 23.64 5.52
CA LYS C 403 21.04 23.51 6.43
C LYS C 403 19.75 23.69 5.66
N VAL C 404 18.77 22.83 5.93
CA VAL C 404 17.46 22.96 5.30
C VAL C 404 16.47 23.36 6.38
N ARG C 405 15.23 23.62 5.97
CA ARG C 405 14.12 23.76 6.90
C ARG C 405 13.29 22.47 6.80
N ASP C 406 13.28 21.69 7.89
CA ASP C 406 12.42 20.51 7.89
C ASP C 406 10.92 20.86 7.87
N GLU C 407 10.59 22.13 7.67
CA GLU C 407 9.21 22.59 7.63
C GLU C 407 8.94 23.28 6.29
N MET C 408 7.66 23.41 5.98
CA MET C 408 7.21 23.85 4.67
C MET C 408 7.32 25.37 4.55
N ALA C 409 7.26 25.85 3.31
CA ALA C 409 7.34 27.28 3.03
C ALA C 409 5.94 27.87 3.00
N HIS C 410 5.70 28.86 3.86
CA HIS C 410 4.43 29.56 3.88
C HIS C 410 4.42 30.62 2.79
N VAL C 411 3.41 30.62 1.94
CA VAL C 411 3.31 31.57 0.83
C VAL C 411 1.87 32.03 0.71
N THR C 412 1.68 33.31 0.45
CA THR C 412 0.35 33.88 0.26
C THR C 412 -0.01 33.85 -1.22
N GLY C 413 -0.97 32.98 -1.56
CA GLY C 413 -1.60 33.01 -2.86
C GLY C 413 -2.87 33.85 -2.83
N ARG C 414 -3.55 33.88 -3.97
CA ARG C 414 -4.75 34.68 -4.13
C ARG C 414 -5.72 33.97 -5.05
N VAL C 415 -6.97 33.84 -4.60
CA VAL C 415 -8.02 33.14 -5.33
C VAL C 415 -8.68 34.15 -6.27
N LEU C 416 -8.31 34.12 -7.55
CA LEU C 416 -8.83 35.08 -8.50
C LEU C 416 -10.33 34.91 -8.70
N PRO C 417 -11.04 35.96 -9.10
CA PRO C 417 -12.49 35.88 -9.28
C PRO C 417 -12.86 35.13 -10.56
N ALA C 418 -13.56 34.01 -10.40
CA ALA C 418 -14.03 33.25 -11.55
C ALA C 418 -14.96 34.13 -12.40
N PRO C 419 -14.93 33.97 -13.72
CA PRO C 419 -15.68 34.89 -14.59
C PRO C 419 -17.08 34.42 -14.91
N MET C 420 -17.99 35.38 -15.00
CA MET C 420 -19.37 35.08 -15.35
C MET C 420 -19.49 34.81 -16.84
N LEU C 421 -20.32 33.83 -17.18
CA LEU C 421 -20.46 33.35 -18.55
C LEU C 421 -21.84 33.70 -19.09
N GLN C 422 -21.90 33.98 -20.39
CA GLN C 422 -23.11 34.44 -21.05
C GLN C 422 -23.73 33.29 -21.85
N TYR C 423 -24.95 32.91 -21.47
CA TYR C 423 -25.74 31.95 -22.22
C TYR C 423 -26.88 32.67 -22.92
N GLY C 424 -27.56 31.94 -23.80
CA GLY C 424 -28.61 32.54 -24.61
C GLY C 424 -30.00 31.99 -24.33
N GLY C 425 -30.76 31.76 -25.39
CA GLY C 425 -32.16 31.45 -25.26
C GLY C 425 -32.99 32.71 -25.08
N ARG C 426 -34.26 32.50 -24.72
CA ARG C 426 -35.18 33.61 -24.50
C ARG C 426 -34.98 34.28 -23.15
N ASN C 427 -33.85 34.03 -22.48
CA ASN C 427 -33.60 34.58 -21.15
C ASN C 427 -32.20 35.12 -20.96
N ARG C 428 -31.19 34.66 -21.71
CA ARG C 428 -29.80 35.04 -21.53
C ARG C 428 -29.36 34.84 -20.09
N THR C 429 -29.48 33.60 -19.64
CA THR C 429 -29.06 33.24 -18.29
C THR C 429 -27.56 33.47 -18.13
N VAL C 430 -27.21 34.33 -17.19
CA VAL C 430 -25.80 34.57 -16.86
C VAL C 430 -25.37 33.55 -15.82
N ALA C 431 -24.14 33.06 -15.97
CA ALA C 431 -23.63 31.96 -15.16
C ALA C 431 -22.55 32.46 -14.22
N THR C 432 -22.64 32.08 -12.96
CA THR C 432 -21.61 32.40 -11.98
C THR C 432 -20.98 31.10 -11.48
N PRO C 433 -19.66 30.94 -11.59
CA PRO C 433 -19.03 29.68 -11.19
C PRO C 433 -18.78 29.60 -9.69
N SER C 434 -19.08 28.43 -9.12
CA SER C 434 -18.85 28.15 -7.71
C SER C 434 -17.68 27.18 -7.58
N HIS C 435 -16.62 27.60 -6.89
CA HIS C 435 -15.42 26.80 -6.65
C HIS C 435 -14.81 26.28 -7.95
N GLY C 436 -15.08 26.93 -9.08
CA GLY C 436 -14.49 26.59 -10.36
C GLY C 436 -15.40 25.90 -11.33
N VAL C 437 -16.61 25.49 -10.92
CA VAL C 437 -17.51 24.72 -11.75
C VAL C 437 -18.83 25.47 -11.88
N TRP C 438 -19.61 25.16 -12.92
CA TRP C 438 -20.91 25.76 -13.12
C TRP C 438 -21.92 24.73 -13.61
N ASP C 439 -23.19 25.05 -13.38
CA ASP C 439 -24.32 24.17 -13.69
C ASP C 439 -25.00 24.62 -14.98
N MET C 440 -25.56 23.66 -15.70
CA MET C 440 -26.21 23.93 -16.97
C MET C 440 -27.73 23.76 -16.92
N ARG C 441 -28.29 23.48 -15.74
CA ARG C 441 -29.73 23.36 -15.60
C ARG C 441 -30.46 24.58 -16.13
N GLY C 442 -31.48 24.33 -16.95
CA GLY C 442 -32.36 25.40 -17.41
C GLY C 442 -31.64 26.51 -18.13
N LYS C 443 -30.60 26.17 -18.89
CA LYS C 443 -29.83 27.16 -19.63
C LYS C 443 -29.83 26.76 -21.10
N GLN C 444 -30.21 27.71 -21.95
CA GLN C 444 -30.18 27.55 -23.39
C GLN C 444 -28.92 28.22 -23.93
N PHE C 445 -28.33 27.59 -24.95
CA PHE C 445 -27.02 27.98 -25.41
C PHE C 445 -26.99 29.43 -25.89
N HIS C 446 -25.79 29.99 -25.92
CA HIS C 446 -25.59 31.35 -26.40
C HIS C 446 -26.08 31.49 -27.83
N THR C 447 -25.63 30.61 -28.72
CA THR C 447 -26.18 30.45 -30.07
C THR C 447 -26.30 28.96 -30.33
N GLY C 448 -27.50 28.42 -30.17
CA GLY C 448 -27.73 27.01 -30.39
C GLY C 448 -28.07 26.70 -31.85
N VAL C 449 -27.56 25.57 -32.32
CA VAL C 449 -27.81 25.11 -33.68
C VAL C 449 -28.98 24.14 -33.67
N GLU C 450 -29.81 24.20 -34.70
CA GLU C 450 -30.89 23.24 -34.88
C GLU C 450 -30.52 22.31 -36.02
N ILE C 451 -30.57 21.01 -35.77
CA ILE C 451 -30.17 20.04 -36.77
C ILE C 451 -31.45 19.42 -37.36
N LYS C 452 -31.68 19.73 -38.64
CA LYS C 452 -32.81 19.16 -39.36
C LYS C 452 -32.51 17.76 -39.89
N MET C 453 -31.25 17.50 -40.21
CA MET C 453 -30.82 16.22 -40.76
C MET C 453 -29.67 15.65 -39.94
N TRP C 454 -29.77 14.36 -39.61
CA TRP C 454 -28.71 13.66 -38.91
C TRP C 454 -28.95 12.16 -38.99
N ALA C 455 -27.90 11.38 -38.77
CA ALA C 455 -27.95 9.93 -38.95
C ALA C 455 -27.32 9.24 -37.75
N ILE C 456 -27.77 8.00 -37.51
CA ILE C 456 -27.24 7.17 -36.44
C ILE C 456 -26.54 5.97 -37.06
N ALA C 457 -25.48 5.49 -36.40
CA ALA C 457 -24.73 4.33 -36.85
C ALA C 457 -24.28 3.56 -35.61
N CYS C 458 -25.05 2.55 -35.22
CA CYS C 458 -24.71 1.71 -34.08
C CYS C 458 -23.85 0.54 -34.56
N PHE C 459 -22.58 0.52 -34.18
CA PHE C 459 -21.67 -0.55 -34.56
C PHE C 459 -21.64 -1.68 -33.54
N ALA C 460 -22.48 -1.63 -32.52
CA ALA C 460 -22.72 -2.78 -31.67
C ALA C 460 -23.79 -3.66 -32.29
N THR C 461 -23.86 -4.90 -31.82
CA THR C 461 -24.77 -5.84 -32.46
C THR C 461 -26.21 -5.60 -32.02
N GLN C 462 -27.12 -6.30 -32.67
CA GLN C 462 -28.55 -6.12 -32.40
C GLN C 462 -28.90 -6.59 -31.00
N ARG C 463 -28.30 -7.70 -30.55
CA ARG C 463 -28.68 -8.26 -29.26
C ARG C 463 -28.29 -7.33 -28.12
N GLN C 464 -27.10 -6.74 -28.20
CA GLN C 464 -26.66 -5.76 -27.21
C GLN C 464 -27.54 -4.52 -27.28
N CYS C 465 -27.33 -3.71 -28.31
CA CYS C 465 -28.13 -2.53 -28.56
C CYS C 465 -29.26 -2.88 -29.52
N ARG C 466 -30.50 -2.76 -29.06
CA ARG C 466 -31.65 -3.15 -29.85
C ARG C 466 -32.58 -1.97 -30.13
N GLU C 467 -33.63 -2.26 -30.89
CA GLU C 467 -34.52 -1.25 -31.44
C GLU C 467 -35.11 -0.36 -30.35
N GLU C 468 -35.79 -0.97 -29.37
CA GLU C 468 -36.54 -0.22 -28.38
C GLU C 468 -35.66 0.68 -27.51
N ILE C 469 -34.35 0.52 -27.58
CA ILE C 469 -33.44 1.33 -26.78
C ILE C 469 -33.09 2.64 -27.49
N LEU C 470 -32.95 2.60 -28.81
CA LEU C 470 -32.63 3.82 -29.54
C LEU C 470 -33.78 4.81 -29.49
N LYS C 471 -35.01 4.35 -29.73
CA LYS C 471 -36.15 5.25 -29.71
C LYS C 471 -36.28 5.95 -28.36
N GLY C 472 -36.03 5.22 -27.27
CA GLY C 472 -36.06 5.85 -25.96
C GLY C 472 -34.91 6.79 -25.74
N PHE C 473 -33.69 6.34 -26.05
CA PHE C 473 -32.49 7.16 -25.92
C PHE C 473 -32.61 8.46 -26.73
N THR C 474 -32.89 8.32 -28.03
CA THR C 474 -33.08 9.50 -28.86
C THR C 474 -34.19 10.40 -28.32
N ASP C 475 -35.25 9.81 -27.79
CA ASP C 475 -36.28 10.62 -27.13
C ASP C 475 -35.67 11.47 -26.03
N GLN C 476 -34.86 10.87 -25.18
CA GLN C 476 -34.26 11.61 -24.07
C GLN C 476 -33.31 12.69 -24.58
N LEU C 477 -32.47 12.34 -25.56
CA LEU C 477 -31.50 13.30 -26.05
C LEU C 477 -32.16 14.43 -26.81
N ARG C 478 -33.03 14.09 -27.77
CA ARG C 478 -33.78 15.10 -28.52
C ARG C 478 -34.63 15.96 -27.59
N LYS C 479 -35.11 15.39 -26.49
CA LYS C 479 -35.82 16.18 -25.48
C LYS C 479 -34.92 17.22 -24.84
N ILE C 480 -33.82 16.78 -24.23
CA ILE C 480 -33.01 17.70 -23.44
C ILE C 480 -32.21 18.63 -24.34
N SER C 481 -31.92 18.22 -25.57
CA SER C 481 -31.29 19.14 -26.52
C SER C 481 -32.24 20.26 -26.91
N LYS C 482 -33.49 19.94 -27.23
CA LYS C 482 -34.50 20.97 -27.44
C LYS C 482 -34.61 21.85 -26.21
N ASP C 483 -34.54 21.25 -25.02
CA ASP C 483 -34.56 22.01 -23.78
C ASP C 483 -33.30 22.83 -23.59
N ALA C 484 -32.17 22.37 -24.14
CA ALA C 484 -30.89 23.04 -23.93
C ALA C 484 -30.68 24.23 -24.85
N GLY C 485 -31.69 24.65 -25.60
CA GLY C 485 -31.54 25.72 -26.57
C GLY C 485 -30.93 25.31 -27.89
N MET C 486 -30.72 24.01 -28.12
CA MET C 486 -30.17 23.50 -29.37
C MET C 486 -31.12 22.40 -29.83
N PRO C 487 -32.16 22.77 -30.59
CA PRO C 487 -33.28 21.85 -30.79
C PRO C 487 -32.94 20.72 -31.76
N ILE C 488 -33.29 19.50 -31.36
CA ILE C 488 -33.24 18.31 -32.21
C ILE C 488 -34.67 18.04 -32.66
N GLN C 489 -34.91 18.03 -33.97
CA GLN C 489 -36.27 17.90 -34.48
C GLN C 489 -36.36 16.77 -35.50
N GLY C 490 -37.31 15.86 -35.26
CA GLY C 490 -37.62 14.77 -36.17
C GLY C 490 -37.01 13.46 -35.71
N GLN C 491 -37.29 12.43 -36.49
CA GLN C 491 -36.56 11.18 -36.33
C GLN C 491 -35.37 11.17 -37.28
N PRO C 492 -34.31 10.43 -36.96
CA PRO C 492 -33.07 10.54 -37.76
C PRO C 492 -33.29 10.15 -39.21
N CYS C 493 -32.72 10.95 -40.12
CA CYS C 493 -32.86 10.71 -41.55
C CYS C 493 -32.08 9.49 -42.03
N PHE C 494 -31.31 8.85 -41.15
CA PHE C 494 -30.66 7.58 -41.46
C PHE C 494 -30.30 6.90 -40.15
N CYS C 495 -30.38 5.57 -40.15
CA CYS C 495 -30.01 4.74 -39.01
C CYS C 495 -29.88 3.29 -39.46
N LYS C 496 -28.82 2.61 -39.03
CA LYS C 496 -28.57 1.26 -39.50
C LYS C 496 -27.51 0.61 -38.62
N TYR C 497 -27.77 -0.62 -38.18
CA TYR C 497 -26.75 -1.38 -37.46
C TYR C 497 -25.59 -1.68 -38.38
N ALA C 498 -24.38 -1.70 -37.83
CA ALA C 498 -23.20 -1.96 -38.63
C ALA C 498 -22.17 -2.70 -37.78
N GLN C 499 -21.14 -3.20 -38.45
CA GLN C 499 -20.05 -3.89 -37.75
C GLN C 499 -18.81 -3.87 -38.63
N GLY C 500 -17.74 -3.24 -38.15
CA GLY C 500 -16.51 -3.19 -38.91
C GLY C 500 -15.89 -1.81 -38.96
N ALA C 501 -14.60 -1.71 -39.27
CA ALA C 501 -13.94 -0.41 -39.31
C ALA C 501 -13.94 0.22 -40.68
N ASP C 502 -14.00 -0.58 -41.75
CA ASP C 502 -13.94 -0.05 -43.10
C ASP C 502 -15.30 0.01 -43.77
N SER C 503 -16.37 -0.40 -43.10
CA SER C 503 -17.70 -0.02 -43.56
C SER C 503 -17.89 1.48 -43.52
N VAL C 504 -17.13 2.19 -42.69
CA VAL C 504 -17.32 3.63 -42.57
C VAL C 504 -16.98 4.33 -43.88
N GLU C 505 -15.91 3.89 -44.54
CA GLU C 505 -15.39 4.65 -45.68
C GLU C 505 -16.43 4.75 -46.79
N PRO C 506 -17.09 3.66 -47.23
CA PRO C 506 -18.13 3.80 -48.27
C PRO C 506 -19.47 4.27 -47.70
N MET C 507 -19.79 3.86 -46.47
CA MET C 507 -21.00 4.36 -45.81
C MET C 507 -20.98 5.88 -45.76
N PHE C 508 -19.87 6.44 -45.29
CA PHE C 508 -19.79 7.88 -45.14
C PHE C 508 -19.66 8.57 -46.50
N ARG C 509 -19.04 7.90 -47.47
CA ARG C 509 -18.97 8.45 -48.82
C ARG C 509 -20.35 8.51 -49.44
N HIS C 510 -21.08 7.40 -49.38
CA HIS C 510 -22.48 7.36 -49.80
C HIS C 510 -23.33 8.38 -49.05
N LEU C 511 -23.17 8.44 -47.73
CA LEU C 511 -23.95 9.39 -46.93
C LEU C 511 -23.66 10.83 -47.33
N LYS C 512 -22.43 11.11 -47.77
CA LYS C 512 -22.10 12.42 -48.33
C LYS C 512 -22.86 12.66 -49.63
N ASN C 513 -22.79 11.70 -50.57
CA ASN C 513 -23.30 11.92 -51.92
C ASN C 513 -24.81 12.00 -51.98
N THR C 514 -25.53 11.44 -51.00
CA THR C 514 -26.99 11.37 -51.09
C THR C 514 -27.71 12.44 -50.27
N TYR C 515 -27.07 13.04 -49.28
CA TYR C 515 -27.70 14.03 -48.42
C TYR C 515 -26.96 15.36 -48.51
N SER C 516 -27.64 16.37 -49.05
CA SER C 516 -27.15 17.74 -49.07
C SER C 516 -27.84 18.52 -47.96
N GLY C 517 -27.06 19.00 -47.00
CA GLY C 517 -27.61 19.56 -45.78
C GLY C 517 -27.54 18.63 -44.58
N LEU C 518 -26.87 17.49 -44.70
CA LEU C 518 -26.71 16.56 -43.59
C LEU C 518 -25.61 17.07 -42.68
N GLN C 519 -25.96 17.35 -41.43
CA GLN C 519 -25.05 18.04 -40.53
C GLN C 519 -24.17 17.08 -39.74
N LEU C 520 -24.78 16.13 -39.06
CA LEU C 520 -24.10 15.35 -38.05
C LEU C 520 -24.52 13.89 -38.14
N ILE C 521 -23.58 12.98 -37.89
CA ILE C 521 -23.88 11.56 -37.77
C ILE C 521 -23.31 11.06 -36.44
N ILE C 522 -24.07 10.23 -35.75
CA ILE C 522 -23.73 9.84 -34.38
C ILE C 522 -23.48 8.32 -34.37
N VAL C 523 -22.24 7.94 -34.14
CA VAL C 523 -21.84 6.54 -34.12
C VAL C 523 -21.87 6.02 -32.70
N ILE C 524 -22.28 4.77 -32.52
CA ILE C 524 -22.37 4.14 -31.22
C ILE C 524 -21.48 2.90 -31.24
N LEU C 525 -20.29 3.01 -30.65
CA LEU C 525 -19.28 1.97 -30.63
C LEU C 525 -19.45 1.07 -29.41
N PRO C 526 -18.87 -0.13 -29.42
CA PRO C 526 -18.95 -0.99 -28.23
C PRO C 526 -17.81 -0.74 -27.25
N GLY C 527 -16.75 -0.12 -27.74
CA GLY C 527 -15.52 0.02 -26.98
C GLY C 527 -14.39 0.33 -27.94
N LYS C 528 -13.17 -0.04 -27.58
CA LYS C 528 -11.99 0.35 -28.36
C LYS C 528 -11.87 -0.55 -29.58
N THR C 529 -12.13 0.01 -30.75
CA THR C 529 -12.10 -0.69 -32.01
C THR C 529 -11.53 0.23 -33.08
N PRO C 530 -11.00 -0.33 -34.18
CA PRO C 530 -10.43 0.53 -35.22
C PRO C 530 -11.42 1.46 -35.88
N VAL C 531 -12.71 1.26 -35.66
CA VAL C 531 -13.71 2.10 -36.33
C VAL C 531 -13.65 3.55 -35.84
N TYR C 532 -13.22 3.79 -34.60
CA TYR C 532 -13.00 5.16 -34.17
C TYR C 532 -11.95 5.85 -35.01
N ALA C 533 -10.79 5.21 -35.20
CA ALA C 533 -9.73 5.81 -36.01
C ALA C 533 -10.20 6.05 -37.43
N GLU C 534 -10.88 5.07 -38.03
CA GLU C 534 -11.41 5.24 -39.38
C GLU C 534 -12.42 6.38 -39.44
N VAL C 535 -13.43 6.32 -38.58
CA VAL C 535 -14.47 7.34 -38.50
C VAL C 535 -13.87 8.73 -38.50
N LYS C 536 -12.79 8.92 -37.74
CA LYS C 536 -12.11 10.21 -37.76
C LYS C 536 -11.36 10.41 -39.07
N ARG C 537 -10.51 9.45 -39.45
CA ARG C 537 -9.76 9.59 -40.70
C ARG C 537 -10.70 9.85 -41.87
N VAL C 538 -11.85 9.17 -41.90
CA VAL C 538 -12.78 9.34 -43.01
C VAL C 538 -13.61 10.59 -42.83
N GLY C 539 -14.38 10.64 -41.74
CA GLY C 539 -15.27 11.77 -41.52
C GLY C 539 -14.57 13.09 -41.42
N ASP C 540 -13.27 13.09 -41.13
CA ASP C 540 -12.49 14.32 -41.05
C ASP C 540 -11.59 14.49 -42.26
N THR C 541 -10.67 13.56 -42.49
CA THR C 541 -9.64 13.73 -43.50
C THR C 541 -10.04 13.23 -44.88
N LEU C 542 -11.01 12.32 -44.97
CA LEU C 542 -11.38 11.81 -46.29
C LEU C 542 -12.59 12.53 -46.86
N LEU C 543 -13.62 12.74 -46.05
CA LEU C 543 -14.89 13.27 -46.53
C LEU C 543 -15.32 14.54 -45.84
N GLY C 544 -14.95 14.75 -44.59
CA GLY C 544 -15.12 16.04 -43.97
C GLY C 544 -16.51 16.42 -43.50
N MET C 545 -17.21 15.49 -42.84
CA MET C 545 -18.47 15.80 -42.19
C MET C 545 -18.36 15.43 -40.71
N ALA C 546 -19.32 15.92 -39.93
CA ALA C 546 -19.20 15.93 -38.47
C ALA C 546 -19.69 14.63 -37.84
N THR C 547 -18.92 14.14 -36.88
CA THR C 547 -19.22 12.93 -36.13
C THR C 547 -19.46 13.26 -34.65
N GLN C 548 -20.11 12.35 -33.95
CA GLN C 548 -20.11 12.36 -32.49
C GLN C 548 -20.38 10.94 -32.00
N CYS C 549 -19.40 10.35 -31.33
CA CYS C 549 -19.46 8.96 -30.92
C CYS C 549 -20.14 8.83 -29.56
N VAL C 550 -20.22 7.58 -29.08
CA VAL C 550 -20.74 7.22 -27.76
C VAL C 550 -20.60 5.70 -27.64
N GLN C 551 -20.15 5.20 -26.50
CA GLN C 551 -20.13 3.77 -26.31
C GLN C 551 -21.44 3.30 -25.71
N VAL C 552 -21.71 2.01 -25.87
CA VAL C 552 -23.04 1.48 -25.54
C VAL C 552 -23.35 1.68 -24.07
N LYS C 553 -22.34 1.57 -23.19
CA LYS C 553 -22.52 1.78 -21.76
C LYS C 553 -23.38 3.02 -21.52
N ASN C 554 -23.09 4.08 -22.26
CA ASN C 554 -23.80 5.34 -22.13
C ASN C 554 -24.97 5.51 -23.08
N VAL C 555 -25.04 4.72 -24.16
CA VAL C 555 -26.29 4.71 -24.93
C VAL C 555 -27.35 3.88 -24.23
N ILE C 556 -26.94 2.98 -23.34
CA ILE C 556 -27.88 2.25 -22.49
C ILE C 556 -28.40 3.17 -21.40
N LYS C 557 -27.53 3.56 -20.48
CA LYS C 557 -27.92 4.47 -19.40
C LYS C 557 -27.94 5.89 -19.93
N THR C 558 -29.09 6.55 -19.85
CA THR C 558 -29.22 7.91 -20.37
C THR C 558 -29.19 8.92 -19.23
N SER C 559 -28.03 8.98 -18.59
CA SER C 559 -27.78 10.04 -17.61
C SER C 559 -27.85 11.39 -18.29
N PRO C 560 -28.69 12.31 -17.83
CA PRO C 560 -28.69 13.65 -18.45
C PRO C 560 -27.32 14.30 -18.40
N GLN C 561 -26.54 14.05 -17.35
CA GLN C 561 -25.17 14.53 -17.29
C GLN C 561 -24.31 13.94 -18.41
N THR C 562 -24.73 12.80 -18.99
CA THR C 562 -24.07 12.31 -20.19
C THR C 562 -24.59 13.01 -21.43
N LEU C 563 -25.91 12.96 -21.64
CA LEU C 563 -26.50 13.53 -22.85
C LEU C 563 -26.19 15.02 -22.97
N SER C 564 -26.40 15.77 -21.88
CA SER C 564 -26.23 17.21 -21.93
C SER C 564 -24.78 17.59 -22.23
N ASN C 565 -23.83 16.75 -21.82
CA ASN C 565 -22.44 16.98 -22.20
C ASN C 565 -22.22 16.74 -23.68
N LEU C 566 -22.86 15.72 -24.22
CA LEU C 566 -22.81 15.48 -25.66
C LEU C 566 -23.40 16.66 -26.42
N CYS C 567 -24.46 17.28 -25.88
CA CYS C 567 -25.01 18.48 -26.49
C CYS C 567 -24.01 19.63 -26.48
N LEU C 568 -23.24 19.76 -25.39
CA LEU C 568 -22.15 20.73 -25.39
C LEU C 568 -21.22 20.53 -26.57
N LYS C 569 -20.85 19.27 -26.84
CA LYS C 569 -19.98 18.99 -27.97
C LYS C 569 -20.68 19.27 -29.30
N ILE C 570 -21.97 18.93 -29.38
CA ILE C 570 -22.67 18.98 -30.66
C ILE C 570 -22.89 20.42 -31.11
N ASN C 571 -23.30 21.32 -30.21
CA ASN C 571 -23.58 22.69 -30.62
C ASN C 571 -22.34 23.35 -31.21
N VAL C 572 -21.16 23.05 -30.68
CA VAL C 572 -19.93 23.70 -31.14
C VAL C 572 -19.21 22.91 -32.23
N LYS C 573 -19.40 21.59 -32.30
CA LYS C 573 -18.85 20.84 -33.43
C LYS C 573 -19.62 21.12 -34.71
N LEU C 574 -20.93 21.35 -34.61
CA LEU C 574 -21.72 21.74 -35.77
C LEU C 574 -21.69 23.25 -36.02
N GLY C 575 -21.21 24.05 -35.07
CA GLY C 575 -20.95 25.44 -35.37
C GLY C 575 -21.41 26.46 -34.35
N GLY C 576 -22.41 26.12 -33.55
CA GLY C 576 -22.96 27.09 -32.62
C GLY C 576 -21.97 27.46 -31.53
N ILE C 577 -22.38 28.44 -30.74
CA ILE C 577 -21.56 28.93 -29.63
C ILE C 577 -22.34 28.68 -28.36
N ASN C 578 -21.77 27.86 -27.47
CA ASN C 578 -22.47 27.48 -26.25
C ASN C 578 -22.58 28.64 -25.28
N ASN C 579 -21.51 29.38 -25.09
CA ASN C 579 -21.51 30.56 -24.22
C ASN C 579 -20.48 31.56 -24.73
N ILE C 580 -20.55 32.76 -24.18
CA ILE C 580 -19.45 33.72 -24.25
C ILE C 580 -19.26 34.29 -22.84
N LEU C 581 -18.21 35.07 -22.67
CA LEU C 581 -17.95 35.74 -21.40
C LEU C 581 -18.64 37.09 -21.41
N VAL C 582 -19.16 37.49 -20.25
CA VAL C 582 -19.75 38.82 -20.11
C VAL C 582 -18.67 39.83 -20.46
N PRO C 583 -18.82 40.56 -21.57
CA PRO C 583 -17.66 41.17 -22.23
C PRO C 583 -17.09 42.42 -21.58
N HIS C 584 -17.91 43.20 -20.88
CA HIS C 584 -17.40 44.47 -20.34
C HIS C 584 -16.47 44.28 -19.16
N GLN C 585 -16.09 43.05 -18.83
CA GLN C 585 -15.21 42.76 -17.70
C GLN C 585 -13.84 42.27 -18.15
N ARG C 586 -13.46 42.56 -19.38
CA ARG C 586 -12.28 41.93 -19.98
C ARG C 586 -11.10 42.90 -20.06
N PRO C 587 -9.88 42.37 -20.13
CA PRO C 587 -8.69 43.23 -20.06
C PRO C 587 -8.50 44.14 -21.27
N SER C 588 -7.42 44.91 -21.25
CA SER C 588 -7.12 45.88 -22.29
C SER C 588 -6.88 45.25 -23.65
N VAL C 589 -6.75 43.93 -23.72
CA VAL C 589 -6.35 43.28 -24.96
C VAL C 589 -7.47 43.26 -26.00
N PHE C 590 -8.72 43.42 -25.59
CA PHE C 590 -9.83 43.27 -26.52
C PHE C 590 -10.31 44.58 -27.13
N GLN C 591 -9.73 45.71 -26.73
CA GLN C 591 -10.03 46.96 -27.42
C GLN C 591 -9.62 46.92 -28.88
N GLN C 592 -8.61 46.11 -29.19
CA GLN C 592 -8.06 45.95 -30.53
C GLN C 592 -8.14 44.49 -30.94
N PRO C 593 -8.18 44.21 -32.25
CA PRO C 593 -8.19 42.81 -32.70
C PRO C 593 -6.96 42.06 -32.21
N VAL C 594 -7.19 40.90 -31.58
CA VAL C 594 -6.14 40.10 -30.96
C VAL C 594 -6.44 38.62 -31.21
N ILE C 595 -5.39 37.86 -31.54
CA ILE C 595 -5.52 36.45 -31.90
C ILE C 595 -4.86 35.61 -30.81
N PHE C 596 -5.48 34.46 -30.50
CA PHE C 596 -4.99 33.53 -29.50
C PHE C 596 -4.59 32.22 -30.17
N LEU C 597 -3.49 31.63 -29.70
CA LEU C 597 -2.89 30.45 -30.33
C LEU C 597 -2.42 29.48 -29.27
N GLY C 598 -2.90 28.24 -29.34
CA GLY C 598 -2.33 27.15 -28.58
C GLY C 598 -1.21 26.47 -29.35
N ALA C 599 -0.62 25.44 -28.73
CA ALA C 599 0.44 24.68 -29.38
C ALA C 599 0.79 23.48 -28.53
N ASP C 600 0.97 22.33 -29.18
CA ASP C 600 1.44 21.12 -28.51
C ASP C 600 2.16 20.25 -29.52
N VAL C 601 2.94 19.30 -28.99
CA VAL C 601 3.73 18.39 -29.81
C VAL C 601 3.73 17.01 -29.17
N THR C 602 3.11 16.03 -29.84
CA THR C 602 3.02 14.67 -29.33
C THR C 602 4.06 13.78 -29.99
N HIS C 603 4.91 13.15 -29.18
CA HIS C 603 5.95 12.24 -29.63
C HIS C 603 5.42 10.82 -29.65
N PRO C 604 6.16 9.88 -30.25
CA PRO C 604 5.75 8.48 -30.21
C PRO C 604 6.08 7.86 -28.86
N PRO C 605 5.42 6.77 -28.49
CA PRO C 605 5.72 6.12 -27.22
C PRO C 605 6.88 5.14 -27.32
N ALA C 606 7.25 4.53 -26.19
CA ALA C 606 8.30 3.51 -26.13
C ALA C 606 9.61 4.02 -26.72
N GLY C 607 10.15 5.05 -26.08
CA GLY C 607 11.39 5.66 -26.53
C GLY C 607 12.63 4.86 -26.16
N LYS C 611 5.30 6.54 -34.84
CA LYS C 611 6.70 6.90 -35.04
C LYS C 611 7.03 8.40 -35.00
N PRO C 612 6.32 9.22 -35.77
CA PRO C 612 6.70 10.62 -35.86
C PRO C 612 6.25 11.41 -34.65
N SER C 613 6.90 12.55 -34.47
CA SER C 613 6.32 13.60 -33.65
C SER C 613 5.21 14.28 -34.45
N ILE C 614 4.24 14.83 -33.73
CA ILE C 614 3.15 15.56 -34.33
C ILE C 614 3.04 16.92 -33.64
N ALA C 615 2.89 17.99 -34.43
CA ALA C 615 2.82 19.35 -33.91
C ALA C 615 1.52 20.00 -34.35
N ALA C 616 0.86 20.67 -33.41
CA ALA C 616 -0.48 21.20 -33.66
C ALA C 616 -0.63 22.59 -33.06
N VAL C 617 -1.22 23.49 -33.85
CA VAL C 617 -1.60 24.82 -33.41
C VAL C 617 -3.05 25.05 -33.79
N VAL C 618 -3.79 25.75 -32.93
CA VAL C 618 -5.18 26.08 -33.20
C VAL C 618 -5.36 27.57 -32.99
N GLY C 619 -6.26 28.16 -33.78
CA GLY C 619 -6.38 29.61 -33.77
C GLY C 619 -7.72 30.16 -33.35
N SER C 620 -7.71 31.11 -32.43
CA SER C 620 -8.89 31.90 -32.13
C SER C 620 -9.42 32.56 -33.39
N MET C 621 -10.74 32.46 -33.61
CA MET C 621 -11.38 33.04 -34.78
C MET C 621 -12.46 34.06 -34.43
N ASP C 622 -12.65 34.36 -33.16
CA ASP C 622 -13.63 35.36 -32.73
C ASP C 622 -12.99 36.27 -31.70
N ALA C 623 -13.73 37.33 -31.35
CA ALA C 623 -13.31 38.26 -30.32
C ALA C 623 -13.88 37.92 -28.96
N HIS C 624 -14.67 36.86 -28.87
CA HIS C 624 -15.26 36.44 -27.60
C HIS C 624 -14.22 35.95 -26.60
N PRO C 625 -13.28 35.07 -27.02
CA PRO C 625 -13.07 34.33 -28.28
C PRO C 625 -13.57 32.89 -28.20
N SER C 626 -14.32 32.44 -29.20
CA SER C 626 -15.00 31.15 -29.13
C SER C 626 -14.46 30.16 -30.15
N ARG C 627 -14.82 30.29 -31.43
CA ARG C 627 -14.55 29.25 -32.41
C ARG C 627 -13.06 29.18 -32.73
N TYR C 628 -12.60 27.98 -33.09
CA TYR C 628 -11.19 27.72 -33.32
C TYR C 628 -11.00 26.92 -34.60
N CYS C 629 -10.11 27.38 -35.47
CA CYS C 629 -9.59 26.55 -36.54
C CYS C 629 -8.41 25.73 -36.04
N ALA C 630 -8.05 24.69 -36.79
CA ALA C 630 -7.08 23.74 -36.30
C ALA C 630 -6.14 23.33 -37.43
N THR C 631 -4.84 23.35 -37.14
CA THR C 631 -3.86 22.83 -38.07
C THR C 631 -2.91 21.93 -37.32
N VAL C 632 -2.20 21.10 -38.09
CA VAL C 632 -1.39 20.04 -37.55
C VAL C 632 -0.42 19.56 -38.61
N ARG C 633 0.83 19.33 -38.24
CA ARG C 633 1.84 18.85 -39.16
C ARG C 633 2.58 17.71 -38.48
N VAL C 634 3.15 16.83 -39.28
CA VAL C 634 3.85 15.66 -38.75
C VAL C 634 5.34 15.93 -38.76
N GLN C 635 5.96 15.82 -37.59
CA GLN C 635 7.39 16.05 -37.43
C GLN C 635 8.15 14.73 -37.43
N ARG C 636 9.48 14.86 -37.43
CA ARG C 636 10.34 13.71 -37.35
C ARG C 636 10.24 13.08 -35.96
N PRO C 637 10.66 11.83 -35.82
CA PRO C 637 10.64 11.20 -34.49
C PRO C 637 11.57 11.92 -33.52
N ARG C 638 11.06 12.22 -32.32
CA ARG C 638 11.85 12.78 -31.23
C ARG C 638 12.34 14.21 -31.55
N GLN C 639 11.49 15.02 -32.16
CA GLN C 639 11.82 16.41 -32.42
C GLN C 639 10.87 17.32 -31.65
N GLU C 640 11.44 18.22 -30.84
CA GLU C 640 10.69 19.04 -29.90
C GLU C 640 10.13 20.31 -30.51
N ILE C 641 10.82 20.86 -31.51
CA ILE C 641 10.45 22.15 -32.10
C ILE C 641 9.32 21.96 -33.11
N ILE C 642 8.49 22.98 -33.26
CA ILE C 642 7.48 23.02 -34.32
C ILE C 642 8.16 23.44 -35.62
N GLN C 643 8.22 22.52 -36.57
CA GLN C 643 9.02 22.73 -37.78
C GLN C 643 8.42 23.81 -38.68
N ASP C 644 7.11 23.77 -38.91
CA ASP C 644 6.47 24.68 -39.86
C ASP C 644 5.64 25.74 -39.14
N LEU C 645 6.18 26.28 -38.04
CA LEU C 645 5.41 27.22 -37.24
C LEU C 645 5.04 28.47 -38.03
N ALA C 646 5.87 28.84 -39.00
CA ALA C 646 5.61 30.01 -39.83
C ALA C 646 4.27 29.93 -40.52
N SER C 647 4.09 28.92 -41.37
CA SER C 647 2.85 28.78 -42.12
C SER C 647 1.71 28.28 -41.25
N MET C 648 2.00 27.41 -40.27
CA MET C 648 0.96 26.99 -39.33
C MET C 648 0.29 28.18 -38.68
N VAL C 649 1.06 29.23 -38.39
CA VAL C 649 0.49 30.47 -37.89
C VAL C 649 -0.19 31.23 -39.02
N ARG C 650 0.45 31.28 -40.19
CA ARG C 650 -0.05 32.09 -41.30
C ARG C 650 -1.50 31.74 -41.64
N GLU C 651 -1.77 30.47 -41.94
CA GLU C 651 -3.12 30.08 -42.34
C GLU C 651 -4.14 30.44 -41.28
N LEU C 652 -3.71 30.51 -40.02
CA LEU C 652 -4.63 30.89 -38.95
C LEU C 652 -4.82 32.39 -38.86
N LEU C 653 -3.76 33.18 -39.09
CA LEU C 653 -3.93 34.63 -39.19
C LEU C 653 -4.84 34.98 -40.35
N ILE C 654 -4.63 34.33 -41.50
CA ILE C 654 -5.51 34.52 -42.66
C ILE C 654 -6.95 34.18 -42.28
N GLN C 655 -7.15 33.10 -41.53
CA GLN C 655 -8.49 32.71 -41.14
C GLN C 655 -9.12 33.75 -40.21
N PHE C 656 -8.31 34.42 -39.39
CA PHE C 656 -8.84 35.47 -38.51
C PHE C 656 -9.20 36.71 -39.31
N TYR C 657 -8.30 37.16 -40.19
CA TYR C 657 -8.61 38.33 -41.00
C TYR C 657 -9.77 38.09 -41.95
N LYS C 658 -10.06 36.82 -42.28
CA LYS C 658 -11.22 36.50 -43.09
C LYS C 658 -12.43 36.13 -42.25
N SER C 659 -12.29 36.14 -40.92
CA SER C 659 -13.42 35.95 -40.02
C SER C 659 -13.95 37.29 -39.51
N THR C 660 -13.07 38.19 -39.10
CA THR C 660 -13.47 39.47 -38.51
C THR C 660 -13.24 40.66 -39.43
N ARG C 661 -12.66 40.45 -40.61
CA ARG C 661 -12.25 41.53 -41.51
C ARG C 661 -11.29 42.50 -40.84
N PHE C 662 -10.59 42.04 -39.80
CA PHE C 662 -9.56 42.80 -39.12
C PHE C 662 -8.33 41.93 -38.96
N LYS C 663 -7.17 42.51 -39.25
CA LYS C 663 -5.93 41.82 -38.93
C LYS C 663 -5.63 41.97 -37.44
N PRO C 664 -5.26 40.90 -36.75
CA PRO C 664 -5.05 40.99 -35.30
C PRO C 664 -3.84 41.86 -34.96
N THR C 665 -4.04 42.83 -34.07
CA THR C 665 -2.98 43.75 -33.66
C THR C 665 -2.14 43.22 -32.52
N ARG C 666 -2.61 42.18 -31.83
CA ARG C 666 -1.90 41.55 -30.72
C ARG C 666 -1.91 40.07 -30.97
N ILE C 667 -0.77 39.42 -30.85
CA ILE C 667 -0.66 37.98 -31.04
C ILE C 667 -0.30 37.33 -29.72
N ILE C 668 -1.10 36.35 -29.31
CA ILE C 668 -0.98 35.70 -28.02
C ILE C 668 -0.94 34.20 -28.24
N PHE C 669 0.11 33.54 -27.72
CA PHE C 669 0.47 32.20 -28.17
C PHE C 669 0.93 31.36 -26.98
N TYR C 670 0.08 30.45 -26.53
CA TYR C 670 0.42 29.53 -25.45
C TYR C 670 1.08 28.28 -26.00
N ARG C 671 2.02 27.73 -25.22
CA ARG C 671 2.79 26.57 -25.67
C ARG C 671 2.96 25.60 -24.52
N ASP C 672 2.56 24.35 -24.75
CA ASP C 672 2.84 23.24 -23.85
C ASP C 672 3.62 22.19 -24.61
N GLY C 673 4.33 21.34 -23.87
CA GLY C 673 5.12 20.29 -24.46
C GLY C 673 6.59 20.59 -24.64
N VAL C 674 7.18 21.40 -23.76
CA VAL C 674 8.57 21.79 -23.85
C VAL C 674 9.40 20.96 -22.88
N SER C 675 10.63 21.38 -22.64
CA SER C 675 11.50 20.79 -21.64
C SER C 675 11.93 21.86 -20.64
N GLU C 676 12.41 21.41 -19.48
CA GLU C 676 12.84 22.35 -18.45
C GLU C 676 13.94 23.29 -18.95
N GLY C 677 14.81 22.79 -19.83
CA GLY C 677 15.91 23.61 -20.31
C GLY C 677 16.01 23.64 -21.82
N GLN C 678 14.90 23.95 -22.48
CA GLN C 678 14.85 23.98 -23.94
C GLN C 678 14.50 25.37 -24.47
N PHE C 679 14.58 26.40 -23.62
CA PHE C 679 14.16 27.73 -24.05
C PHE C 679 15.16 28.38 -24.98
N ARG C 680 16.45 28.23 -24.71
CA ARG C 680 17.47 28.88 -25.54
C ARG C 680 17.44 28.40 -26.99
N GLN C 681 16.89 27.21 -27.26
CA GLN C 681 16.82 26.70 -28.61
C GLN C 681 15.41 26.64 -29.17
N VAL C 682 14.37 26.80 -28.36
CA VAL C 682 12.99 26.81 -28.85
C VAL C 682 12.44 28.22 -28.96
N LEU C 683 12.68 29.07 -27.95
CA LEU C 683 12.12 30.42 -28.01
C LEU C 683 12.80 31.23 -29.10
N TYR C 684 14.14 31.20 -29.14
CA TYR C 684 14.87 32.02 -30.10
C TYR C 684 14.45 31.73 -31.53
N TYR C 685 13.96 30.52 -31.78
CA TYR C 685 13.48 30.11 -33.09
C TYR C 685 11.99 30.39 -33.26
N GLU C 686 11.16 29.96 -32.31
CA GLU C 686 9.72 30.09 -32.50
C GLU C 686 9.25 31.54 -32.41
N LEU C 687 9.92 32.36 -31.58
CA LEU C 687 9.59 33.78 -31.55
C LEU C 687 9.95 34.45 -32.88
N LEU C 688 10.96 33.94 -33.58
CA LEU C 688 11.24 34.42 -34.92
C LEU C 688 10.23 33.88 -35.92
N ALA C 689 9.75 32.65 -35.72
CA ALA C 689 8.84 32.00 -36.65
C ALA C 689 7.45 32.61 -36.64
N ILE C 690 7.10 33.36 -35.60
CA ILE C 690 5.83 34.10 -35.63
C ILE C 690 6.01 35.44 -36.33
N ARG C 691 7.04 36.19 -35.95
CA ARG C 691 7.24 37.54 -36.50
C ARG C 691 7.47 37.49 -38.00
N GLU C 692 8.28 36.53 -38.46
CA GLU C 692 8.55 36.45 -39.89
C GLU C 692 7.26 36.21 -40.66
N ALA C 693 6.35 35.40 -40.10
CA ALA C 693 5.05 35.25 -40.73
C ALA C 693 4.23 36.52 -40.66
N CYS C 694 4.47 37.35 -39.64
CA CYS C 694 3.72 38.60 -39.51
C CYS C 694 4.23 39.65 -40.49
N ILE C 695 5.53 39.69 -40.72
CA ILE C 695 6.06 40.58 -41.75
C ILE C 695 5.90 39.99 -43.14
N SER C 696 5.43 38.73 -43.24
CA SER C 696 5.26 38.09 -44.54
C SER C 696 3.94 38.47 -45.21
N LEU C 697 2.88 38.66 -44.44
CA LEU C 697 1.65 39.14 -45.09
C LEU C 697 1.77 40.61 -45.49
N GLU C 698 2.59 41.39 -44.78
CA GLU C 698 2.75 42.79 -45.13
C GLU C 698 4.00 43.35 -44.46
N LYS C 699 4.50 44.45 -45.01
CA LYS C 699 5.66 45.12 -44.48
C LYS C 699 5.22 46.09 -43.37
N ASP C 700 6.14 46.94 -42.93
CA ASP C 700 5.88 47.99 -41.95
C ASP C 700 5.30 47.43 -40.65
N GLN C 702 4.24 43.47 -37.83
CA GLN C 702 4.76 42.89 -36.59
C GLN C 702 3.90 43.31 -35.39
N PRO C 703 2.72 42.71 -35.27
CA PRO C 703 1.87 43.01 -34.13
C PRO C 703 2.56 42.58 -32.83
N GLY C 704 2.13 43.19 -31.72
CA GLY C 704 2.68 42.81 -30.44
C GLY C 704 2.48 41.34 -30.12
N ILE C 705 3.58 40.62 -29.94
CA ILE C 705 3.54 39.17 -29.75
C ILE C 705 3.89 38.84 -28.32
N THR C 706 2.99 38.14 -27.63
CA THR C 706 3.21 37.70 -26.27
C THR C 706 3.41 36.19 -26.26
N TYR C 707 4.60 35.74 -25.85
CA TYR C 707 5.01 34.34 -25.90
C TYR C 707 5.00 33.77 -24.49
N ILE C 708 4.16 32.78 -24.24
CA ILE C 708 4.00 32.17 -22.92
C ILE C 708 4.12 30.66 -23.05
N VAL C 709 4.80 30.02 -22.09
CA VAL C 709 5.01 28.59 -22.07
C VAL C 709 4.33 28.01 -20.83
N VAL C 710 3.59 26.91 -21.01
CA VAL C 710 2.88 26.24 -19.94
C VAL C 710 3.71 25.05 -19.47
N GLN C 711 3.79 24.85 -18.15
CA GLN C 711 4.37 23.65 -17.56
C GLN C 711 3.32 23.02 -16.66
N LYS C 712 2.74 21.92 -17.10
CA LYS C 712 1.97 21.05 -16.21
C LYS C 712 2.83 19.92 -15.65
N ARG C 713 4.15 20.10 -15.60
CA ARG C 713 5.08 19.01 -15.32
C ARG C 713 6.25 19.53 -14.47
N HIS C 714 5.96 19.85 -13.22
CA HIS C 714 6.98 20.19 -12.24
C HIS C 714 6.72 19.32 -11.02
N HIS C 715 7.25 19.73 -9.88
CA HIS C 715 6.94 19.07 -8.62
C HIS C 715 6.63 20.09 -7.54
N THR C 716 6.19 21.28 -7.97
CA THR C 716 5.78 22.33 -7.06
C THR C 716 4.28 22.18 -6.78
N ARG C 717 3.93 21.97 -5.51
CA ARG C 717 2.53 21.87 -5.08
C ARG C 717 2.19 23.02 -4.13
N LEU C 718 0.89 23.31 -4.03
CA LEU C 718 0.36 24.30 -3.11
C LEU C 718 -0.80 23.69 -2.34
N PHE C 719 -0.70 23.74 -1.00
CA PHE C 719 -1.73 23.22 -0.13
C PHE C 719 -2.29 24.36 0.70
N CYS C 720 -3.59 24.27 1.03
CA CYS C 720 -4.19 25.26 1.91
C CYS C 720 -3.51 25.26 3.26
N ALA C 721 -3.07 26.43 3.71
CA ALA C 721 -2.53 26.59 5.06
C ALA C 721 -3.60 27.02 6.05
N ASP C 722 -4.87 26.77 5.73
CA ASP C 722 -5.98 27.03 6.62
C ASP C 722 -6.98 25.90 6.45
N ARG C 723 -7.45 25.34 7.55
CA ARG C 723 -8.25 24.12 7.45
C ARG C 723 -9.61 24.39 6.82
N THR C 724 -10.16 25.58 7.03
CA THR C 724 -11.53 25.86 6.59
C THR C 724 -11.62 26.07 5.09
N GLU C 725 -10.57 26.60 4.47
CA GLU C 725 -10.62 26.95 3.05
C GLU C 725 -10.48 25.74 2.13
N ARG C 726 -9.97 24.62 2.62
CA ARG C 726 -9.78 23.43 1.79
C ARG C 726 -11.08 23.00 1.12
N VAL C 727 -11.18 23.20 -0.19
CA VAL C 727 -12.42 22.99 -0.92
C VAL C 727 -12.48 21.55 -1.40
N GLY C 728 -13.50 20.83 -0.95
CA GLY C 728 -13.78 19.50 -1.46
C GLY C 728 -13.26 18.39 -0.56
N ARG C 729 -13.38 17.18 -1.07
CA ARG C 729 -12.93 15.98 -0.37
C ARG C 729 -11.45 15.68 -0.61
N SER C 730 -10.81 16.37 -1.55
CA SER C 730 -9.37 16.29 -1.72
C SER C 730 -8.63 17.30 -0.85
N GLY C 731 -9.35 18.08 -0.04
CA GLY C 731 -8.71 19.13 0.74
C GLY C 731 -7.90 20.08 -0.09
N ASN C 732 -8.32 20.34 -1.31
CA ASN C 732 -7.51 21.09 -2.27
C ASN C 732 -7.81 22.58 -2.20
N ILE C 733 -6.89 23.33 -2.78
CA ILE C 733 -7.01 24.79 -2.90
C ILE C 733 -8.16 25.10 -3.84
N PRO C 734 -8.83 26.24 -3.69
CA PRO C 734 -9.90 26.60 -4.63
C PRO C 734 -9.35 26.87 -6.03
N ALA C 735 -10.26 26.83 -7.00
CA ALA C 735 -9.87 27.06 -8.38
C ALA C 735 -9.48 28.51 -8.59
N GLY C 736 -8.34 28.72 -9.24
CA GLY C 736 -7.91 30.05 -9.58
C GLY C 736 -6.94 30.70 -8.61
N THR C 737 -6.32 29.94 -7.72
CA THR C 737 -5.31 30.52 -6.85
C THR C 737 -4.02 30.77 -7.62
N THR C 738 -3.35 31.87 -7.29
CA THR C 738 -2.15 32.30 -8.00
C THR C 738 -1.06 32.66 -7.01
N VAL C 739 0.16 32.29 -7.35
CA VAL C 739 1.34 32.62 -6.56
C VAL C 739 2.40 33.09 -7.55
N ASP C 740 2.47 34.40 -7.77
CA ASP C 740 3.53 34.98 -8.61
C ASP C 740 4.71 35.49 -7.80
N THR C 741 4.80 35.10 -6.53
CA THR C 741 5.87 35.55 -5.65
C THR C 741 6.59 34.36 -5.07
N ASP C 742 7.70 34.65 -4.39
CA ASP C 742 8.40 33.68 -3.56
C ASP C 742 8.97 32.51 -4.36
N ILE C 743 8.12 31.57 -4.74
CA ILE C 743 8.58 30.37 -5.46
C ILE C 743 8.88 30.63 -6.93
N THR C 744 8.53 31.80 -7.43
CA THR C 744 8.78 32.12 -8.83
C THR C 744 10.25 32.38 -9.07
N HIS C 745 10.63 32.33 -10.34
CA HIS C 745 12.00 32.66 -10.70
C HIS C 745 12.26 34.12 -10.34
N PRO C 746 13.44 34.44 -9.81
CA PRO C 746 13.66 35.79 -9.28
C PRO C 746 13.58 36.84 -10.37
N TYR C 747 14.55 36.81 -11.27
CA TYR C 747 14.57 37.73 -12.40
C TYR C 747 13.44 37.40 -13.37
N GLU C 748 13.31 36.14 -13.76
CA GLU C 748 12.44 35.75 -14.84
C GLU C 748 10.97 35.81 -14.41
N PHE C 749 10.10 35.91 -15.42
CA PHE C 749 8.66 36.13 -15.22
C PHE C 749 7.93 34.80 -15.38
N ASP C 750 7.65 34.15 -14.26
CA ASP C 750 6.83 32.95 -14.26
C ASP C 750 5.89 32.98 -13.07
N PHE C 751 4.92 32.08 -13.07
CA PHE C 751 3.96 32.01 -11.98
C PHE C 751 3.20 30.69 -12.04
N TYR C 752 2.64 30.30 -10.89
CA TYR C 752 1.78 29.13 -10.76
C TYR C 752 0.33 29.54 -10.58
N LEU C 753 -0.57 28.79 -11.20
CA LEU C 753 -2.02 29.02 -11.08
C LEU C 753 -2.73 27.67 -11.06
N CYS C 754 -3.38 27.37 -9.94
CA CYS C 754 -4.25 26.20 -9.85
C CYS C 754 -5.59 26.61 -10.45
N SER C 755 -5.74 26.35 -11.75
CA SER C 755 -6.86 26.90 -12.49
C SER C 755 -8.14 26.11 -12.33
N HIS C 756 -8.05 24.83 -11.99
CA HIS C 756 -9.20 23.95 -11.87
C HIS C 756 -9.49 23.66 -10.40
N ALA C 757 -10.55 22.90 -10.16
CA ALA C 757 -10.86 22.36 -8.85
C ALA C 757 -10.47 20.89 -8.83
N GLY C 758 -9.51 20.54 -7.97
CA GLY C 758 -9.07 19.16 -7.90
C GLY C 758 -10.11 18.29 -7.23
N ILE C 759 -10.66 17.34 -7.97
CA ILE C 759 -11.73 16.48 -7.47
C ILE C 759 -11.21 15.12 -7.04
N GLN C 760 -10.27 14.53 -7.78
CA GLN C 760 -9.57 13.33 -7.35
C GLN C 760 -8.11 13.67 -7.12
N GLY C 761 -7.49 12.98 -6.17
CA GLY C 761 -6.07 13.17 -5.93
C GLY C 761 -5.79 14.56 -5.39
N THR C 762 -4.79 15.23 -5.97
CA THR C 762 -4.37 16.54 -5.51
C THR C 762 -4.00 17.39 -6.71
N SER C 763 -4.46 18.65 -6.70
CA SER C 763 -4.41 19.49 -7.88
C SER C 763 -2.98 19.79 -8.32
N ARG C 764 -2.78 19.87 -9.63
CA ARG C 764 -1.53 20.36 -10.19
C ARG C 764 -1.69 21.78 -10.68
N PRO C 765 -1.03 22.77 -10.07
CA PRO C 765 -1.11 24.14 -10.59
C PRO C 765 -0.18 24.34 -11.79
N SER C 766 -0.71 24.96 -12.85
CA SER C 766 0.04 25.15 -14.08
C SER C 766 1.10 26.23 -13.94
N HIS C 767 2.29 25.95 -14.45
CA HIS C 767 3.46 26.82 -14.31
C HIS C 767 3.65 27.58 -15.62
N TYR C 768 3.22 28.84 -15.64
CA TYR C 768 3.30 29.65 -16.84
C TYR C 768 4.59 30.47 -16.83
N HIS C 769 5.46 30.22 -17.81
CA HIS C 769 6.75 30.89 -17.92
C HIS C 769 6.70 31.82 -19.13
N VAL C 770 6.54 33.12 -18.87
CA VAL C 770 6.32 34.09 -19.94
C VAL C 770 7.67 34.53 -20.48
N LEU C 771 7.93 34.25 -21.76
CA LEU C 771 9.24 34.46 -22.35
C LEU C 771 9.30 35.57 -23.40
N TRP C 772 8.18 36.27 -23.63
CA TRP C 772 8.17 37.46 -24.47
C TRP C 772 6.84 38.19 -24.49
N ASP C 773 6.90 39.52 -24.68
CA ASP C 773 5.69 40.35 -24.67
C ASP C 773 6.02 41.70 -25.32
N ASP C 774 5.65 41.86 -26.60
CA ASP C 774 5.66 43.17 -27.23
C ASP C 774 4.43 44.01 -26.88
N ASN C 775 3.47 43.44 -26.15
CA ASN C 775 2.27 44.16 -25.75
C ASN C 775 2.39 44.81 -24.38
N CYS C 776 3.57 44.74 -23.76
CA CYS C 776 3.87 45.42 -22.51
C CYS C 776 2.77 45.17 -21.47
N PHE C 777 2.41 43.91 -21.31
CA PHE C 777 1.25 43.54 -20.51
C PHE C 777 1.56 43.64 -19.02
N THR C 778 0.66 44.28 -18.28
CA THR C 778 0.85 44.43 -16.85
C THR C 778 0.69 43.08 -16.15
N ALA C 779 1.40 42.93 -15.03
CA ALA C 779 1.55 41.62 -14.40
C ALA C 779 0.20 40.99 -14.08
N ASP C 780 -0.77 41.80 -13.64
CA ASP C 780 -2.11 41.27 -13.38
C ASP C 780 -2.86 41.01 -14.67
N GLU C 781 -2.68 41.88 -15.67
CA GLU C 781 -3.40 41.75 -16.94
C GLU C 781 -3.22 40.37 -17.55
N LEU C 782 -2.07 39.73 -17.32
CA LEU C 782 -1.79 38.43 -17.89
C LEU C 782 -2.37 37.31 -17.04
N GLN C 783 -2.28 37.44 -15.71
CA GLN C 783 -2.78 36.41 -14.81
C GLN C 783 -4.27 36.17 -15.01
N LEU C 784 -5.07 37.22 -14.87
CA LEU C 784 -6.52 37.06 -14.95
C LEU C 784 -6.95 36.45 -16.28
N LEU C 785 -6.35 36.92 -17.38
CA LEU C 785 -6.67 36.37 -18.70
C LEU C 785 -6.45 34.86 -18.73
N THR C 786 -5.33 34.40 -18.18
CA THR C 786 -5.05 32.96 -18.15
C THR C 786 -6.12 32.19 -17.37
N TYR C 787 -6.66 32.80 -16.31
CA TYR C 787 -7.77 32.16 -15.61
C TYR C 787 -9.02 32.13 -16.48
N GLN C 788 -9.38 33.27 -17.09
CA GLN C 788 -10.61 33.35 -17.87
C GLN C 788 -10.63 32.34 -19.02
N LEU C 789 -9.47 32.01 -19.57
CA LEU C 789 -9.43 31.06 -20.67
C LEU C 789 -9.83 29.67 -20.23
N CYS C 790 -9.41 29.26 -19.03
CA CYS C 790 -9.72 27.92 -18.55
C CYS C 790 -11.21 27.70 -18.39
N HIS C 791 -12.00 28.77 -18.38
CA HIS C 791 -13.44 28.66 -18.28
C HIS C 791 -14.10 28.53 -19.65
N THR C 792 -13.30 28.49 -20.72
CA THR C 792 -13.80 28.48 -22.10
C THR C 792 -13.75 27.08 -22.71
N TYR C 793 -13.84 26.04 -21.89
CA TYR C 793 -13.81 24.67 -22.39
C TYR C 793 -15.22 24.19 -22.66
N VAL C 794 -15.37 23.39 -23.71
CA VAL C 794 -16.69 23.08 -24.24
C VAL C 794 -17.14 21.67 -23.87
N ARG C 795 -16.19 20.74 -23.77
CA ARG C 795 -16.54 19.37 -23.44
C ARG C 795 -16.99 19.21 -21.99
N CYS C 796 -16.88 20.27 -21.19
CA CYS C 796 -17.27 20.22 -19.80
C CYS C 796 -17.63 21.63 -19.35
N THR C 797 -18.56 21.71 -18.40
CA THR C 797 -18.96 23.00 -17.83
C THR C 797 -18.14 23.32 -16.59
N ARG C 798 -16.82 23.41 -16.79
CA ARG C 798 -15.89 23.53 -15.68
C ARG C 798 -14.73 24.44 -16.08
N SER C 799 -13.88 24.75 -15.09
CA SER C 799 -12.62 25.44 -15.30
C SER C 799 -11.53 24.38 -15.44
N VAL C 800 -10.81 24.39 -16.55
CA VAL C 800 -9.85 23.33 -16.85
C VAL C 800 -8.47 23.72 -16.32
N SER C 801 -7.55 22.76 -16.29
CA SER C 801 -6.25 22.99 -15.68
C SER C 801 -5.42 23.99 -16.48
N ILE C 802 -5.45 23.87 -17.80
CA ILE C 802 -4.70 24.76 -18.69
C ILE C 802 -5.68 25.54 -19.57
N PRO C 803 -5.32 26.73 -20.05
CA PRO C 803 -6.24 27.49 -20.90
C PRO C 803 -6.64 26.71 -22.15
N ALA C 804 -7.86 27.00 -22.63
CA ALA C 804 -8.50 26.22 -23.70
C ALA C 804 -7.63 26.01 -24.94
N PRO C 805 -6.90 27.01 -25.48
CA PRO C 805 -6.09 26.73 -26.68
C PRO C 805 -5.04 25.65 -26.44
N ALA C 806 -4.35 25.70 -25.32
CA ALA C 806 -3.42 24.61 -24.99
C ALA C 806 -4.17 23.32 -24.74
N TYR C 807 -5.44 23.40 -24.34
CA TYR C 807 -6.24 22.20 -24.13
C TYR C 807 -6.79 21.66 -25.44
N TYR C 808 -6.81 22.47 -26.50
CA TYR C 808 -7.27 22.04 -27.81
C TYR C 808 -6.13 21.46 -28.65
N ALA C 809 -4.99 22.16 -28.70
CA ALA C 809 -3.80 21.60 -29.36
C ALA C 809 -3.40 20.27 -28.74
N HIS C 810 -3.96 19.93 -27.58
CA HIS C 810 -3.78 18.61 -26.98
C HIS C 810 -4.57 17.57 -27.76
N LEU C 811 -5.83 17.89 -28.08
CA LEU C 811 -6.71 16.94 -28.77
C LEU C 811 -6.38 16.81 -30.25
N VAL C 812 -6.00 17.91 -30.89
CA VAL C 812 -5.66 17.88 -32.31
C VAL C 812 -4.56 16.88 -32.57
N ALA C 813 -3.47 16.97 -31.81
CA ALA C 813 -2.39 16.00 -31.94
C ALA C 813 -2.79 14.61 -31.44
N PHE C 814 -3.78 14.54 -30.56
CA PHE C 814 -4.33 13.25 -30.15
C PHE C 814 -5.23 12.65 -31.23
N ARG C 815 -5.87 13.50 -32.03
CA ARG C 815 -6.76 13.06 -33.09
C ARG C 815 -6.16 13.22 -34.47
N ALA C 816 -4.85 13.46 -34.56
CA ALA C 816 -4.11 13.26 -35.80
C ALA C 816 -3.45 11.90 -35.86
N ARG C 817 -3.32 11.23 -34.72
CA ARG C 817 -2.84 9.85 -34.69
C ARG C 817 -3.93 8.85 -35.01
N TYR C 818 -5.21 9.22 -34.79
CA TYR C 818 -6.30 8.48 -35.42
C TYR C 818 -6.35 8.75 -36.91
N HIS C 819 -6.07 9.98 -37.30
CA HIS C 819 -5.79 10.30 -38.69
C HIS C 819 -4.51 9.65 -39.18
N LEU C 820 -3.70 9.12 -38.27
CA LEU C 820 -2.52 8.31 -38.59
C LEU C 820 -1.49 9.06 -39.43
N ASP C 841 6.31 8.31 -48.25
CA ASP C 841 5.94 8.28 -46.84
C ASP C 841 5.99 9.66 -46.16
N PRO C 842 7.08 10.42 -46.32
CA PRO C 842 7.11 11.75 -45.68
C PRO C 842 6.03 12.68 -46.22
N GLN C 843 5.79 12.66 -47.52
CA GLN C 843 4.72 13.45 -48.12
C GLN C 843 3.36 12.76 -48.04
N ALA C 844 3.32 11.48 -47.67
CA ALA C 844 2.04 10.80 -47.51
C ALA C 844 1.31 11.27 -46.25
N LEU C 845 2.07 11.53 -45.18
CA LEU C 845 1.46 12.01 -43.95
C LEU C 845 0.88 13.41 -44.07
N ALA C 846 1.28 14.17 -45.10
CA ALA C 846 0.80 15.53 -45.24
C ALA C 846 -0.70 15.59 -45.46
N LYS C 847 -1.24 14.67 -46.25
CA LYS C 847 -2.69 14.51 -46.35
C LYS C 847 -3.24 13.52 -45.33
N ALA C 848 -2.41 12.60 -44.84
CA ALA C 848 -2.87 11.64 -43.86
C ALA C 848 -3.44 12.32 -42.62
N VAL C 849 -2.89 13.46 -42.25
CA VAL C 849 -3.37 14.19 -41.07
C VAL C 849 -4.37 15.27 -41.45
N GLN C 850 -4.14 16.01 -42.53
CA GLN C 850 -4.91 17.23 -42.76
C GLN C 850 -6.35 16.91 -43.12
N ILE C 851 -7.25 17.71 -42.57
CA ILE C 851 -8.68 17.43 -42.55
C ILE C 851 -9.32 17.92 -43.85
N HIS C 852 -10.41 17.27 -44.24
CA HIS C 852 -11.15 17.66 -45.43
C HIS C 852 -11.67 19.09 -45.29
N GLN C 853 -11.83 19.76 -46.43
CA GLN C 853 -12.06 21.20 -46.43
C GLN C 853 -13.30 21.58 -45.63
N ASP C 854 -14.37 20.80 -45.76
CA ASP C 854 -15.56 21.05 -44.97
C ASP C 854 -15.33 20.88 -43.47
N THR C 855 -14.19 20.31 -43.06
CA THR C 855 -13.88 20.14 -41.65
C THR C 855 -12.49 20.68 -41.30
N LEU C 856 -11.96 21.60 -42.09
CA LEU C 856 -10.78 22.36 -41.69
C LEU C 856 -11.12 23.67 -41.00
N ARG C 857 -12.25 24.28 -41.34
CA ARG C 857 -12.75 25.45 -40.65
C ARG C 857 -13.63 25.08 -39.44
N THR C 858 -13.61 23.84 -38.99
CA THR C 858 -14.58 23.37 -38.01
C THR C 858 -13.90 22.98 -36.71
N MET C 859 -14.72 22.82 -35.67
CA MET C 859 -14.29 22.26 -34.39
C MET C 859 -14.47 20.75 -34.45
N TYR C 860 -13.58 20.09 -35.20
CA TYR C 860 -13.66 18.65 -35.37
C TYR C 860 -13.12 17.89 -34.17
N PHE C 861 -12.07 18.41 -33.53
CA PHE C 861 -11.40 17.71 -32.45
C PHE C 861 -12.29 17.56 -31.22
N ALA C 862 -13.13 18.55 -30.96
CA ALA C 862 -13.82 18.70 -29.68
C ALA C 862 -14.81 17.57 -29.41
#